data_8VA1
#
_entry.id   8VA1
#
_cell.length_a   1.00
_cell.length_b   1.00
_cell.length_c   1.00
_cell.angle_alpha   90.00
_cell.angle_beta   90.00
_cell.angle_gamma   90.00
#
_symmetry.space_group_name_H-M   'P 1'
#
loop_
_entity.id
_entity.type
_entity.pdbx_description
1 polymer 'Teichoic acid ribitol-phosphate polymerase TarL'
2 non-polymer CDP-ribitol
#
_entity_poly.entity_id   1
_entity_poly.type   'polypeptide(L)'
_entity_poly.pdbx_seq_one_letter_code
;MVKSKIYIDKIYWERVQLFVEGHSENLDLEDSNFVLRNLTETRTMKANDVKIDGNQFVCRFNVAILDNGYYLPEDKYLLV
NEQELDYIAQLNPDVINDAYQNLKPEQEEEYNELETQNGKINFLLQTYLKEFRKGGISKKTVYTVTPEISSDVNEFVLDV
VVTTPEVKSIYIVRKYKELRKYFRKQSFNTRQFIFKAIFNTTKFFHLKKGNTVLFTSDSRPTMSGNFEYIYNEMLRQNLD
KKYDIHTVFKANITDRRGIIDKFRLPYLLGKADYIFVDDFHPLIYTVRFRRSQEVIQVWNAVGAFKTVGFSRTGKKGGPF
IDSLNHRSYTKAYVSSETDIPFYAEAFGIKEKNVVPTGVPRTDVLFDEAYATQIKQEMEDELPIIKGKKVILFAPTFRGS
GHGTAHYPFFKIDFERLARYCEKNNAVVLFKMHPFVKNRLNIADKHKQYFVDVSDFREVNDILFITDLLISDYSSLIYEY
AVFKKPMIFYAFDLEDYITTRDFYEPYESFVPGKIVQSFDALMDALDNEDYEGEKVIPFLDKHFKYQDGRSSERLVRNLF
GSKLVPRGSAAAALEHHHHHHHH
;
_entity_poly.pdbx_strand_id   A,B,C,D
#
# COMPACT_ATOMS: atom_id res chain seq x y z
N LYS A 3 -8.91 -25.24 -49.74
CA LYS A 3 -8.88 -24.50 -48.48
C LYS A 3 -9.05 -25.46 -47.32
N SER A 4 -7.95 -25.76 -46.62
CA SER A 4 -7.93 -26.75 -45.54
C SER A 4 -7.32 -26.14 -44.29
N LYS A 5 -8.15 -25.54 -43.45
CA LYS A 5 -7.73 -25.03 -42.15
C LYS A 5 -8.41 -25.82 -41.03
N ILE A 6 -7.76 -25.84 -39.87
CA ILE A 6 -8.27 -26.54 -38.70
C ILE A 6 -8.59 -25.50 -37.63
N TYR A 7 -9.42 -25.91 -36.67
CA TYR A 7 -9.96 -24.99 -35.69
C TYR A 7 -9.83 -25.58 -34.29
N ILE A 8 -9.79 -24.70 -33.30
CA ILE A 8 -9.68 -25.06 -31.89
C ILE A 8 -11.00 -24.72 -31.22
N ASP A 9 -11.61 -25.71 -30.57
CA ASP A 9 -12.93 -25.52 -29.97
C ASP A 9 -12.89 -25.36 -28.46
N LYS A 10 -12.13 -26.18 -27.75
CA LYS A 10 -12.08 -26.09 -26.29
C LYS A 10 -10.64 -26.18 -25.81
N ILE A 11 -10.41 -25.59 -24.64
CA ILE A 11 -9.13 -25.66 -23.96
C ILE A 11 -9.41 -25.93 -22.49
N TYR A 12 -8.84 -27.01 -21.95
CA TYR A 12 -9.05 -27.32 -20.55
C TYR A 12 -7.94 -28.23 -20.05
N TRP A 13 -7.80 -28.26 -18.73
CA TRP A 13 -6.74 -28.98 -18.05
C TRP A 13 -7.33 -29.96 -17.05
N GLU A 14 -6.67 -31.10 -16.87
CA GLU A 14 -7.07 -32.00 -15.80
C GLU A 14 -6.24 -31.77 -14.55
N ARG A 15 -4.95 -32.07 -14.61
CA ARG A 15 -4.01 -31.66 -13.56
C ARG A 15 -2.91 -30.78 -14.12
N VAL A 16 -2.13 -31.29 -15.07
CA VAL A 16 -1.12 -30.54 -15.79
C VAL A 16 -1.26 -30.89 -17.26
N GLN A 17 -2.34 -31.57 -17.60
CA GLN A 17 -2.56 -32.12 -18.92
C GLN A 17 -3.54 -31.20 -19.66
N LEU A 18 -3.02 -30.48 -20.66
CA LEU A 18 -3.81 -29.52 -21.40
C LEU A 18 -4.44 -30.19 -22.61
N PHE A 19 -5.76 -30.07 -22.73
CA PHE A 19 -6.52 -30.69 -23.80
C PHE A 19 -6.97 -29.62 -24.78
N VAL A 20 -6.82 -29.91 -26.07
CA VAL A 20 -7.27 -29.02 -27.13
C VAL A 20 -8.17 -29.83 -28.05
N GLU A 21 -9.43 -29.40 -28.20
CA GLU A 21 -10.33 -30.06 -29.13
C GLU A 21 -10.67 -29.13 -30.29
N GLY A 22 -11.39 -29.69 -31.26
CA GLY A 22 -11.79 -28.91 -32.42
C GLY A 22 -12.24 -29.81 -33.54
N HIS A 23 -12.07 -29.31 -34.77
CA HIS A 23 -12.48 -30.05 -35.95
C HIS A 23 -11.64 -29.60 -37.14
N SER A 24 -11.64 -30.42 -38.18
CA SER A 24 -10.93 -30.12 -39.42
C SER A 24 -11.92 -30.07 -40.57
N GLU A 25 -11.57 -29.30 -41.59
CA GLU A 25 -12.40 -29.14 -42.77
C GLU A 25 -11.56 -29.30 -44.03
N ASN A 26 -12.09 -30.03 -45.01
CA ASN A 26 -11.43 -30.26 -46.29
C ASN A 26 -10.03 -30.84 -46.11
N LEU A 27 -9.89 -31.73 -45.13
CA LEU A 27 -8.65 -32.45 -44.92
C LEU A 27 -8.92 -33.67 -44.07
N ASP A 28 -8.04 -34.66 -44.16
CA ASP A 28 -8.18 -35.91 -43.43
C ASP A 28 -7.14 -35.99 -42.33
N LEU A 29 -7.61 -36.09 -41.08
CA LEU A 29 -6.74 -36.20 -39.92
C LEU A 29 -6.35 -37.63 -39.61
N GLU A 30 -6.48 -38.54 -40.57
CA GLU A 30 -6.18 -39.95 -40.32
C GLU A 30 -4.70 -40.14 -39.99
N ASP A 31 -3.82 -39.42 -40.67
CA ASP A 31 -2.40 -39.49 -40.41
C ASP A 31 -1.84 -38.17 -39.90
N SER A 32 -2.65 -37.40 -39.17
CA SER A 32 -2.21 -36.14 -38.63
C SER A 32 -1.23 -36.36 -37.48
N ASN A 33 -0.34 -35.39 -37.28
CA ASN A 33 0.62 -35.41 -36.18
C ASN A 33 0.62 -34.01 -35.55
N PHE A 34 -0.26 -33.81 -34.59
CA PHE A 34 -0.34 -32.51 -33.93
C PHE A 34 0.93 -32.28 -33.11
N VAL A 35 1.51 -31.09 -33.25
CA VAL A 35 2.71 -30.73 -32.53
C VAL A 35 2.57 -29.32 -31.97
N LEU A 36 3.42 -29.01 -31.00
CA LEU A 36 3.58 -27.65 -30.50
C LEU A 36 4.93 -27.13 -30.93
N ARG A 37 4.93 -25.97 -31.59
CA ARG A 37 6.11 -25.45 -32.25
C ARG A 37 6.28 -23.99 -31.89
N ASN A 38 7.49 -23.60 -31.51
CA ASN A 38 7.73 -22.20 -31.23
C ASN A 38 7.77 -21.41 -32.53
N LEU A 39 7.71 -20.09 -32.39
CA LEU A 39 7.74 -19.22 -33.56
C LEU A 39 9.07 -19.32 -34.30
N THR A 40 10.14 -19.68 -33.59
CA THR A 40 11.49 -19.63 -34.12
C THR A 40 11.91 -20.90 -34.83
N GLU A 41 11.02 -21.89 -34.97
CA GLU A 41 11.34 -23.15 -35.63
C GLU A 41 12.48 -23.88 -34.93
N THR A 42 12.42 -23.95 -33.61
CA THR A 42 13.49 -24.57 -32.83
C THR A 42 13.04 -25.74 -31.98
N ARG A 43 11.79 -25.74 -31.50
CA ARG A 43 11.31 -26.77 -30.58
C ARG A 43 9.98 -27.30 -31.09
N THR A 44 10.03 -28.39 -31.84
CA THR A 44 8.82 -29.10 -32.26
C THR A 44 8.67 -30.33 -31.38
N MET A 45 7.51 -30.45 -30.75
CA MET A 45 7.24 -31.55 -29.83
C MET A 45 5.83 -32.05 -30.07
N LYS A 46 5.71 -33.35 -30.30
CA LYS A 46 4.43 -33.94 -30.67
C LYS A 46 3.49 -33.98 -29.47
N ALA A 47 2.20 -34.01 -29.78
CA ALA A 47 1.21 -34.26 -28.75
C ALA A 47 1.40 -35.65 -28.19
N ASN A 48 1.15 -35.82 -26.90
CA ASN A 48 1.32 -37.13 -26.28
C ASN A 48 0.38 -38.14 -26.88
N ASP A 49 -0.86 -37.74 -27.13
CA ASP A 49 -1.83 -38.66 -27.72
C ASP A 49 -2.89 -37.81 -28.40
N VAL A 50 -3.42 -38.33 -29.51
CA VAL A 50 -4.48 -37.67 -30.24
C VAL A 50 -5.56 -38.68 -30.57
N LYS A 51 -6.81 -38.34 -30.27
CA LYS A 51 -7.97 -39.14 -30.64
C LYS A 51 -8.72 -38.42 -31.76
N ILE A 52 -9.00 -39.13 -32.84
CA ILE A 52 -9.69 -38.55 -33.98
C ILE A 52 -11.01 -39.27 -34.17
N ASP A 53 -12.01 -38.52 -34.63
CA ASP A 53 -13.34 -39.09 -34.89
C ASP A 53 -13.92 -38.35 -36.09
N GLY A 54 -13.79 -38.97 -37.27
CA GLY A 54 -14.19 -38.31 -38.49
C GLY A 54 -13.39 -37.05 -38.72
N ASN A 55 -14.04 -35.89 -38.60
CA ASN A 55 -13.34 -34.61 -38.62
C ASN A 55 -13.04 -34.06 -37.24
N GLN A 56 -13.54 -34.70 -36.18
CA GLN A 56 -13.22 -34.30 -34.83
C GLN A 56 -11.80 -34.70 -34.46
N PHE A 57 -11.17 -33.90 -33.61
CA PHE A 57 -9.85 -34.23 -33.09
C PHE A 57 -9.75 -33.73 -31.66
N VAL A 58 -8.94 -34.41 -30.85
CA VAL A 58 -8.62 -33.97 -29.51
C VAL A 58 -7.14 -34.20 -29.27
N CYS A 59 -6.49 -33.26 -28.61
CA CYS A 59 -5.05 -33.30 -28.38
C CYS A 59 -4.79 -33.33 -26.88
N ARG A 60 -4.02 -34.31 -26.43
CA ARG A 60 -3.75 -34.50 -25.01
C ARG A 60 -2.31 -34.09 -24.74
N PHE A 61 -2.12 -32.80 -24.47
CA PHE A 61 -0.78 -32.23 -24.30
C PHE A 61 -0.42 -32.25 -22.83
N ASN A 62 0.68 -32.91 -22.49
CA ASN A 62 1.14 -33.05 -21.11
C ASN A 62 2.35 -32.13 -20.94
N VAL A 63 2.16 -31.02 -20.23
CA VAL A 63 3.21 -30.02 -20.11
C VAL A 63 4.36 -30.44 -19.22
N ALA A 64 4.21 -31.53 -18.47
CA ALA A 64 5.27 -31.97 -17.58
C ALA A 64 6.27 -32.93 -18.24
N ILE A 65 5.92 -33.51 -19.39
CA ILE A 65 6.80 -34.47 -20.04
C ILE A 65 6.98 -34.15 -21.52
N LEU A 66 6.47 -32.99 -21.95
CA LEU A 66 6.40 -32.72 -23.39
C LEU A 66 7.78 -32.51 -23.98
N ASP A 67 8.61 -31.69 -23.34
CA ASP A 67 9.92 -31.32 -23.89
C ASP A 67 10.93 -32.43 -23.63
N ASN A 68 10.77 -33.52 -24.39
CA ASN A 68 11.62 -34.71 -24.26
C ASN A 68 11.62 -35.23 -22.84
N GLY A 69 10.44 -35.18 -22.19
CA GLY A 69 10.30 -35.62 -20.83
C GLY A 69 10.44 -34.55 -19.77
N TYR A 70 10.88 -33.35 -20.14
CA TYR A 70 10.93 -32.22 -19.24
C TYR A 70 9.82 -31.23 -19.60
N TYR A 71 9.65 -30.23 -18.73
CA TYR A 71 8.52 -29.32 -18.85
C TYR A 71 8.67 -28.42 -20.07
N LEU A 72 7.56 -27.80 -20.45
CA LEU A 72 7.56 -26.84 -21.56
C LEU A 72 8.28 -25.57 -21.16
N PRO A 73 9.39 -25.22 -21.80
CA PRO A 73 10.11 -24.01 -21.41
C PRO A 73 9.39 -22.76 -21.87
N GLU A 74 9.76 -21.64 -21.26
CA GLU A 74 9.12 -20.37 -21.56
C GLU A 74 9.36 -19.98 -23.02
N ASP A 75 8.28 -19.84 -23.77
CA ASP A 75 8.32 -19.56 -25.20
C ASP A 75 6.91 -19.26 -25.66
N LYS A 76 6.73 -19.14 -26.97
CA LYS A 76 5.41 -18.98 -27.58
C LYS A 76 5.24 -20.10 -28.58
N TYR A 77 4.24 -20.95 -28.37
CA TYR A 77 4.09 -22.19 -29.12
C TYR A 77 2.85 -22.15 -29.99
N LEU A 78 2.98 -22.71 -31.19
CA LEU A 78 1.90 -22.75 -32.17
C LEU A 78 1.46 -24.19 -32.37
N LEU A 79 0.16 -24.44 -32.26
CA LEU A 79 -0.38 -25.75 -32.58
C LEU A 79 -0.29 -25.96 -34.09
N VAL A 80 0.39 -27.03 -34.50
CA VAL A 80 0.68 -27.27 -35.90
C VAL A 80 0.36 -28.73 -36.22
N ASN A 81 -0.46 -28.94 -37.24
CA ASN A 81 -0.77 -30.28 -37.72
C ASN A 81 0.24 -30.64 -38.79
N GLU A 82 1.21 -31.47 -38.43
CA GLU A 82 2.19 -31.94 -39.40
C GLU A 82 1.55 -32.94 -40.35
N GLN A 83 1.77 -32.72 -41.64
CA GLN A 83 1.22 -33.54 -42.70
C GLN A 83 2.10 -33.28 -43.92
N GLU A 84 1.64 -33.62 -45.12
CA GLU A 84 2.38 -33.13 -46.28
C GLU A 84 2.43 -31.61 -46.29
N LEU A 85 1.31 -30.97 -45.94
CA LEU A 85 1.24 -29.52 -45.78
C LEU A 85 0.99 -29.19 -44.33
N ASP A 86 1.83 -28.32 -43.76
CA ASP A 86 1.66 -27.90 -42.37
C ASP A 86 0.45 -26.98 -42.25
N TYR A 87 -0.39 -27.23 -41.26
CA TYR A 87 -1.54 -26.40 -40.96
C TYR A 87 -1.37 -25.81 -39.58
N ILE A 88 -1.60 -24.50 -39.46
CA ILE A 88 -1.51 -23.79 -38.19
C ILE A 88 -2.92 -23.53 -37.71
N ALA A 89 -3.22 -23.96 -36.49
CA ALA A 89 -4.57 -23.85 -35.96
C ALA A 89 -4.86 -22.41 -35.55
N GLN A 90 -6.03 -21.92 -35.95
CA GLN A 90 -6.56 -20.64 -35.50
C GLN A 90 -7.90 -20.90 -34.80
N LEU A 91 -8.21 -20.08 -33.81
CA LEU A 91 -9.40 -20.31 -33.00
C LEU A 91 -10.65 -20.21 -33.84
N ASN A 92 -11.52 -21.19 -33.68
CA ASN A 92 -12.85 -21.15 -34.29
C ASN A 92 -13.61 -20.03 -33.57
N PRO A 93 -14.15 -19.05 -34.28
CA PRO A 93 -14.51 -17.77 -33.64
C PRO A 93 -15.43 -17.85 -32.43
N ASP A 94 -16.26 -18.90 -32.33
CA ASP A 94 -17.18 -18.99 -31.20
C ASP A 94 -16.45 -19.03 -29.87
N VAL A 95 -15.19 -19.49 -29.87
CA VAL A 95 -14.38 -19.48 -28.65
C VAL A 95 -14.27 -18.07 -28.11
N ILE A 96 -14.04 -17.10 -29.00
CA ILE A 96 -14.09 -15.71 -28.56
C ILE A 96 -15.52 -15.31 -28.22
N ASN A 97 -16.50 -15.86 -28.95
CA ASN A 97 -17.88 -15.44 -28.76
C ASN A 97 -18.44 -15.92 -27.43
N ASP A 98 -18.17 -17.18 -27.07
CA ASP A 98 -18.69 -17.67 -25.79
C ASP A 98 -18.01 -16.95 -24.63
N ALA A 99 -16.76 -16.55 -24.81
CA ALA A 99 -16.12 -15.68 -23.82
C ALA A 99 -16.80 -14.33 -23.76
N TYR A 100 -17.20 -13.78 -24.91
CA TYR A 100 -17.87 -12.49 -24.93
C TYR A 100 -19.20 -12.55 -24.20
N GLN A 101 -19.95 -13.64 -24.40
CA GLN A 101 -21.24 -13.77 -23.74
C GLN A 101 -21.08 -13.81 -22.23
N ASN A 102 -20.05 -14.49 -21.73
CA ASN A 102 -19.84 -14.66 -20.30
C ASN A 102 -18.76 -13.64 -19.92
N LEU A 103 -19.21 -12.47 -19.48
CA LEU A 103 -18.33 -11.44 -18.95
C LEU A 103 -18.87 -10.95 -17.61
N LYS A 104 -17.99 -10.84 -16.63
CA LYS A 104 -18.40 -10.34 -15.33
C LYS A 104 -18.33 -8.82 -15.34
N PRO A 105 -19.35 -8.12 -14.81
CA PRO A 105 -19.43 -6.66 -15.01
C PRO A 105 -18.23 -5.89 -14.49
N GLU A 106 -17.60 -6.35 -13.41
CA GLU A 106 -16.49 -5.60 -12.83
C GLU A 106 -15.30 -5.56 -13.79
N GLN A 107 -15.28 -6.46 -14.77
CA GLN A 107 -14.24 -6.49 -15.79
C GLN A 107 -14.59 -5.68 -17.02
N GLU A 108 -15.76 -5.04 -17.05
CA GLU A 108 -16.19 -4.31 -18.24
C GLU A 108 -15.27 -3.13 -18.53
N GLU A 109 -14.84 -2.42 -17.49
CA GLU A 109 -14.02 -1.23 -17.69
C GLU A 109 -12.70 -1.55 -18.38
N GLU A 110 -12.07 -2.66 -17.98
CA GLU A 110 -10.85 -3.08 -18.64
C GLU A 110 -11.09 -3.37 -20.12
N TYR A 111 -12.20 -4.03 -20.44
CA TYR A 111 -12.51 -4.32 -21.83
C TYR A 111 -12.72 -3.04 -22.62
N ASN A 112 -13.41 -2.05 -22.03
CA ASN A 112 -13.64 -0.80 -22.74
C ASN A 112 -12.32 -0.13 -23.12
N GLU A 113 -11.29 -0.28 -22.30
CA GLU A 113 -9.98 0.26 -22.65
C GLU A 113 -9.36 -0.60 -23.74
N LEU A 114 -9.60 -0.25 -24.99
CA LEU A 114 -9.18 -1.06 -26.12
C LEU A 114 -8.19 -0.29 -26.99
N GLU A 115 -7.39 -1.05 -27.73
CA GLU A 115 -6.47 -0.49 -28.72
C GLU A 115 -6.67 -1.10 -30.10
N THR A 116 -6.94 -2.40 -30.17
CA THR A 116 -7.09 -3.09 -31.45
C THR A 116 -7.83 -4.40 -31.20
N GLN A 117 -8.08 -5.14 -32.29
CA GLN A 117 -8.76 -6.41 -32.17
C GLN A 117 -7.95 -7.42 -31.36
N ASN A 118 -6.62 -7.39 -31.52
CA ASN A 118 -5.78 -8.34 -30.81
C ASN A 118 -5.79 -8.07 -29.31
N GLY A 119 -5.89 -6.81 -28.91
CA GLY A 119 -5.99 -6.50 -27.49
C GLY A 119 -7.25 -7.05 -26.86
N LYS A 120 -8.40 -6.85 -27.51
CA LYS A 120 -9.64 -7.43 -27.03
C LYS A 120 -9.59 -8.96 -27.07
N ILE A 121 -8.82 -9.53 -28.00
CA ILE A 121 -8.71 -10.97 -28.07
C ILE A 121 -7.91 -11.49 -26.89
N ASN A 122 -6.80 -10.82 -26.57
CA ASN A 122 -5.96 -11.27 -25.47
C ASN A 122 -6.66 -11.07 -24.13
N PHE A 123 -7.40 -9.98 -23.98
CA PHE A 123 -8.11 -9.77 -22.72
C PHE A 123 -9.20 -10.81 -22.52
N LEU A 124 -9.89 -11.21 -23.59
CA LEU A 124 -10.96 -12.18 -23.45
C LEU A 124 -10.44 -13.56 -23.15
N LEU A 125 -9.21 -13.88 -23.56
CA LEU A 125 -8.65 -15.21 -23.37
C LEU A 125 -7.92 -15.35 -22.05
N GLN A 126 -7.95 -14.33 -21.18
CA GLN A 126 -7.43 -14.50 -19.83
C GLN A 126 -8.25 -15.49 -19.03
N THR A 127 -9.50 -15.74 -19.42
CA THR A 127 -10.34 -16.70 -18.74
C THR A 127 -9.94 -18.14 -19.03
N TYR A 128 -8.99 -18.35 -19.94
CA TYR A 128 -8.43 -19.66 -20.19
C TYR A 128 -7.02 -19.80 -19.60
N LEU A 129 -6.68 -18.99 -18.61
CA LEU A 129 -5.34 -19.00 -18.04
C LEU A 129 -5.23 -20.09 -16.97
N LYS A 130 -4.17 -20.88 -17.06
CA LYS A 130 -3.90 -21.95 -16.11
C LYS A 130 -2.53 -21.68 -15.48
N GLU A 131 -2.54 -21.14 -14.27
CA GLU A 131 -1.33 -20.75 -13.56
C GLU A 131 -1.08 -21.76 -12.46
N PHE A 132 0.13 -22.32 -12.43
CA PHE A 132 0.55 -23.25 -11.39
C PHE A 132 1.47 -22.51 -10.44
N ARG A 133 1.07 -22.45 -9.17
CA ARG A 133 1.85 -21.79 -8.14
C ARG A 133 2.55 -22.83 -7.28
N LYS A 134 3.78 -22.51 -6.86
CA LYS A 134 4.52 -23.40 -5.97
C LYS A 134 3.77 -23.53 -4.66
N GLY A 135 3.33 -24.73 -4.34
CA GLY A 135 2.59 -24.96 -3.12
C GLY A 135 1.16 -24.47 -3.15
N GLY A 136 0.68 -24.01 -4.30
CA GLY A 136 -0.68 -23.54 -4.43
C GLY A 136 -0.92 -22.10 -4.01
N ILE A 137 0.05 -21.46 -3.37
CA ILE A 137 -0.12 -20.09 -2.91
C ILE A 137 1.02 -19.16 -3.30
N SER A 138 2.19 -19.66 -3.68
CA SER A 138 3.35 -18.78 -3.88
C SER A 138 3.16 -17.90 -5.10
N LYS A 139 3.53 -16.63 -4.96
CA LYS A 139 3.49 -15.67 -6.05
C LYS A 139 4.86 -15.41 -6.67
N LYS A 140 5.89 -16.14 -6.25
CA LYS A 140 7.24 -15.94 -6.77
C LYS A 140 7.69 -17.03 -7.73
N THR A 141 7.14 -18.24 -7.61
CA THR A 141 7.52 -19.37 -8.46
C THR A 141 6.25 -19.84 -9.17
N VAL A 142 6.03 -19.35 -10.38
CA VAL A 142 4.76 -19.54 -11.08
C VAL A 142 5.06 -20.07 -12.48
N TYR A 143 4.33 -21.11 -12.88
CA TYR A 143 4.38 -21.65 -14.23
C TYR A 143 3.00 -21.42 -14.85
N THR A 144 2.92 -20.49 -15.80
CA THR A 144 1.65 -20.04 -16.35
C THR A 144 1.57 -20.37 -17.83
N VAL A 145 0.45 -20.96 -18.24
CA VAL A 145 0.14 -21.19 -19.65
C VAL A 145 -1.17 -20.45 -19.93
N THR A 146 -1.14 -19.56 -20.91
CA THR A 146 -2.29 -18.71 -21.23
C THR A 146 -2.47 -18.64 -22.74
N PRO A 147 -3.45 -19.32 -23.30
CA PRO A 147 -3.67 -19.22 -24.76
C PRO A 147 -4.02 -17.79 -25.15
N GLU A 148 -3.46 -17.37 -26.28
CA GLU A 148 -3.59 -15.99 -26.71
C GLU A 148 -3.20 -15.91 -28.18
N ILE A 149 -3.45 -14.74 -28.77
CA ILE A 149 -3.06 -14.43 -30.14
C ILE A 149 -1.80 -13.58 -30.08
N SER A 150 -0.71 -14.13 -30.60
CA SER A 150 0.58 -13.44 -30.56
C SER A 150 0.51 -12.20 -31.45
N SER A 151 0.55 -11.03 -30.84
CA SER A 151 0.41 -9.78 -31.59
C SER A 151 1.54 -9.61 -32.58
N ASP A 152 2.76 -10.00 -32.20
CA ASP A 152 3.92 -9.87 -33.08
C ASP A 152 3.84 -10.76 -34.31
N VAL A 153 2.94 -11.74 -34.32
CA VAL A 153 2.79 -12.63 -35.47
C VAL A 153 1.36 -12.73 -35.98
N ASN A 154 0.36 -12.41 -35.16
CA ASN A 154 -1.05 -12.53 -35.52
C ASN A 154 -1.42 -13.99 -35.81
N GLU A 155 -1.22 -14.83 -34.79
CA GLU A 155 -1.58 -16.23 -34.87
C GLU A 155 -1.79 -16.73 -33.45
N PHE A 156 -2.51 -17.85 -33.33
CA PHE A 156 -2.82 -18.40 -32.02
C PHE A 156 -1.59 -19.07 -31.42
N VAL A 157 -1.32 -18.77 -30.15
CA VAL A 157 -0.17 -19.30 -29.43
C VAL A 157 -0.58 -19.71 -28.02
N LEU A 158 0.29 -20.48 -27.38
CA LEU A 158 0.13 -20.88 -25.98
C LEU A 158 1.30 -20.30 -25.20
N ASP A 159 1.11 -19.12 -24.63
CA ASP A 159 2.18 -18.42 -23.95
C ASP A 159 2.48 -19.14 -22.65
N VAL A 160 3.65 -19.78 -22.59
CA VAL A 160 4.14 -20.42 -21.37
C VAL A 160 5.22 -19.52 -20.78
N VAL A 161 4.99 -19.04 -19.57
CA VAL A 161 5.93 -18.15 -18.91
C VAL A 161 6.29 -18.75 -17.56
N VAL A 162 7.58 -18.91 -17.32
CA VAL A 162 8.09 -19.54 -16.10
C VAL A 162 8.76 -18.46 -15.27
N THR A 163 8.19 -18.18 -14.11
CA THR A 163 8.76 -17.23 -13.16
C THR A 163 9.42 -18.02 -12.05
N THR A 164 10.72 -17.81 -11.86
CA THR A 164 11.47 -18.49 -10.82
C THR A 164 12.30 -17.48 -10.04
N PRO A 165 12.51 -17.71 -8.75
CA PRO A 165 13.40 -16.82 -7.99
C PRO A 165 14.82 -16.87 -8.54
N GLU A 166 15.50 -15.73 -8.46
CA GLU A 166 16.86 -15.65 -8.95
C GLU A 166 17.79 -16.50 -8.09
N VAL A 167 18.63 -17.30 -8.72
CA VAL A 167 19.54 -18.18 -8.00
C VAL A 167 20.72 -17.36 -7.48
N LYS A 168 20.83 -17.25 -6.16
CA LYS A 168 21.91 -16.52 -5.52
C LYS A 168 23.06 -17.47 -5.24
N SER A 169 24.22 -17.19 -5.81
CA SER A 169 25.37 -18.09 -5.71
C SER A 169 26.04 -17.93 -4.35
N ILE A 170 27.18 -18.60 -4.16
CA ILE A 170 27.92 -18.48 -2.92
C ILE A 170 28.43 -17.05 -2.77
N TYR A 171 28.45 -16.57 -1.52
CA TYR A 171 28.77 -15.17 -1.26
C TYR A 171 30.13 -14.76 -1.80
N ILE A 172 31.06 -15.71 -1.94
CA ILE A 172 32.35 -15.40 -2.56
C ILE A 172 32.14 -14.95 -4.00
N VAL A 173 31.31 -15.69 -4.74
CA VAL A 173 30.98 -15.29 -6.11
C VAL A 173 30.20 -13.99 -6.11
N ARG A 174 29.40 -13.73 -5.08
CA ARG A 174 28.67 -12.46 -5.01
C ARG A 174 29.64 -11.29 -4.93
N LYS A 175 30.61 -11.34 -4.01
CA LYS A 175 31.62 -10.28 -3.99
C LYS A 175 32.43 -10.25 -5.27
N TYR A 176 32.70 -11.41 -5.88
CA TYR A 176 33.49 -11.42 -7.10
C TYR A 176 32.77 -10.68 -8.22
N LYS A 177 31.47 -10.92 -8.36
CA LYS A 177 30.70 -10.22 -9.39
C LYS A 177 30.55 -8.74 -9.07
N GLU A 178 30.42 -8.39 -7.79
CA GLU A 178 30.37 -6.98 -7.43
C GLU A 178 31.68 -6.29 -7.81
N LEU A 179 32.81 -6.93 -7.54
CA LEU A 179 34.10 -6.36 -7.89
C LEU A 179 34.25 -6.27 -9.41
N ARG A 180 33.75 -7.26 -10.14
CA ARG A 180 33.79 -7.20 -11.60
C ARG A 180 33.01 -6.00 -12.11
N LYS A 181 31.82 -5.78 -11.56
CA LYS A 181 31.01 -4.63 -11.98
C LYS A 181 31.72 -3.33 -11.66
N TYR A 182 32.34 -3.25 -10.48
CA TYR A 182 33.06 -2.05 -10.08
C TYR A 182 34.23 -1.77 -11.01
N PHE A 183 34.95 -2.83 -11.39
CA PHE A 183 36.05 -2.67 -12.33
C PHE A 183 35.56 -2.23 -13.70
N ARG A 184 34.46 -2.82 -14.17
CA ARG A 184 33.93 -2.49 -15.49
C ARG A 184 33.47 -1.04 -15.56
N LYS A 185 32.77 -0.58 -14.52
CA LYS A 185 32.29 0.80 -14.52
C LYS A 185 33.45 1.77 -14.55
N GLN A 186 34.50 1.50 -13.76
CA GLN A 186 35.66 2.38 -13.74
C GLN A 186 36.38 2.35 -15.08
N SER A 187 36.49 1.19 -15.72
CA SER A 187 37.13 1.12 -17.02
C SER A 187 36.34 1.90 -18.06
N PHE A 188 35.02 1.80 -18.04
CA PHE A 188 34.20 2.57 -18.96
C PHE A 188 34.37 4.06 -18.72
N ASN A 189 34.41 4.47 -17.45
CA ASN A 189 34.61 5.88 -17.14
C ASN A 189 35.98 6.36 -17.64
N THR A 190 37.01 5.55 -17.45
CA THR A 190 38.34 5.93 -17.92
C THR A 190 38.37 6.08 -19.43
N ARG A 191 37.73 5.14 -20.15
CA ARG A 191 37.73 5.21 -21.61
C ARG A 191 36.99 6.44 -22.11
N GLN A 192 35.82 6.73 -21.51
CA GLN A 192 35.10 7.94 -21.91
C GLN A 192 35.89 9.19 -21.58
N PHE A 193 36.55 9.21 -20.42
CA PHE A 193 37.33 10.38 -20.05
C PHE A 193 38.47 10.61 -21.03
N ILE A 194 39.19 9.56 -21.40
CA ILE A 194 40.32 9.77 -22.32
C ILE A 194 39.82 10.17 -23.70
N PHE A 195 38.69 9.59 -24.14
CA PHE A 195 38.13 9.99 -25.43
C PHE A 195 37.76 11.46 -25.43
N LYS A 196 36.99 11.89 -24.43
CA LYS A 196 36.59 13.29 -24.36
C LYS A 196 37.81 14.20 -24.21
N ALA A 197 38.81 13.75 -23.45
CA ALA A 197 39.99 14.56 -23.22
C ALA A 197 40.74 14.81 -24.51
N ILE A 198 40.96 13.77 -25.30
CA ILE A 198 41.74 13.97 -26.52
C ILE A 198 40.94 14.79 -27.54
N PHE A 199 39.63 14.52 -27.65
CA PHE A 199 38.82 15.31 -28.57
C PHE A 199 38.81 16.78 -28.18
N ASN A 200 38.64 17.06 -26.88
CA ASN A 200 38.59 18.44 -26.40
C ASN A 200 39.94 19.12 -26.56
N THR A 201 41.03 18.42 -26.30
CA THR A 201 42.35 19.00 -26.47
C THR A 201 42.60 19.37 -27.93
N THR A 202 42.21 18.48 -28.86
CA THR A 202 42.38 18.80 -30.27
C THR A 202 41.54 20.01 -30.66
N LYS A 203 40.29 20.06 -30.19
CA LYS A 203 39.43 21.20 -30.51
C LYS A 203 40.03 22.50 -29.98
N PHE A 204 40.48 22.48 -28.72
CA PHE A 204 41.09 23.67 -28.13
C PHE A 204 42.30 24.11 -28.95
N PHE A 205 43.21 23.18 -29.24
CA PHE A 205 44.45 23.57 -29.89
C PHE A 205 44.21 24.06 -31.31
N HIS A 206 43.20 23.55 -32.01
CA HIS A 206 43.01 23.99 -33.40
C HIS A 206 42.29 25.33 -33.47
N LEU A 207 41.01 25.35 -33.04
CA LEU A 207 40.18 26.56 -33.02
C LEU A 207 40.34 27.42 -34.26
N LYS A 208 40.42 26.80 -35.44
CA LYS A 208 40.58 27.51 -36.69
C LYS A 208 39.77 26.79 -37.76
N LYS A 209 39.92 27.24 -39.01
CA LYS A 209 39.22 26.66 -40.15
C LYS A 209 40.21 25.89 -40.99
N GLY A 210 40.07 24.56 -41.01
CA GLY A 210 40.93 23.69 -41.76
C GLY A 210 40.26 23.14 -43.00
N ASN A 211 40.87 22.10 -43.57
CA ASN A 211 40.37 21.48 -44.79
C ASN A 211 40.47 19.96 -44.70
N THR A 212 40.03 19.40 -43.58
CA THR A 212 40.08 17.96 -43.36
C THR A 212 38.68 17.39 -43.33
N VAL A 213 38.48 16.27 -44.04
CA VAL A 213 37.18 15.63 -44.20
C VAL A 213 37.24 14.26 -43.55
N LEU A 214 36.30 13.98 -42.66
CA LEU A 214 36.22 12.70 -41.98
C LEU A 214 34.99 11.94 -42.46
N PHE A 215 35.19 10.70 -42.89
CA PHE A 215 34.13 9.78 -43.28
C PHE A 215 34.05 8.69 -42.22
N THR A 216 33.12 8.83 -41.29
CA THR A 216 33.00 7.92 -40.16
C THR A 216 31.71 7.12 -40.25
N SER A 217 31.79 5.86 -39.82
CA SER A 217 30.60 5.02 -39.72
C SER A 217 30.87 3.95 -38.67
N ASP A 218 30.14 4.00 -37.57
CA ASP A 218 30.33 3.05 -36.49
C ASP A 218 29.78 1.67 -36.80
N SER A 219 29.05 1.52 -37.90
CA SER A 219 28.40 0.26 -38.23
C SER A 219 28.63 -0.09 -39.69
N ARG A 220 29.86 0.09 -40.17
CA ARG A 220 30.08 -0.23 -41.57
C ARG A 220 31.58 -0.34 -41.87
N PRO A 221 32.03 -1.44 -42.46
CA PRO A 221 33.46 -1.57 -42.77
C PRO A 221 33.79 -1.11 -44.18
N THR A 222 34.99 -0.54 -44.31
CA THR A 222 35.52 -0.07 -45.59
C THR A 222 34.61 0.95 -46.29
N MET A 223 35.01 1.38 -47.48
CA MET A 223 34.29 2.42 -48.21
C MET A 223 33.26 1.80 -49.13
N SER A 224 32.00 2.13 -48.89
CA SER A 224 30.91 1.71 -49.78
C SER A 224 29.69 2.55 -49.45
N GLY A 225 28.77 2.63 -50.40
CA GLY A 225 27.48 3.24 -50.13
C GLY A 225 27.46 4.75 -50.32
N ASN A 226 26.67 5.45 -49.49
CA ASN A 226 26.56 6.90 -49.59
C ASN A 226 27.94 7.55 -49.53
N PHE A 227 28.78 7.11 -48.60
CA PHE A 227 30.11 7.66 -48.50
C PHE A 227 30.90 7.40 -49.77
N GLU A 228 30.73 6.21 -50.35
CA GLU A 228 31.45 5.90 -51.58
C GLU A 228 31.05 6.84 -52.71
N TYR A 229 29.76 7.08 -52.87
CA TYR A 229 29.31 7.94 -53.96
C TYR A 229 29.75 9.38 -53.73
N ILE A 230 29.67 9.86 -52.49
CA ILE A 230 30.11 11.22 -52.19
C ILE A 230 31.61 11.36 -52.42
N TYR A 231 32.40 10.37 -52.00
CA TYR A 231 33.84 10.40 -52.20
C TYR A 231 34.18 10.39 -53.68
N ASN A 232 33.52 9.53 -54.46
CA ASN A 232 33.79 9.47 -55.88
C ASN A 232 33.44 10.78 -56.56
N GLU A 233 32.31 11.40 -56.17
CA GLU A 233 31.96 12.69 -56.74
C GLU A 233 32.96 13.77 -56.33
N MET A 234 33.44 13.69 -55.09
CA MET A 234 34.47 14.63 -54.65
C MET A 234 35.72 14.50 -55.50
N LEU A 235 36.13 13.28 -55.80
CA LEU A 235 37.31 13.09 -56.65
C LEU A 235 37.05 13.54 -58.08
N ARG A 236 35.83 13.36 -58.57
CA ARG A 236 35.53 13.75 -59.94
C ARG A 236 35.70 15.26 -60.13
N GLN A 237 35.34 16.05 -59.12
CA GLN A 237 35.49 17.49 -59.18
C GLN A 237 36.77 17.98 -58.53
N ASN A 238 37.79 17.12 -58.43
CA ASN A 238 39.14 17.52 -58.04
C ASN A 238 39.15 18.18 -56.66
N LEU A 239 38.44 17.58 -55.72
CA LEU A 239 38.48 18.01 -54.34
C LEU A 239 39.55 17.27 -53.55
N ASP A 240 40.35 16.44 -54.22
CA ASP A 240 41.45 15.75 -53.55
C ASP A 240 42.70 16.61 -53.42
N LYS A 241 42.81 17.69 -54.20
CA LYS A 241 43.93 18.61 -54.08
C LYS A 241 43.58 19.86 -53.30
N LYS A 242 42.34 20.01 -52.85
CA LYS A 242 41.93 21.12 -52.02
C LYS A 242 41.65 20.72 -50.58
N TYR A 243 41.11 19.53 -50.36
CA TYR A 243 40.85 19.00 -49.04
C TYR A 243 41.64 17.71 -48.85
N ASP A 244 41.75 17.29 -47.60
CA ASP A 244 42.27 15.97 -47.26
C ASP A 244 41.14 15.15 -46.65
N ILE A 245 41.09 13.88 -47.02
CA ILE A 245 39.99 13.00 -46.66
C ILE A 245 40.50 11.91 -45.74
N HIS A 246 39.85 11.76 -44.59
CA HIS A 246 40.19 10.75 -43.60
C HIS A 246 39.00 9.83 -43.36
N THR A 247 39.29 8.59 -42.99
CA THR A 247 38.26 7.60 -42.72
C THR A 247 38.55 6.93 -41.39
N VAL A 248 37.52 6.74 -40.58
CA VAL A 248 37.60 5.97 -39.35
C VAL A 248 36.41 5.03 -39.32
N PHE A 249 36.66 3.73 -39.48
CA PHE A 249 35.61 2.75 -39.66
C PHE A 249 35.68 1.67 -38.58
N LYS A 250 34.52 1.07 -38.35
CA LYS A 250 34.37 -0.04 -37.40
C LYS A 250 33.34 -0.98 -37.98
N ALA A 251 33.53 -2.29 -37.76
CA ALA A 251 32.70 -3.28 -38.42
C ALA A 251 31.23 -3.11 -38.05
N ASN A 252 30.89 -3.37 -36.79
CA ASN A 252 29.54 -3.18 -36.28
C ASN A 252 29.61 -2.39 -34.98
N ILE A 253 28.44 -2.02 -34.47
CA ILE A 253 28.38 -1.18 -33.28
C ILE A 253 28.95 -1.91 -32.07
N THR A 254 28.55 -3.16 -31.87
CA THR A 254 28.88 -3.89 -30.66
C THR A 254 30.30 -4.44 -30.67
N ASP A 255 31.04 -4.29 -31.76
CA ASP A 255 32.41 -4.75 -31.83
C ASP A 255 33.31 -3.77 -31.08
N ARG A 256 34.62 -3.95 -31.20
CA ARG A 256 35.59 -3.09 -30.55
C ARG A 256 36.50 -2.46 -31.58
N ARG A 257 36.91 -1.22 -31.32
CA ARG A 257 37.78 -0.50 -32.24
C ARG A 257 39.20 -1.01 -32.13
N GLY A 258 39.97 -0.75 -33.19
CA GLY A 258 41.37 -1.12 -33.18
C GLY A 258 42.16 -0.27 -32.21
N ILE A 259 43.41 -0.70 -31.97
CA ILE A 259 44.26 0.03 -31.04
C ILE A 259 44.52 1.44 -31.54
N ILE A 260 44.84 1.56 -32.83
CA ILE A 260 45.13 2.89 -33.39
C ILE A 260 43.85 3.71 -33.51
N ASP A 261 42.75 3.09 -33.92
CA ASP A 261 41.54 3.85 -34.22
C ASP A 261 40.96 4.51 -32.98
N LYS A 262 41.19 3.94 -31.80
CA LYS A 262 40.71 4.54 -30.56
C LYS A 262 41.27 5.93 -30.35
N PHE A 263 42.40 6.26 -31.00
CA PHE A 263 42.96 7.60 -30.94
C PHE A 263 42.74 8.41 -32.21
N ARG A 264 42.70 7.76 -33.37
CA ARG A 264 42.42 8.49 -34.60
C ARG A 264 41.02 9.07 -34.61
N LEU A 265 40.04 8.30 -34.12
CA LEU A 265 38.65 8.77 -34.19
C LEU A 265 38.41 10.05 -33.40
N PRO A 266 38.72 10.14 -32.10
CA PRO A 266 38.39 11.38 -31.38
C PRO A 266 39.25 12.54 -31.80
N TYR A 267 40.51 12.30 -32.12
CA TYR A 267 41.38 13.39 -32.57
C TYR A 267 40.83 14.00 -33.86
N LEU A 268 40.38 13.15 -34.79
CA LEU A 268 39.82 13.66 -36.03
C LEU A 268 38.47 14.31 -35.79
N LEU A 269 37.67 13.78 -34.86
CA LEU A 269 36.43 14.44 -34.49
C LEU A 269 36.69 15.87 -34.03
N GLY A 270 37.75 16.06 -33.25
CA GLY A 270 38.14 17.41 -32.89
C GLY A 270 38.62 18.22 -34.08
N LYS A 271 39.39 17.61 -34.96
CA LYS A 271 40.03 18.37 -36.03
C LYS A 271 39.18 18.50 -37.29
N ALA A 272 38.31 17.53 -37.57
CA ALA A 272 37.63 17.49 -38.86
C ALA A 272 36.71 18.68 -39.05
N ASP A 273 36.86 19.36 -40.20
CA ASP A 273 35.95 20.45 -40.54
C ASP A 273 34.62 19.91 -41.04
N TYR A 274 34.63 18.84 -41.83
CA TYR A 274 33.43 18.17 -42.27
C TYR A 274 33.47 16.72 -41.80
N ILE A 275 32.34 16.23 -41.33
CA ILE A 275 32.21 14.85 -40.85
C ILE A 275 30.95 14.25 -41.43
N PHE A 276 31.06 13.04 -41.99
CA PHE A 276 29.95 12.36 -42.61
C PHE A 276 29.59 11.16 -41.74
N VAL A 277 28.36 11.12 -41.26
CA VAL A 277 27.84 10.01 -40.46
C VAL A 277 26.70 9.38 -41.24
N ASP A 278 26.67 8.04 -41.31
CA ASP A 278 25.63 7.36 -42.05
C ASP A 278 24.47 6.89 -41.18
N ASP A 279 24.74 6.47 -39.95
CA ASP A 279 23.70 5.91 -39.09
C ASP A 279 24.07 6.20 -37.65
N PHE A 280 23.42 5.51 -36.72
CA PHE A 280 23.66 5.76 -35.30
C PHE A 280 25.12 5.52 -34.96
N HIS A 281 25.76 6.55 -34.41
CA HIS A 281 27.19 6.56 -34.12
C HIS A 281 27.34 6.95 -32.66
N PRO A 282 27.21 6.01 -31.74
CA PRO A 282 27.00 6.38 -30.33
C PRO A 282 28.13 7.20 -29.72
N LEU A 283 29.32 7.18 -30.32
CA LEU A 283 30.42 7.95 -29.75
C LEU A 283 30.30 9.44 -30.07
N ILE A 284 29.90 9.78 -31.30
CA ILE A 284 29.91 11.17 -31.73
C ILE A 284 28.88 12.01 -30.97
N TYR A 285 27.92 11.34 -30.33
CA TYR A 285 26.81 12.06 -29.64
C TYR A 285 27.14 12.24 -28.17
N THR A 286 28.35 11.93 -27.72
CA THR A 286 28.79 12.18 -26.37
C THR A 286 29.82 13.30 -26.30
N VAL A 287 29.97 14.07 -27.36
CA VAL A 287 30.94 15.17 -27.42
C VAL A 287 30.24 16.41 -27.94
N ARG A 288 30.87 17.56 -27.70
CA ARG A 288 30.34 18.86 -28.11
C ARG A 288 31.23 19.45 -29.18
N PHE A 289 30.67 19.71 -30.35
CA PHE A 289 31.41 20.24 -31.48
C PHE A 289 31.43 21.77 -31.44
N ARG A 290 32.46 22.34 -32.06
CA ARG A 290 32.48 23.77 -32.28
C ARG A 290 31.61 24.13 -33.48
N ARG A 291 31.30 25.42 -33.60
CA ARG A 291 30.40 25.87 -34.64
C ARG A 291 31.03 25.81 -36.03
N SER A 292 32.36 25.80 -36.12
CA SER A 292 33.01 25.80 -37.42
C SER A 292 33.00 24.44 -38.10
N GLN A 293 32.56 23.39 -37.41
CA GLN A 293 32.52 22.04 -37.95
C GLN A 293 31.15 21.70 -38.50
N GLU A 294 31.11 20.85 -39.52
CA GLU A 294 29.89 20.39 -40.15
C GLU A 294 29.81 18.88 -40.00
N VAL A 295 28.92 18.41 -39.14
CA VAL A 295 28.72 16.98 -38.93
C VAL A 295 27.60 16.57 -39.90
N ILE A 296 27.97 16.24 -41.11
CA ILE A 296 26.99 15.85 -42.12
C ILE A 296 26.46 14.46 -41.80
N GLN A 297 25.17 14.24 -42.06
CA GLN A 297 24.52 12.96 -41.82
C GLN A 297 23.88 12.52 -43.14
N VAL A 298 24.49 11.51 -43.77
CA VAL A 298 23.96 10.94 -45.01
C VAL A 298 23.37 9.60 -44.63
N TRP A 299 22.06 9.58 -44.41
CA TRP A 299 21.37 8.39 -43.93
C TRP A 299 21.46 7.27 -44.95
N ASN A 300 21.58 6.04 -44.46
CA ASN A 300 21.62 4.88 -45.36
C ASN A 300 20.29 4.71 -46.10
N ALA A 301 19.19 4.74 -45.37
CA ALA A 301 17.86 4.62 -45.98
C ALA A 301 17.52 5.89 -46.76
N VAL A 302 16.45 5.81 -47.53
CA VAL A 302 16.14 6.86 -48.49
C VAL A 302 15.19 7.90 -47.92
N GLY A 303 13.97 7.48 -47.55
CA GLY A 303 12.98 8.44 -47.14
C GLY A 303 12.40 8.18 -45.76
N ALA A 304 11.34 8.90 -45.41
CA ALA A 304 10.71 8.79 -44.10
C ALA A 304 9.53 7.84 -44.22
N PHE A 305 9.76 6.58 -43.85
CA PHE A 305 8.72 5.56 -43.80
C PHE A 305 8.45 5.07 -42.39
N LYS A 306 9.51 4.81 -41.63
CA LYS A 306 9.39 4.27 -40.29
C LYS A 306 10.10 5.20 -39.32
N THR A 307 9.54 5.31 -38.11
CA THR A 307 9.99 6.32 -37.16
C THR A 307 11.46 6.11 -36.79
N VAL A 308 12.16 7.21 -36.57
CA VAL A 308 13.60 7.20 -36.30
C VAL A 308 13.92 8.22 -35.21
N GLY A 309 14.73 7.81 -34.25
CA GLY A 309 15.30 8.76 -33.30
C GLY A 309 14.25 9.37 -32.38
N PHE A 310 14.26 10.70 -32.31
CA PHE A 310 13.40 11.41 -31.35
C PHE A 310 11.93 11.20 -31.62
N SER A 311 11.54 10.87 -32.85
CA SER A 311 10.14 10.67 -33.15
C SER A 311 9.55 9.47 -32.42
N ARG A 312 10.39 8.62 -31.86
CA ARG A 312 9.93 7.49 -31.05
C ARG A 312 9.89 7.83 -29.57
N THR A 313 9.85 9.11 -29.21
CA THR A 313 9.82 9.50 -27.82
C THR A 313 8.53 9.03 -27.17
N GLY A 314 8.65 8.43 -25.99
CA GLY A 314 7.51 7.84 -25.33
C GLY A 314 7.18 6.44 -25.80
N LYS A 315 7.75 6.00 -26.92
CA LYS A 315 7.63 4.64 -27.39
C LYS A 315 8.81 3.82 -26.91
N LYS A 316 8.65 2.51 -26.94
CA LYS A 316 9.69 1.61 -26.46
C LYS A 316 10.91 1.70 -27.38
N GLY A 317 12.09 1.86 -26.78
CA GLY A 317 13.32 1.90 -27.52
C GLY A 317 13.68 3.24 -28.11
N GLY A 318 13.01 4.31 -27.72
CA GLY A 318 13.30 5.62 -28.23
C GLY A 318 13.95 6.51 -27.20
N PRO A 319 14.69 7.51 -27.65
CA PRO A 319 15.32 8.44 -26.72
C PRO A 319 14.31 9.36 -26.06
N PHE A 320 14.65 9.81 -24.86
CA PHE A 320 13.90 10.88 -24.22
C PHE A 320 14.21 12.21 -24.91
N ILE A 321 13.42 13.23 -24.58
CA ILE A 321 13.50 14.48 -25.32
C ILE A 321 14.73 15.30 -24.98
N ASP A 322 15.42 14.98 -23.87
CA ASP A 322 16.60 15.72 -23.48
C ASP A 322 17.89 15.07 -23.92
N SER A 323 17.83 13.94 -24.62
CA SER A 323 19.03 13.25 -25.06
C SER A 323 19.69 14.01 -26.20
N LEU A 324 21.01 13.82 -26.32
CA LEU A 324 21.78 14.34 -27.45
C LEU A 324 22.04 13.25 -28.48
N ASN A 325 21.07 12.34 -28.68
CA ASN A 325 21.34 11.15 -29.47
C ASN A 325 21.48 11.46 -30.96
N HIS A 326 20.87 12.53 -31.44
CA HIS A 326 20.97 12.83 -32.86
C HIS A 326 21.13 14.33 -33.15
N ARG A 327 21.50 15.14 -32.17
CA ARG A 327 21.38 16.58 -32.32
C ARG A 327 22.59 17.23 -32.97
N SER A 328 23.77 16.65 -32.84
CA SER A 328 24.99 17.30 -33.30
C SER A 328 25.18 17.08 -34.80
N TYR A 329 24.30 17.72 -35.56
CA TYR A 329 24.39 17.71 -37.02
C TYR A 329 24.23 19.12 -37.55
N THR A 330 24.98 19.44 -38.59
CA THR A 330 24.87 20.72 -39.25
C THR A 330 24.22 20.63 -40.62
N LYS A 331 24.30 19.45 -41.25
CA LYS A 331 23.76 19.25 -42.58
C LYS A 331 23.30 17.80 -42.71
N ALA A 332 22.00 17.57 -42.67
CA ALA A 332 21.43 16.26 -42.94
C ALA A 332 20.75 16.30 -44.30
N TYR A 333 21.02 15.29 -45.12
CA TYR A 333 20.61 15.30 -46.51
C TYR A 333 19.54 14.24 -46.75
N VAL A 334 18.43 14.65 -47.38
CA VAL A 334 17.28 13.79 -47.60
C VAL A 334 16.99 13.74 -49.09
N SER A 335 16.04 12.88 -49.46
CA SER A 335 15.74 12.62 -50.85
C SER A 335 14.59 13.45 -51.39
N SER A 336 13.79 14.06 -50.53
CA SER A 336 12.66 14.84 -51.01
C SER A 336 12.33 15.93 -50.00
N GLU A 337 11.59 16.94 -50.46
CA GLU A 337 11.20 18.04 -49.59
C GLU A 337 10.34 17.57 -48.44
N THR A 338 9.40 16.65 -48.72
CA THR A 338 8.48 16.19 -47.68
C THR A 338 9.20 15.48 -46.55
N ASP A 339 10.45 15.07 -46.76
CA ASP A 339 11.21 14.45 -45.69
C ASP A 339 11.81 15.46 -44.72
N ILE A 340 11.77 16.75 -45.04
CA ILE A 340 12.40 17.75 -44.17
C ILE A 340 11.76 17.79 -42.78
N PRO A 341 10.44 17.91 -42.63
CA PRO A 341 9.89 17.92 -41.27
C PRO A 341 10.07 16.61 -40.54
N PHE A 342 9.82 15.48 -41.19
CA PHE A 342 9.94 14.20 -40.51
C PHE A 342 11.37 13.94 -40.06
N TYR A 343 12.34 14.18 -40.94
CA TYR A 343 13.73 13.91 -40.59
C TYR A 343 14.29 14.96 -39.64
N ALA A 344 13.82 16.19 -39.72
CA ALA A 344 14.20 17.20 -38.73
C ALA A 344 13.71 16.80 -37.35
N GLU A 345 12.49 16.27 -37.27
CA GLU A 345 11.98 15.79 -35.98
C GLU A 345 12.72 14.53 -35.54
N ALA A 346 13.10 13.69 -36.49
CA ALA A 346 13.83 12.47 -36.17
C ALA A 346 15.17 12.79 -35.53
N PHE A 347 15.97 13.62 -36.18
CA PHE A 347 17.30 13.93 -35.67
C PHE A 347 17.28 14.99 -34.58
N GLY A 348 16.17 15.68 -34.37
CA GLY A 348 16.14 16.74 -33.38
C GLY A 348 17.03 17.91 -33.75
N ILE A 349 17.00 18.32 -35.01
CA ILE A 349 17.80 19.43 -35.50
C ILE A 349 16.89 20.42 -36.21
N LYS A 350 17.37 21.64 -36.35
CA LYS A 350 16.58 22.69 -37.00
C LYS A 350 16.34 22.35 -38.45
N GLU A 351 15.21 22.83 -38.98
CA GLU A 351 14.74 22.35 -40.28
C GLU A 351 15.66 22.77 -41.42
N LYS A 352 16.34 23.91 -41.29
CA LYS A 352 17.22 24.36 -42.36
C LYS A 352 18.48 23.50 -42.48
N ASN A 353 18.80 22.70 -41.46
CA ASN A 353 19.90 21.74 -41.58
C ASN A 353 19.61 20.64 -42.58
N VAL A 354 18.34 20.41 -42.89
CA VAL A 354 17.92 19.29 -43.74
C VAL A 354 17.80 19.80 -45.15
N VAL A 355 18.82 19.57 -45.97
CA VAL A 355 18.88 20.07 -47.34
C VAL A 355 18.38 18.96 -48.26
N PRO A 356 17.35 19.21 -49.06
CA PRO A 356 16.76 18.17 -49.92
C PRO A 356 17.43 18.04 -51.29
N THR A 357 18.59 17.38 -51.31
CA THR A 357 19.35 17.19 -52.53
C THR A 357 19.32 15.79 -53.08
N GLY A 358 18.74 14.83 -52.35
CA GLY A 358 18.67 13.48 -52.83
C GLY A 358 19.77 12.60 -52.26
N VAL A 359 19.40 11.42 -51.79
CA VAL A 359 20.38 10.50 -51.21
C VAL A 359 21.33 10.04 -52.31
N PRO A 360 22.65 10.21 -52.14
CA PRO A 360 23.58 9.85 -53.23
C PRO A 360 23.55 8.38 -53.60
N ARG A 361 23.17 7.49 -52.69
CA ARG A 361 23.14 6.08 -53.01
C ARG A 361 22.16 5.77 -54.14
N THR A 362 21.13 6.60 -54.31
CA THR A 362 20.14 6.40 -55.36
C THR A 362 20.67 6.79 -56.74
N ASP A 363 21.96 7.07 -56.86
CA ASP A 363 22.52 7.46 -58.14
C ASP A 363 22.42 6.35 -59.17
N VAL A 364 22.74 5.11 -58.77
CA VAL A 364 22.84 4.03 -59.73
C VAL A 364 21.48 3.62 -60.26
N LEU A 365 20.40 3.94 -59.54
CA LEU A 365 19.08 3.58 -60.02
C LEU A 365 18.74 4.30 -61.33
N PHE A 366 19.29 5.48 -61.54
CA PHE A 366 19.06 6.25 -62.76
C PHE A 366 20.19 6.12 -63.77
N ASP A 367 21.13 5.21 -63.54
CA ASP A 367 22.24 5.01 -64.45
C ASP A 367 21.85 4.02 -65.55
N GLU A 368 22.51 4.14 -66.70
CA GLU A 368 22.24 3.28 -67.84
C GLU A 368 23.27 2.16 -67.98
N ALA A 369 24.56 2.49 -67.95
CA ALA A 369 25.59 1.46 -68.05
C ALA A 369 25.55 0.53 -66.85
N TYR A 370 25.34 1.10 -65.66
CA TYR A 370 25.27 0.29 -64.45
C TYR A 370 24.13 -0.71 -64.55
N ALA A 371 23.00 -0.30 -65.11
CA ALA A 371 21.87 -1.21 -65.27
C ALA A 371 22.24 -2.40 -66.14
N THR A 372 22.91 -2.16 -67.26
CA THR A 372 23.26 -3.26 -68.15
C THR A 372 24.27 -4.20 -67.51
N GLN A 373 25.31 -3.64 -66.89
CA GLN A 373 26.31 -4.49 -66.28
C GLN A 373 25.74 -5.29 -65.11
N ILE A 374 24.82 -4.67 -64.34
CA ILE A 374 24.21 -5.38 -63.21
C ILE A 374 23.24 -6.44 -63.70
N LYS A 375 22.50 -6.16 -64.77
CA LYS A 375 21.61 -7.17 -65.34
C LYS A 375 22.41 -8.37 -65.80
N GLN A 376 23.52 -8.14 -66.50
CA GLN A 376 24.36 -9.26 -66.93
C GLN A 376 24.96 -10.00 -65.74
N GLU A 377 25.40 -9.26 -64.72
CA GLU A 377 26.01 -9.91 -63.57
C GLU A 377 25.00 -10.77 -62.82
N MET A 378 23.76 -10.29 -62.68
CA MET A 378 22.73 -11.09 -62.03
C MET A 378 22.28 -12.25 -62.91
N GLU A 379 22.35 -12.08 -64.23
CA GLU A 379 22.10 -13.17 -65.15
C GLU A 379 23.09 -14.31 -64.96
N ASP A 380 24.38 -13.98 -64.84
CA ASP A 380 25.38 -15.03 -64.73
C ASP A 380 25.54 -15.56 -63.31
N GLU A 381 25.41 -14.70 -62.31
CA GLU A 381 25.57 -15.13 -60.92
C GLU A 381 24.47 -16.09 -60.51
N LEU A 382 23.23 -15.80 -60.89
CA LEU A 382 22.10 -16.67 -60.58
C LEU A 382 21.56 -17.27 -61.87
N PRO A 383 21.86 -18.53 -62.17
CA PRO A 383 21.38 -19.16 -63.42
C PRO A 383 19.93 -19.62 -63.34
N ILE A 384 19.07 -18.78 -62.76
CA ILE A 384 17.66 -19.13 -62.60
C ILE A 384 16.71 -18.02 -63.06
N ILE A 385 17.18 -16.76 -63.18
CA ILE A 385 16.26 -15.64 -63.37
C ILE A 385 15.73 -15.52 -64.79
N LYS A 386 16.06 -16.45 -65.67
CA LYS A 386 15.68 -16.35 -67.07
C LYS A 386 14.18 -16.55 -67.29
N GLY A 387 13.40 -16.69 -66.22
CA GLY A 387 11.97 -16.94 -66.36
C GLY A 387 11.21 -15.72 -66.85
N LYS A 388 9.88 -15.85 -66.91
CA LYS A 388 9.04 -14.76 -67.40
C LYS A 388 9.13 -13.54 -66.50
N LYS A 389 9.10 -13.76 -65.18
CA LYS A 389 9.15 -12.67 -64.23
C LYS A 389 10.06 -13.05 -63.07
N VAL A 390 10.53 -12.03 -62.37
CA VAL A 390 11.32 -12.20 -61.15
C VAL A 390 10.60 -11.46 -60.03
N ILE A 391 10.38 -12.15 -58.92
CA ILE A 391 9.70 -11.58 -57.77
C ILE A 391 10.65 -11.57 -56.59
N LEU A 392 10.62 -10.48 -55.83
CA LEU A 392 11.48 -10.30 -54.68
C LEU A 392 10.62 -10.32 -53.42
N PHE A 393 11.20 -10.79 -52.32
CA PHE A 393 10.50 -10.97 -51.06
C PHE A 393 11.42 -10.47 -49.96
N ALA A 394 11.26 -9.22 -49.56
CA ALA A 394 12.17 -8.57 -48.62
C ALA A 394 11.40 -7.91 -47.49
N PRO A 395 10.80 -8.70 -46.62
CA PRO A 395 10.16 -8.12 -45.43
C PRO A 395 11.18 -7.71 -44.39
N THR A 396 10.88 -6.61 -43.72
CA THR A 396 11.86 -6.02 -42.81
C THR A 396 11.92 -6.81 -41.49
N PHE A 397 12.94 -6.52 -40.71
CA PHE A 397 13.15 -7.24 -39.47
C PHE A 397 12.03 -6.94 -38.48
N ARG A 398 11.48 -8.00 -37.88
CA ARG A 398 10.42 -7.82 -36.90
C ARG A 398 10.96 -7.35 -35.55
N GLY A 399 12.25 -7.52 -35.30
CA GLY A 399 12.81 -7.18 -34.00
C GLY A 399 12.77 -5.68 -33.74
N SER A 400 12.97 -5.34 -32.47
CA SER A 400 12.98 -3.96 -32.04
C SER A 400 14.29 -3.24 -32.34
N GLY A 401 15.36 -3.97 -32.63
CA GLY A 401 16.64 -3.33 -32.88
C GLY A 401 17.71 -4.36 -33.18
N HIS A 402 18.95 -3.86 -33.23
CA HIS A 402 20.07 -4.73 -33.55
C HIS A 402 20.25 -5.84 -32.52
N GLY A 403 20.13 -5.49 -31.24
CA GLY A 403 20.31 -6.49 -30.20
C GLY A 403 19.24 -7.57 -30.22
N THR A 404 17.98 -7.17 -30.38
CA THR A 404 16.85 -8.09 -30.39
C THR A 404 16.37 -8.37 -31.81
N ALA A 405 17.30 -8.41 -32.76
CA ALA A 405 16.92 -8.62 -34.16
C ALA A 405 16.37 -10.02 -34.34
N HIS A 406 15.21 -10.12 -34.97
CA HIS A 406 14.58 -11.41 -35.22
C HIS A 406 13.56 -11.23 -36.34
N TYR A 407 13.16 -12.34 -36.93
CA TYR A 407 12.06 -12.35 -37.87
C TYR A 407 11.49 -13.76 -37.97
N PRO A 408 10.18 -13.92 -37.87
CA PRO A 408 9.60 -15.25 -37.99
C PRO A 408 9.35 -15.64 -39.43
N PHE A 409 10.03 -16.68 -39.90
CA PHE A 409 9.73 -17.24 -41.21
C PHE A 409 8.54 -18.17 -41.15
N PHE A 410 8.05 -18.47 -39.95
CA PHE A 410 6.84 -19.26 -39.77
C PHE A 410 5.67 -18.64 -40.51
N LYS A 411 5.65 -17.30 -40.58
CA LYS A 411 4.56 -16.60 -41.25
C LYS A 411 4.67 -16.67 -42.77
N ILE A 412 4.75 -17.89 -43.30
CA ILE A 412 4.82 -18.13 -44.73
C ILE A 412 4.48 -19.60 -44.97
N ASP A 413 3.84 -19.87 -46.10
CA ASP A 413 3.54 -21.23 -46.52
C ASP A 413 4.29 -21.49 -47.81
N PHE A 414 5.46 -22.12 -47.68
CA PHE A 414 6.39 -22.27 -48.79
C PHE A 414 5.78 -23.04 -49.95
N GLU A 415 4.98 -24.07 -49.63
CA GLU A 415 4.42 -24.91 -50.69
C GLU A 415 3.53 -24.11 -51.62
N ARG A 416 2.73 -23.21 -51.07
CA ARG A 416 1.84 -22.40 -51.90
C ARG A 416 2.62 -21.51 -52.85
N LEU A 417 3.63 -20.79 -52.33
CA LEU A 417 4.43 -19.92 -53.18
C LEU A 417 5.20 -20.74 -54.21
N ALA A 418 5.66 -21.94 -53.83
CA ALA A 418 6.33 -22.80 -54.79
C ALA A 418 5.40 -23.22 -55.91
N ARG A 419 4.14 -23.54 -55.57
CA ARG A 419 3.17 -23.87 -56.60
C ARG A 419 2.92 -22.69 -57.53
N TYR A 420 2.76 -21.50 -56.96
CA TYR A 420 2.56 -20.32 -57.79
C TYR A 420 3.77 -20.09 -58.70
N CYS A 421 4.97 -20.30 -58.17
CA CYS A 421 6.18 -20.10 -58.96
C CYS A 421 6.26 -21.12 -60.10
N GLU A 422 5.92 -22.37 -59.82
CA GLU A 422 5.95 -23.40 -60.86
C GLU A 422 4.93 -23.12 -61.95
N LYS A 423 3.71 -22.74 -61.57
CA LYS A 423 2.65 -22.54 -62.55
C LYS A 423 2.77 -21.22 -63.30
N ASN A 424 3.58 -20.28 -62.81
CA ASN A 424 3.73 -18.98 -63.45
C ASN A 424 5.09 -18.79 -64.10
N ASN A 425 5.98 -19.76 -64.00
CA ASN A 425 7.35 -19.65 -64.53
C ASN A 425 8.06 -18.43 -63.99
N ALA A 426 7.76 -18.05 -62.75
CA ALA A 426 8.35 -16.91 -62.08
C ALA A 426 9.53 -17.37 -61.24
N VAL A 427 10.04 -16.47 -60.39
CA VAL A 427 11.05 -16.81 -59.41
C VAL A 427 10.94 -15.83 -58.26
N VAL A 428 10.95 -16.34 -57.03
CA VAL A 428 10.72 -15.54 -55.85
C VAL A 428 12.01 -15.54 -55.03
N LEU A 429 12.69 -14.39 -54.99
CA LEU A 429 13.94 -14.25 -54.27
C LEU A 429 13.67 -13.68 -52.89
N PHE A 430 14.26 -14.29 -51.86
CA PHE A 430 13.93 -13.97 -50.47
C PHE A 430 15.14 -13.29 -49.85
N LYS A 431 15.17 -11.96 -49.91
CA LYS A 431 16.25 -11.17 -49.34
C LYS A 431 15.82 -10.71 -47.95
N MET A 432 16.26 -11.42 -46.93
CA MET A 432 16.00 -11.02 -45.57
C MET A 432 16.86 -9.82 -45.19
N HIS A 433 16.49 -9.17 -44.10
CA HIS A 433 17.18 -7.96 -43.68
C HIS A 433 18.60 -8.32 -43.23
N PRO A 434 19.52 -7.35 -43.26
CA PRO A 434 20.85 -7.62 -42.70
C PRO A 434 20.83 -8.09 -41.26
N PHE A 435 19.86 -7.65 -40.47
CA PHE A 435 19.77 -8.02 -39.05
C PHE A 435 18.77 -9.16 -38.87
N VAL A 436 19.12 -10.32 -39.44
CA VAL A 436 18.31 -11.53 -39.30
C VAL A 436 19.17 -12.63 -38.74
N LYS A 437 18.59 -13.44 -37.87
CA LYS A 437 19.28 -14.57 -37.25
C LYS A 437 18.81 -15.92 -37.75
N ASN A 438 17.70 -15.99 -38.47
CA ASN A 438 17.19 -17.26 -38.99
C ASN A 438 17.50 -17.37 -40.48
N ARG A 439 18.66 -17.96 -40.77
CA ARG A 439 19.08 -18.18 -42.15
C ARG A 439 18.76 -19.63 -42.54
N LEU A 440 17.46 -19.91 -42.60
CA LEU A 440 17.00 -21.28 -42.77
C LEU A 440 16.82 -21.63 -44.23
N ASN A 441 17.11 -22.88 -44.57
CA ASN A 441 16.88 -23.39 -45.92
C ASN A 441 15.39 -23.61 -46.14
N ILE A 442 15.01 -23.81 -47.41
CA ILE A 442 13.60 -23.85 -47.74
C ILE A 442 13.09 -25.28 -47.92
N ALA A 443 13.56 -25.97 -48.96
CA ALA A 443 13.13 -27.34 -49.25
C ALA A 443 13.87 -27.92 -50.45
N ASP A 444 13.56 -29.17 -50.81
CA ASP A 444 14.25 -29.83 -51.91
C ASP A 444 13.77 -29.30 -53.26
N LYS A 445 12.48 -29.36 -53.53
CA LYS A 445 11.94 -28.83 -54.78
C LYS A 445 11.85 -27.31 -54.77
N HIS A 446 12.42 -26.65 -53.76
CA HIS A 446 12.23 -25.21 -53.63
C HIS A 446 13.46 -24.43 -54.08
N LYS A 447 14.64 -25.07 -54.13
CA LYS A 447 15.76 -24.41 -54.79
C LYS A 447 15.61 -24.46 -56.30
N GLN A 448 14.61 -25.18 -56.80
CA GLN A 448 14.31 -25.14 -58.23
C GLN A 448 13.66 -23.81 -58.62
N TYR A 449 12.85 -23.25 -57.72
CA TYR A 449 12.06 -22.06 -58.06
C TYR A 449 12.29 -20.88 -57.14
N PHE A 450 12.59 -21.11 -55.87
CA PHE A 450 12.95 -20.02 -54.97
C PHE A 450 14.45 -19.75 -55.08
N VAL A 451 14.94 -18.79 -54.31
CA VAL A 451 16.37 -18.52 -54.22
C VAL A 451 16.68 -18.09 -52.79
N ASP A 452 17.71 -18.71 -52.21
CA ASP A 452 18.25 -18.22 -50.95
C ASP A 452 19.04 -16.95 -51.21
N VAL A 453 18.71 -15.88 -50.48
CA VAL A 453 19.35 -14.59 -50.67
C VAL A 453 19.83 -14.12 -49.30
N SER A 454 20.33 -12.88 -49.23
CA SER A 454 21.03 -12.29 -48.09
C SER A 454 22.47 -12.75 -48.01
N ASP A 455 23.07 -13.11 -49.14
CA ASP A 455 24.49 -13.40 -49.22
C ASP A 455 25.23 -12.43 -50.13
N PHE A 456 24.58 -11.34 -50.53
CA PHE A 456 25.16 -10.36 -51.45
C PHE A 456 25.48 -9.08 -50.70
N ARG A 457 26.65 -8.50 -50.99
CA ARG A 457 27.08 -7.28 -50.31
C ARG A 457 26.13 -6.12 -50.62
N GLU A 458 25.89 -5.86 -51.90
CA GLU A 458 24.98 -4.78 -52.27
C GLU A 458 23.54 -5.20 -52.03
N VAL A 459 22.73 -4.21 -51.63
CA VAL A 459 21.31 -4.45 -51.35
C VAL A 459 20.40 -3.91 -52.42
N ASN A 460 20.91 -3.11 -53.36
CA ASN A 460 20.14 -2.59 -54.48
C ASN A 460 20.54 -3.22 -55.80
N ASP A 461 20.99 -4.47 -55.79
CA ASP A 461 21.44 -5.11 -57.02
C ASP A 461 20.34 -5.94 -57.67
N ILE A 462 19.61 -6.73 -56.88
CA ILE A 462 18.58 -7.59 -57.44
C ILE A 462 17.40 -6.81 -57.99
N LEU A 463 17.29 -5.53 -57.64
CA LEU A 463 16.11 -4.76 -58.00
C LEU A 463 16.01 -4.55 -59.50
N PHE A 464 17.14 -4.55 -60.20
CA PHE A 464 17.12 -4.30 -61.64
C PHE A 464 16.50 -5.45 -62.42
N ILE A 465 16.47 -6.66 -61.86
CA ILE A 465 15.81 -7.79 -62.49
C ILE A 465 14.44 -8.07 -61.89
N THR A 466 14.14 -7.54 -60.71
CA THR A 466 12.86 -7.80 -60.07
C THR A 466 11.73 -7.16 -60.85
N ASP A 467 10.64 -7.92 -61.02
CA ASP A 467 9.44 -7.43 -61.67
C ASP A 467 8.34 -7.09 -60.66
N LEU A 468 8.24 -7.85 -59.58
CA LEU A 468 7.31 -7.57 -58.50
C LEU A 468 8.05 -7.66 -57.18
N LEU A 469 7.82 -6.69 -56.30
CA LEU A 469 8.48 -6.65 -55.00
C LEU A 469 7.43 -6.82 -53.92
N ILE A 470 7.62 -7.82 -53.07
CA ILE A 470 6.75 -8.07 -51.93
C ILE A 470 7.55 -7.70 -50.68
N SER A 471 7.05 -6.75 -49.92
CA SER A 471 7.67 -6.34 -48.68
C SER A 471 6.60 -5.66 -47.84
N ASP A 472 6.84 -5.59 -46.54
CA ASP A 472 5.82 -5.09 -45.63
C ASP A 472 6.10 -3.67 -45.15
N TYR A 473 7.22 -3.43 -44.47
CA TYR A 473 7.50 -2.14 -43.88
C TYR A 473 8.88 -1.61 -44.21
N SER A 474 9.63 -2.31 -45.06
CA SER A 474 11.01 -1.91 -45.33
C SER A 474 11.04 -0.58 -46.07
N SER A 475 12.18 0.11 -45.95
CA SER A 475 12.41 1.33 -46.70
C SER A 475 12.90 1.04 -48.12
N LEU A 476 13.10 -0.23 -48.46
CA LEU A 476 13.58 -0.60 -49.78
C LEU A 476 12.55 -0.25 -50.86
N ILE A 477 11.29 -0.06 -50.47
CA ILE A 477 10.25 0.27 -51.44
C ILE A 477 10.58 1.57 -52.13
N TYR A 478 11.26 2.48 -51.44
CA TYR A 478 11.65 3.77 -52.02
C TYR A 478 12.54 3.57 -53.23
N GLU A 479 13.60 2.78 -53.08
CA GLU A 479 14.53 2.59 -54.18
C GLU A 479 13.91 1.81 -55.33
N TYR A 480 12.95 0.93 -55.03
CA TYR A 480 12.32 0.14 -56.08
C TYR A 480 11.35 0.96 -56.92
N ALA A 481 10.84 2.07 -56.39
CA ALA A 481 9.87 2.85 -57.14
C ALA A 481 10.46 3.44 -58.41
N VAL A 482 11.79 3.50 -58.50
CA VAL A 482 12.44 4.11 -59.66
C VAL A 482 12.17 3.30 -60.92
N PHE A 483 11.84 2.02 -60.79
CA PHE A 483 11.75 1.12 -61.93
C PHE A 483 10.35 1.02 -62.50
N LYS A 484 9.38 1.79 -61.99
CA LYS A 484 8.01 1.78 -62.49
C LYS A 484 7.41 0.38 -62.41
N LYS A 485 7.66 -0.31 -61.30
CA LYS A 485 7.23 -1.70 -61.23
C LYS A 485 6.20 -1.91 -60.12
N PRO A 486 5.27 -2.83 -60.33
CA PRO A 486 4.21 -3.06 -59.32
C PRO A 486 4.76 -3.63 -58.03
N MET A 487 4.09 -3.31 -56.93
CA MET A 487 4.52 -3.71 -55.60
C MET A 487 3.33 -4.16 -54.78
N ILE A 488 3.56 -5.14 -53.91
CA ILE A 488 2.54 -5.68 -53.01
C ILE A 488 3.11 -5.73 -51.60
N PHE A 489 2.24 -5.62 -50.61
CA PHE A 489 2.66 -5.46 -49.22
C PHE A 489 1.96 -6.46 -48.32
N TYR A 490 2.75 -7.20 -47.54
CA TYR A 490 2.24 -7.90 -46.37
C TYR A 490 1.90 -6.91 -45.26
N ALA A 491 0.87 -7.25 -44.48
CA ALA A 491 0.52 -6.43 -43.33
C ALA A 491 0.08 -7.29 -42.15
N PHE A 492 0.60 -8.51 -42.03
CA PHE A 492 0.14 -9.42 -40.99
C PHE A 492 0.41 -8.90 -39.59
N ASP A 493 1.35 -7.98 -39.44
CA ASP A 493 1.73 -7.47 -38.13
C ASP A 493 1.52 -5.95 -38.06
N LEU A 494 0.47 -5.49 -38.74
CA LEU A 494 0.28 -4.05 -38.88
C LEU A 494 0.04 -3.38 -37.53
N GLU A 495 -0.89 -3.92 -36.74
CA GLU A 495 -1.26 -3.26 -35.50
C GLU A 495 -0.12 -3.28 -34.49
N ASP A 496 0.55 -4.42 -34.34
CA ASP A 496 1.67 -4.48 -33.40
C ASP A 496 2.79 -3.54 -33.81
N TYR A 497 3.14 -3.52 -35.10
CA TYR A 497 4.22 -2.66 -35.55
C TYR A 497 3.85 -1.19 -35.34
N ILE A 498 2.61 -0.82 -35.65
CA ILE A 498 2.15 0.55 -35.44
C ILE A 498 2.25 0.90 -33.95
N THR A 499 1.77 0.01 -33.09
CA THR A 499 1.87 0.27 -31.65
C THR A 499 3.31 0.27 -31.16
N THR A 500 4.23 -0.32 -31.92
CA THR A 500 5.64 -0.36 -31.54
C THR A 500 6.42 0.79 -32.17
N ARG A 501 6.40 0.85 -33.50
CA ARG A 501 7.06 1.92 -34.25
C ARG A 501 6.10 2.43 -35.31
N ASP A 502 5.67 3.67 -35.17
CA ASP A 502 4.71 4.25 -36.10
C ASP A 502 5.33 4.41 -37.48
N PHE A 503 4.52 4.88 -38.41
CA PHE A 503 4.98 5.34 -39.71
C PHE A 503 4.73 6.84 -39.79
N TYR A 504 5.67 7.57 -40.39
CA TYR A 504 5.57 9.02 -40.41
C TYR A 504 4.34 9.51 -41.17
N GLU A 505 3.73 8.66 -41.98
CA GLU A 505 2.46 8.91 -42.63
C GLU A 505 1.56 7.71 -42.38
N PRO A 506 0.24 7.88 -42.50
CA PRO A 506 -0.65 6.73 -42.36
C PRO A 506 -0.29 5.63 -43.33
N TYR A 507 -0.30 4.39 -42.84
CA TYR A 507 0.26 3.29 -43.61
C TYR A 507 -0.64 2.86 -44.76
N GLU A 508 -1.96 2.89 -44.55
CA GLU A 508 -2.86 2.31 -45.53
C GLU A 508 -2.87 3.04 -46.85
N SER A 509 -2.39 4.29 -46.89
CA SER A 509 -2.35 5.06 -48.12
C SER A 509 -0.94 5.40 -48.58
N PHE A 510 0.05 5.28 -47.71
CA PHE A 510 1.43 5.60 -48.10
C PHE A 510 1.97 4.55 -49.07
N VAL A 511 1.59 3.29 -48.90
CA VAL A 511 2.24 2.20 -49.61
C VAL A 511 1.95 2.31 -51.11
N PRO A 512 2.96 2.37 -51.96
CA PRO A 512 2.73 2.44 -53.42
C PRO A 512 2.40 1.08 -54.02
N GLY A 513 1.24 0.55 -53.67
CA GLY A 513 0.84 -0.72 -54.22
C GLY A 513 -0.30 -1.31 -53.43
N LYS A 514 -0.81 -2.42 -53.94
CA LYS A 514 -1.91 -3.13 -53.29
C LYS A 514 -1.48 -3.62 -51.91
N ILE A 515 -2.42 -3.65 -50.99
CA ILE A 515 -2.17 -4.13 -49.64
C ILE A 515 -2.91 -5.45 -49.44
N VAL A 516 -2.25 -6.41 -48.81
CA VAL A 516 -2.84 -7.71 -48.50
C VAL A 516 -2.43 -8.10 -47.10
N GLN A 517 -3.42 -8.34 -46.25
CA GLN A 517 -3.19 -8.61 -44.84
C GLN A 517 -2.83 -10.06 -44.55
N SER A 518 -3.06 -10.97 -45.49
CA SER A 518 -2.83 -12.40 -45.27
C SER A 518 -2.13 -13.00 -46.47
N PHE A 519 -1.47 -14.14 -46.24
CA PHE A 519 -0.79 -14.86 -47.31
C PHE A 519 -1.79 -15.24 -48.41
N ASP A 520 -2.95 -15.73 -48.02
CA ASP A 520 -4.00 -16.04 -49.00
C ASP A 520 -4.41 -14.79 -49.76
N ALA A 521 -4.51 -13.67 -49.06
CA ALA A 521 -4.78 -12.41 -49.75
C ALA A 521 -3.65 -12.05 -50.71
N LEU A 522 -2.41 -12.31 -50.30
CA LEU A 522 -1.27 -12.04 -51.19
C LEU A 522 -1.43 -12.80 -52.49
N MET A 523 -1.68 -14.11 -52.41
CA MET A 523 -1.77 -14.89 -53.64
C MET A 523 -3.03 -14.54 -54.44
N ASP A 524 -4.12 -14.20 -53.75
CA ASP A 524 -5.29 -13.70 -54.46
C ASP A 524 -4.96 -12.42 -55.22
N ALA A 525 -3.99 -11.64 -54.73
CA ALA A 525 -3.52 -10.49 -55.50
C ALA A 525 -2.64 -10.91 -56.66
N LEU A 526 -1.72 -11.85 -56.42
CA LEU A 526 -0.76 -12.23 -57.46
C LEU A 526 -1.47 -12.86 -58.66
N ASP A 527 -2.32 -13.87 -58.40
CA ASP A 527 -2.94 -14.60 -59.50
C ASP A 527 -3.93 -13.75 -60.28
N ASN A 528 -4.50 -12.72 -59.65
CA ASN A 528 -5.44 -11.83 -60.32
C ASN A 528 -4.75 -10.62 -60.92
N GLU A 529 -3.41 -10.64 -61.02
CA GLU A 529 -2.56 -9.56 -61.52
C GLU A 529 -3.11 -8.18 -61.18
N ASP A 530 -3.53 -8.00 -59.92
CA ASP A 530 -4.05 -6.73 -59.43
C ASP A 530 -3.06 -6.22 -58.37
N TYR A 531 -2.11 -5.40 -58.81
CA TYR A 531 -1.05 -4.93 -57.94
C TYR A 531 -1.22 -3.48 -57.54
N GLU A 532 -2.25 -2.81 -58.03
CA GLU A 532 -2.50 -1.39 -57.75
C GLU A 532 -1.24 -0.57 -58.03
N GLY A 533 -0.63 -0.84 -59.18
CA GLY A 533 0.56 -0.13 -59.59
C GLY A 533 0.32 1.24 -60.16
N GLU A 534 -0.92 1.67 -60.28
CA GLU A 534 -1.20 3.00 -60.79
C GLU A 534 -0.69 4.10 -59.88
N LYS A 535 -0.46 3.80 -58.60
CA LYS A 535 0.01 4.80 -57.65
C LYS A 535 1.51 4.76 -57.43
N VAL A 536 2.24 3.90 -58.14
CA VAL A 536 3.69 3.87 -57.97
C VAL A 536 4.34 5.09 -58.62
N ILE A 537 3.76 5.58 -59.72
CA ILE A 537 4.31 6.73 -60.43
C ILE A 537 4.24 7.98 -59.55
N PRO A 538 3.10 8.31 -58.94
CA PRO A 538 3.10 9.45 -58.01
C PRO A 538 4.02 9.25 -56.82
N PHE A 539 4.16 8.01 -56.34
CA PHE A 539 5.07 7.77 -55.23
C PHE A 539 6.51 8.08 -55.61
N LEU A 540 6.91 7.67 -56.82
CA LEU A 540 8.25 8.01 -57.27
C LEU A 540 8.42 9.50 -57.44
N ASP A 541 7.42 10.16 -58.02
CA ASP A 541 7.54 11.59 -58.26
C ASP A 541 7.61 12.38 -56.96
N LYS A 542 6.84 11.96 -55.96
CA LYS A 542 6.72 12.75 -54.73
C LYS A 542 7.98 12.65 -53.88
N HIS A 543 8.51 11.44 -53.72
CA HIS A 543 9.60 11.20 -52.77
C HIS A 543 10.96 11.18 -53.42
N PHE A 544 11.07 11.62 -54.67
CA PHE A 544 12.36 11.75 -55.35
C PHE A 544 12.35 13.06 -56.12
N LYS A 545 12.85 14.12 -55.48
CA LYS A 545 12.78 15.44 -56.11
C LYS A 545 13.63 15.51 -57.37
N TYR A 546 14.80 14.89 -57.35
CA TYR A 546 15.73 14.96 -58.46
C TYR A 546 15.77 13.62 -59.18
N GLN A 547 15.07 13.54 -60.31
CA GLN A 547 15.11 12.37 -61.17
C GLN A 547 16.34 12.34 -62.07
N ASP A 548 17.05 13.46 -62.19
CA ASP A 548 18.19 13.55 -63.08
C ASP A 548 19.37 12.68 -62.65
N GLY A 549 19.36 12.15 -61.44
CA GLY A 549 20.38 11.20 -61.03
C GLY A 549 21.78 11.76 -60.92
N ARG A 550 21.93 12.93 -60.29
CA ARG A 550 23.23 13.41 -59.86
C ARG A 550 23.10 14.04 -58.47
N SER A 551 22.43 13.33 -57.56
CA SER A 551 22.23 13.81 -56.20
C SER A 551 23.55 13.96 -55.45
N SER A 552 24.50 13.04 -55.64
CA SER A 552 25.79 13.15 -54.98
C SER A 552 26.51 14.42 -55.41
N GLU A 553 26.35 14.81 -56.67
CA GLU A 553 26.94 16.06 -57.14
C GLU A 553 26.35 17.25 -56.38
N ARG A 554 25.04 17.24 -56.17
CA ARG A 554 24.42 18.32 -55.39
C ARG A 554 24.91 18.31 -53.95
N LEU A 555 25.09 17.13 -53.37
CA LEU A 555 25.59 17.06 -52.00
C LEU A 555 26.98 17.67 -51.90
N VAL A 556 27.88 17.27 -52.78
CA VAL A 556 29.24 17.79 -52.76
C VAL A 556 29.25 19.28 -53.03
N ARG A 557 28.44 19.75 -53.99
CA ARG A 557 28.37 21.17 -54.28
C ARG A 557 27.88 21.97 -53.08
N ASN A 558 26.73 21.58 -52.53
CA ASN A 558 26.13 22.33 -51.44
C ASN A 558 27.02 22.33 -50.22
N LEU A 559 27.80 21.27 -50.02
CA LEU A 559 28.67 21.26 -48.85
C LEU A 559 29.95 22.06 -49.09
N PHE A 560 30.67 21.75 -50.16
CA PHE A 560 32.00 22.30 -50.39
C PHE A 560 31.99 23.52 -51.29
N GLY A 561 30.84 24.03 -51.67
CA GLY A 561 30.77 25.22 -52.51
C GLY A 561 31.21 24.98 -53.93
N VAL B 2 -36.36 -43.21 16.44
CA VAL B 2 -35.81 -41.94 15.97
C VAL B 2 -34.45 -41.71 16.62
N LYS B 3 -33.46 -41.36 15.80
CA LYS B 3 -32.10 -41.16 16.30
C LYS B 3 -32.03 -39.95 17.21
N SER B 4 -31.28 -40.08 18.30
CA SER B 4 -31.09 -38.98 19.23
C SER B 4 -30.03 -38.02 18.72
N LYS B 5 -30.27 -36.73 18.89
CA LYS B 5 -29.39 -35.70 18.38
C LYS B 5 -29.39 -34.50 19.32
N ILE B 6 -28.35 -33.68 19.19
CA ILE B 6 -28.22 -32.44 19.95
C ILE B 6 -27.94 -31.31 18.97
N TYR B 7 -28.71 -30.22 19.10
CA TYR B 7 -28.60 -29.07 18.23
C TYR B 7 -27.96 -27.89 18.96
N ILE B 8 -27.26 -27.06 18.20
CA ILE B 8 -26.71 -25.81 18.70
C ILE B 8 -27.50 -24.68 18.06
N ASP B 9 -28.31 -23.98 18.85
CA ASP B 9 -29.22 -22.98 18.32
C ASP B 9 -28.62 -21.57 18.32
N LYS B 10 -27.97 -21.17 19.40
CA LYS B 10 -27.49 -19.80 19.53
C LYS B 10 -26.16 -19.80 20.27
N ILE B 11 -25.37 -18.76 20.01
CA ILE B 11 -24.06 -18.61 20.64
C ILE B 11 -23.87 -17.17 21.07
N TYR B 12 -24.05 -16.88 22.36
CA TYR B 12 -23.63 -15.58 22.83
C TYR B 12 -22.14 -15.52 23.07
N TRP B 13 -21.70 -14.38 23.58
CA TRP B 13 -20.33 -14.16 24.00
C TRP B 13 -20.34 -13.08 25.07
N GLU B 14 -20.21 -13.50 26.32
CA GLU B 14 -20.03 -12.57 27.42
C GLU B 14 -18.58 -12.13 27.47
N ARG B 15 -18.15 -11.52 28.58
CA ARG B 15 -16.82 -10.92 28.68
C ARG B 15 -15.73 -11.79 28.07
N VAL B 16 -15.48 -12.94 28.68
CA VAL B 16 -14.57 -13.93 28.10
C VAL B 16 -15.24 -15.28 28.18
N GLN B 17 -16.53 -15.29 28.51
CA GLN B 17 -17.33 -16.49 28.62
C GLN B 17 -17.97 -16.80 27.27
N LEU B 18 -18.10 -18.08 26.97
CA LEU B 18 -18.76 -18.55 25.76
C LEU B 18 -19.99 -19.36 26.14
N PHE B 19 -21.12 -19.03 25.51
CA PHE B 19 -22.38 -19.68 25.78
C PHE B 19 -22.86 -20.40 24.54
N VAL B 20 -23.28 -21.65 24.69
CA VAL B 20 -23.80 -22.46 23.60
C VAL B 20 -25.07 -23.13 24.08
N GLU B 21 -26.18 -22.93 23.37
CA GLU B 21 -27.44 -23.53 23.77
C GLU B 21 -28.11 -24.21 22.58
N GLY B 22 -29.11 -25.03 22.92
CA GLY B 22 -29.87 -25.77 21.94
C GLY B 22 -30.91 -26.67 22.56
N HIS B 23 -31.19 -27.80 21.93
CA HIS B 23 -32.16 -28.74 22.46
C HIS B 23 -31.83 -30.12 21.92
N SER B 24 -32.40 -31.13 22.57
CA SER B 24 -32.16 -32.52 22.20
C SER B 24 -33.47 -33.22 21.90
N GLU B 25 -33.43 -34.11 20.91
CA GLU B 25 -34.56 -34.97 20.57
C GLU B 25 -34.26 -36.38 21.06
N ASN B 26 -35.24 -36.97 21.74
CA ASN B 26 -35.13 -38.34 22.25
C ASN B 26 -33.93 -38.48 23.18
N LEU B 27 -33.73 -37.51 24.06
CA LEU B 27 -32.63 -37.57 25.02
C LEU B 27 -33.05 -36.93 26.33
N ASP B 28 -32.47 -37.44 27.42
CA ASP B 28 -32.67 -36.90 28.75
C ASP B 28 -31.32 -36.38 29.23
N LEU B 29 -31.23 -35.06 29.40
CA LEU B 29 -29.98 -34.42 29.78
C LEU B 29 -29.83 -34.24 31.28
N GLU B 30 -30.76 -34.79 32.08
CA GLU B 30 -30.68 -34.59 33.52
C GLU B 30 -29.39 -35.16 34.10
N ASP B 31 -28.99 -36.34 33.63
CA ASP B 31 -27.74 -36.96 34.06
C ASP B 31 -26.63 -36.79 33.04
N SER B 32 -26.86 -36.02 31.98
CA SER B 32 -25.84 -35.83 30.96
C SER B 32 -24.85 -34.77 31.40
N ASN B 33 -23.58 -34.99 31.08
CA ASN B 33 -22.53 -34.04 31.38
C ASN B 33 -21.94 -33.58 30.05
N PHE B 34 -21.94 -32.27 29.84
CA PHE B 34 -21.37 -31.70 28.63
C PHE B 34 -19.88 -31.50 28.80
N VAL B 35 -19.12 -31.78 27.75
CA VAL B 35 -17.72 -31.39 27.68
C VAL B 35 -17.44 -30.82 26.29
N LEU B 36 -16.22 -30.34 26.11
CA LEU B 36 -15.76 -29.76 24.86
C LEU B 36 -14.36 -30.31 24.63
N ARG B 37 -14.28 -31.41 23.91
CA ARG B 37 -13.03 -32.11 23.64
C ARG B 37 -12.55 -31.76 22.24
N ASN B 38 -11.36 -32.24 21.91
CA ASN B 38 -10.80 -31.90 20.61
C ASN B 38 -10.98 -33.04 19.62
N LEU B 39 -10.49 -32.79 18.40
CA LEU B 39 -10.62 -33.76 17.32
C LEU B 39 -9.76 -34.99 17.56
N THR B 40 -8.60 -34.81 18.18
CA THR B 40 -7.60 -35.86 18.31
C THR B 40 -7.75 -36.68 19.58
N GLU B 41 -8.79 -36.44 20.38
CA GLU B 41 -9.07 -37.22 21.59
C GLU B 41 -7.93 -37.11 22.61
N THR B 42 -7.35 -35.92 22.71
CA THR B 42 -6.24 -35.69 23.62
C THR B 42 -6.57 -34.78 24.79
N ARG B 43 -7.34 -33.72 24.57
CA ARG B 43 -7.59 -32.70 25.57
C ARG B 43 -9.09 -32.52 25.70
N THR B 44 -9.65 -33.01 26.80
CA THR B 44 -11.09 -32.93 27.07
C THR B 44 -11.32 -32.06 28.28
N MET B 45 -12.26 -31.12 28.17
CA MET B 45 -12.56 -30.20 29.25
C MET B 45 -14.07 -30.06 29.39
N LYS B 46 -14.54 -30.04 30.64
CA LYS B 46 -15.96 -30.00 30.92
C LYS B 46 -16.50 -28.58 30.81
N ALA B 47 -17.82 -28.49 30.68
CA ALA B 47 -18.50 -27.21 30.76
C ALA B 47 -18.55 -26.74 32.21
N ASN B 48 -18.49 -25.42 32.39
CA ASN B 48 -18.47 -24.87 33.73
C ASN B 48 -19.80 -25.06 34.44
N ASP B 49 -20.91 -24.82 33.73
CA ASP B 49 -22.23 -25.16 34.26
C ASP B 49 -23.20 -25.27 33.10
N VAL B 50 -24.09 -26.25 33.18
CA VAL B 50 -25.10 -26.48 32.15
C VAL B 50 -26.47 -26.42 32.81
N LYS B 51 -27.31 -25.49 32.36
CA LYS B 51 -28.65 -25.35 32.90
C LYS B 51 -29.62 -26.16 32.05
N ILE B 52 -30.23 -27.17 32.66
CA ILE B 52 -31.15 -28.06 31.96
C ILE B 52 -32.57 -27.63 32.30
N ASP B 53 -33.29 -27.14 31.28
CA ASP B 53 -34.69 -26.76 31.42
C ASP B 53 -35.49 -27.66 30.49
N GLY B 54 -36.09 -28.71 31.05
CA GLY B 54 -36.78 -29.67 30.22
C GLY B 54 -35.81 -30.33 29.25
N ASN B 55 -36.15 -30.28 27.97
CA ASN B 55 -35.29 -30.79 26.92
C ASN B 55 -34.31 -29.74 26.41
N GLN B 56 -34.40 -28.51 26.88
CA GLN B 56 -33.48 -27.47 26.46
C GLN B 56 -32.28 -27.39 27.40
N PHE B 57 -31.24 -26.70 26.96
CA PHE B 57 -30.00 -26.60 27.73
C PHE B 57 -29.21 -25.38 27.27
N VAL B 58 -28.49 -24.78 28.21
CA VAL B 58 -27.52 -23.73 27.92
C VAL B 58 -26.21 -24.09 28.60
N CYS B 59 -25.10 -23.89 27.90
CA CYS B 59 -23.79 -24.29 28.37
C CYS B 59 -22.89 -23.07 28.44
N ARG B 60 -22.25 -22.86 29.59
CA ARG B 60 -21.36 -21.72 29.79
C ARG B 60 -19.93 -22.23 29.77
N PHE B 61 -19.16 -21.80 28.78
CA PHE B 61 -17.78 -22.23 28.59
C PHE B 61 -16.88 -21.02 28.82
N ASN B 62 -16.15 -21.03 29.92
CA ASN B 62 -15.24 -19.94 30.27
C ASN B 62 -13.90 -20.23 29.62
N VAL B 63 -13.60 -19.54 28.51
CA VAL B 63 -12.40 -19.87 27.75
C VAL B 63 -11.11 -19.47 28.44
N ALA B 64 -11.19 -18.79 29.58
CA ALA B 64 -10.00 -18.43 30.34
C ALA B 64 -9.70 -19.41 31.47
N ILE B 65 -10.54 -20.43 31.67
CA ILE B 65 -10.37 -21.36 32.78
C ILE B 65 -10.38 -22.83 32.35
N LEU B 66 -10.87 -23.17 31.16
CA LEU B 66 -11.20 -24.56 30.85
C LEU B 66 -10.00 -25.48 30.92
N ASP B 67 -8.88 -25.07 30.35
CA ASP B 67 -7.70 -25.94 30.26
C ASP B 67 -6.98 -25.96 31.60
N ASN B 68 -7.63 -26.58 32.59
CA ASN B 68 -7.09 -26.73 33.93
C ASN B 68 -6.66 -25.39 34.52
N GLY B 69 -7.50 -24.38 34.32
CA GLY B 69 -7.21 -23.05 34.82
C GLY B 69 -6.47 -22.14 33.86
N TYR B 70 -6.15 -22.61 32.67
CA TYR B 70 -5.50 -21.80 31.65
C TYR B 70 -6.42 -21.69 30.43
N TYR B 71 -6.00 -20.87 29.46
CA TYR B 71 -6.84 -20.58 28.30
C TYR B 71 -7.01 -21.83 27.44
N LEU B 72 -7.91 -21.72 26.47
CA LEU B 72 -8.09 -22.80 25.49
C LEU B 72 -6.93 -22.80 24.50
N PRO B 73 -6.12 -23.85 24.45
CA PRO B 73 -4.99 -23.84 23.53
C PRO B 73 -5.44 -23.96 22.09
N GLU B 74 -4.60 -23.45 21.18
CA GLU B 74 -4.94 -23.42 19.76
C GLU B 74 -5.12 -24.82 19.20
N ASP B 75 -6.35 -25.18 18.86
CA ASP B 75 -6.70 -26.47 18.29
C ASP B 75 -8.19 -26.43 18.00
N LYS B 76 -8.67 -27.36 17.17
CA LYS B 76 -10.08 -27.43 16.83
C LYS B 76 -10.78 -28.31 17.83
N TYR B 77 -11.93 -27.85 18.33
CA TYR B 77 -12.60 -28.47 19.45
C TYR B 77 -14.02 -28.87 19.07
N LEU B 78 -14.44 -30.04 19.55
CA LEU B 78 -15.68 -30.67 19.12
C LEU B 78 -16.59 -30.80 20.33
N LEU B 79 -17.71 -30.08 20.33
CA LEU B 79 -18.67 -30.18 21.42
C LEU B 79 -19.26 -31.58 21.47
N VAL B 80 -19.46 -32.11 22.67
CA VAL B 80 -19.91 -33.48 22.84
C VAL B 80 -20.56 -33.63 24.21
N ASN B 81 -21.63 -34.41 24.27
CA ASN B 81 -22.38 -34.68 25.49
C ASN B 81 -21.89 -35.99 26.06
N GLU B 82 -20.77 -35.93 26.77
CA GLU B 82 -20.13 -37.14 27.28
C GLU B 82 -21.02 -37.80 28.31
N GLN B 83 -21.52 -38.99 27.99
CA GLN B 83 -22.25 -39.84 28.92
C GLN B 83 -21.96 -41.28 28.52
N GLU B 84 -22.84 -42.20 28.94
CA GLU B 84 -22.66 -43.61 28.61
C GLU B 84 -22.42 -43.80 27.11
N LEU B 85 -23.18 -43.08 26.28
CA LEU B 85 -22.91 -43.00 24.84
C LEU B 85 -22.71 -41.54 24.50
N ASP B 86 -21.59 -41.21 23.87
CA ASP B 86 -21.32 -39.83 23.52
C ASP B 86 -22.16 -39.40 22.32
N TYR B 87 -22.68 -38.17 22.39
CA TYR B 87 -23.41 -37.58 21.29
C TYR B 87 -22.75 -36.25 20.93
N ILE B 88 -22.48 -36.05 19.64
CA ILE B 88 -21.80 -34.85 19.18
C ILE B 88 -22.85 -33.84 18.76
N ALA B 89 -22.64 -32.58 19.15
CA ALA B 89 -23.59 -31.52 18.83
C ALA B 89 -23.44 -31.11 17.37
N GLN B 90 -24.56 -31.05 16.67
CA GLN B 90 -24.61 -30.58 15.28
C GLN B 90 -25.40 -29.29 15.22
N LEU B 91 -24.91 -28.33 14.43
CA LEU B 91 -25.55 -27.02 14.32
C LEU B 91 -26.97 -27.17 13.80
N ASN B 92 -27.92 -26.54 14.49
CA ASN B 92 -29.31 -26.58 14.05
C ASN B 92 -29.47 -25.68 12.83
N PRO B 93 -30.03 -26.18 11.73
CA PRO B 93 -29.95 -25.44 10.45
C PRO B 93 -30.56 -24.05 10.46
N ASP B 94 -31.20 -23.59 11.54
CA ASP B 94 -31.65 -22.21 11.54
C ASP B 94 -30.49 -21.25 11.75
N VAL B 95 -29.39 -21.71 12.36
CA VAL B 95 -28.25 -20.83 12.62
C VAL B 95 -27.69 -20.31 11.30
N ILE B 96 -27.50 -21.21 10.33
CA ILE B 96 -27.07 -20.77 9.00
C ILE B 96 -28.21 -20.02 8.31
N ASN B 97 -29.45 -20.44 8.52
CA ASN B 97 -30.59 -19.75 7.92
C ASN B 97 -30.67 -18.31 8.42
N ASP B 98 -30.47 -18.10 9.72
CA ASP B 98 -30.52 -16.76 10.26
C ASP B 98 -29.41 -15.89 9.68
N ALA B 99 -28.22 -16.46 9.48
CA ALA B 99 -27.14 -15.70 8.85
C ALA B 99 -27.49 -15.34 7.42
N TYR B 100 -28.20 -16.23 6.72
CA TYR B 100 -28.46 -16.02 5.30
C TYR B 100 -29.33 -14.80 5.04
N GLN B 101 -30.17 -14.42 5.99
CA GLN B 101 -31.07 -13.30 5.81
C GLN B 101 -30.52 -11.99 6.34
N ASN B 102 -29.26 -11.96 6.78
CA ASN B 102 -28.72 -10.78 7.46
C ASN B 102 -27.38 -10.35 6.87
N LEU B 103 -27.16 -10.59 5.58
CA LEU B 103 -25.93 -10.15 4.94
C LEU B 103 -26.01 -8.70 4.52
N LYS B 104 -24.90 -7.99 4.66
CA LYS B 104 -24.77 -6.68 4.05
C LYS B 104 -24.43 -6.91 2.58
N PRO B 105 -25.26 -6.44 1.64
CA PRO B 105 -25.16 -6.93 0.25
C PRO B 105 -23.78 -6.87 -0.38
N GLU B 106 -22.79 -6.22 0.24
CA GLU B 106 -21.43 -6.34 -0.28
C GLU B 106 -20.91 -7.75 -0.07
N GLN B 107 -21.31 -8.39 1.03
CA GLN B 107 -20.94 -9.78 1.27
C GLN B 107 -21.57 -10.71 0.26
N GLU B 108 -22.81 -10.42 -0.15
CA GLU B 108 -23.52 -11.30 -1.08
C GLU B 108 -22.74 -11.49 -2.38
N GLU B 109 -21.90 -10.52 -2.74
CA GLU B 109 -21.02 -10.71 -3.88
C GLU B 109 -20.06 -11.87 -3.64
N GLU B 110 -19.45 -11.91 -2.45
CA GLU B 110 -18.44 -12.92 -2.19
C GLU B 110 -19.08 -14.29 -1.94
N TYR B 111 -20.25 -14.30 -1.31
CA TYR B 111 -20.95 -15.56 -1.07
C TYR B 111 -21.32 -16.27 -2.36
N ASN B 112 -21.32 -15.56 -3.49
CA ASN B 112 -21.68 -16.17 -4.76
C ASN B 112 -20.58 -17.03 -5.36
N GLU B 113 -19.32 -16.83 -4.98
CA GLU B 113 -18.21 -17.53 -5.63
C GLU B 113 -17.72 -18.76 -4.88
N LEU B 114 -18.46 -19.25 -3.89
CA LEU B 114 -18.11 -20.52 -3.28
C LEU B 114 -18.83 -21.67 -4.00
N GLU B 115 -18.18 -22.83 -4.02
CA GLU B 115 -18.70 -23.99 -4.72
C GLU B 115 -19.13 -25.12 -3.80
N THR B 116 -18.52 -25.24 -2.63
CA THR B 116 -18.81 -26.33 -1.71
C THR B 116 -19.77 -25.87 -0.63
N GLN B 117 -20.67 -26.78 -0.23
CA GLN B 117 -21.65 -26.46 0.80
C GLN B 117 -20.97 -26.15 2.14
N ASN B 118 -19.98 -26.95 2.51
CA ASN B 118 -19.31 -26.75 3.79
C ASN B 118 -18.60 -25.41 3.83
N GLY B 119 -17.95 -25.02 2.73
CA GLY B 119 -17.32 -23.72 2.68
C GLY B 119 -18.32 -22.58 2.80
N LYS B 120 -19.47 -22.73 2.15
CA LYS B 120 -20.52 -21.72 2.27
C LYS B 120 -20.99 -21.59 3.70
N ILE B 121 -21.24 -22.72 4.36
CA ILE B 121 -21.64 -22.69 5.76
C ILE B 121 -20.57 -22.02 6.60
N ASN B 122 -19.30 -22.30 6.29
CA ASN B 122 -18.21 -21.71 7.05
C ASN B 122 -18.17 -20.20 6.88
N PHE B 123 -18.49 -19.69 5.70
CA PHE B 123 -18.47 -18.24 5.51
C PHE B 123 -19.52 -17.56 6.38
N LEU B 124 -20.77 -18.04 6.32
CA LEU B 124 -21.84 -17.43 7.09
C LEU B 124 -21.65 -17.57 8.59
N LEU B 125 -20.75 -18.44 9.03
CA LEU B 125 -20.45 -18.59 10.44
C LEU B 125 -19.39 -17.61 10.93
N GLN B 126 -18.82 -16.81 10.03
CA GLN B 126 -17.87 -15.78 10.45
C GLN B 126 -18.55 -14.63 11.18
N THR B 127 -19.88 -14.54 11.13
CA THR B 127 -20.54 -13.47 11.87
C THR B 127 -20.49 -13.67 13.37
N TYR B 128 -20.14 -14.87 13.83
CA TYR B 128 -19.97 -15.15 15.25
C TYR B 128 -18.52 -15.07 15.69
N LEU B 129 -17.61 -14.68 14.80
CA LEU B 129 -16.20 -14.63 15.12
C LEU B 129 -15.94 -13.63 16.25
N LYS B 130 -15.17 -14.05 17.24
CA LYS B 130 -14.81 -13.22 18.37
C LYS B 130 -13.30 -13.07 18.43
N GLU B 131 -12.83 -11.83 18.50
CA GLU B 131 -11.41 -11.54 18.59
C GLU B 131 -11.12 -10.79 19.89
N PHE B 132 -10.15 -11.30 20.63
CA PHE B 132 -9.68 -10.64 21.84
C PHE B 132 -8.29 -10.10 21.55
N ARG B 133 -8.21 -8.81 21.23
CA ARG B 133 -6.95 -8.16 20.91
C ARG B 133 -6.32 -7.58 22.16
N LYS B 134 -5.01 -7.59 22.22
CA LYS B 134 -4.30 -7.04 23.38
C LYS B 134 -4.38 -5.51 23.31
N GLY B 135 -5.18 -4.93 24.20
CA GLY B 135 -5.38 -3.50 24.19
C GLY B 135 -6.40 -3.01 23.20
N GLY B 136 -6.99 -3.90 22.41
CA GLY B 136 -8.04 -3.52 21.48
C GLY B 136 -7.58 -2.94 20.17
N ILE B 137 -6.27 -2.81 19.96
CA ILE B 137 -5.78 -2.26 18.70
C ILE B 137 -4.73 -3.20 18.13
N SER B 138 -4.27 -4.14 18.93
CA SER B 138 -3.17 -5.01 18.51
C SER B 138 -3.58 -5.91 17.36
N LYS B 139 -2.69 -6.08 16.40
CA LYS B 139 -2.88 -7.02 15.31
C LYS B 139 -1.87 -8.15 15.32
N LYS B 140 -0.84 -8.06 16.16
CA LYS B 140 0.15 -9.12 16.28
C LYS B 140 -0.17 -10.09 17.41
N THR B 141 -1.13 -9.77 18.26
CA THR B 141 -1.48 -10.58 19.42
C THR B 141 -3.00 -10.69 19.50
N VAL B 142 -3.56 -11.71 18.85
CA VAL B 142 -5.00 -11.89 18.77
C VAL B 142 -5.35 -13.31 19.19
N TYR B 143 -6.42 -13.44 19.97
CA TYR B 143 -6.96 -14.73 20.37
C TYR B 143 -8.38 -14.82 19.83
N THR B 144 -8.55 -15.56 18.75
CA THR B 144 -9.81 -15.61 18.02
C THR B 144 -10.46 -16.97 18.19
N VAL B 145 -11.75 -16.96 18.54
CA VAL B 145 -12.56 -18.16 18.65
C VAL B 145 -13.65 -18.06 17.58
N THR B 146 -13.74 -19.07 16.73
CA THR B 146 -14.67 -19.03 15.61
C THR B 146 -15.41 -20.35 15.51
N PRO B 147 -16.73 -20.34 15.39
CA PRO B 147 -17.46 -21.58 15.13
C PRO B 147 -17.52 -21.85 13.64
N GLU B 148 -17.19 -23.08 13.24
CA GLU B 148 -17.16 -23.41 11.82
C GLU B 148 -17.35 -24.92 11.68
N ILE B 149 -17.73 -25.31 10.47
CA ILE B 149 -17.87 -26.72 10.12
C ILE B 149 -16.53 -27.24 9.65
N SER B 150 -16.05 -28.31 10.28
CA SER B 150 -14.75 -28.86 9.96
C SER B 150 -14.77 -29.51 8.59
N SER B 151 -13.77 -29.20 7.77
CA SER B 151 -13.65 -29.80 6.45
C SER B 151 -13.10 -31.22 6.52
N ASP B 152 -12.61 -31.65 7.67
CA ASP B 152 -12.02 -32.97 7.81
C ASP B 152 -12.81 -33.94 8.70
N VAL B 153 -13.83 -33.46 9.41
CA VAL B 153 -14.79 -34.35 10.05
C VAL B 153 -16.23 -34.09 9.59
N ASN B 154 -16.53 -32.92 9.03
CA ASN B 154 -17.87 -32.57 8.56
C ASN B 154 -18.84 -32.47 9.74
N GLU B 155 -18.36 -31.90 10.84
CA GLU B 155 -19.21 -31.55 11.97
C GLU B 155 -18.77 -30.22 12.54
N PHE B 156 -19.50 -29.78 13.58
CA PHE B 156 -19.27 -28.47 14.17
C PHE B 156 -18.04 -28.49 15.05
N VAL B 157 -17.18 -27.47 14.90
CA VAL B 157 -15.99 -27.31 15.71
C VAL B 157 -15.85 -25.84 16.11
N LEU B 158 -14.95 -25.61 17.07
CA LEU B 158 -14.64 -24.26 17.56
C LEU B 158 -13.14 -24.03 17.41
N ASP B 159 -12.74 -23.32 16.37
CA ASP B 159 -11.33 -23.09 16.09
C ASP B 159 -10.85 -21.93 16.94
N VAL B 160 -9.92 -22.21 17.85
CA VAL B 160 -9.28 -21.18 18.67
C VAL B 160 -7.90 -20.94 18.09
N VAL B 161 -7.64 -19.69 17.68
CA VAL B 161 -6.39 -19.33 17.02
C VAL B 161 -5.63 -18.38 17.93
N VAL B 162 -4.49 -18.83 18.45
CA VAL B 162 -3.61 -18.00 19.26
C VAL B 162 -2.50 -17.51 18.35
N THR B 163 -2.41 -16.19 18.16
CA THR B 163 -1.39 -15.60 17.32
C THR B 163 -0.62 -14.59 18.16
N THR B 164 0.59 -14.95 18.57
CA THR B 164 1.43 -14.12 19.41
C THR B 164 2.81 -13.98 18.77
N PRO B 165 3.47 -12.85 18.97
CA PRO B 165 4.81 -12.67 18.39
C PRO B 165 5.82 -13.65 18.98
N GLU B 166 6.81 -13.99 18.18
CA GLU B 166 7.87 -14.89 18.63
C GLU B 166 8.65 -14.24 19.77
N VAL B 167 8.90 -15.05 20.80
CA VAL B 167 9.58 -14.54 22.00
C VAL B 167 11.01 -14.16 21.64
N LYS B 168 11.41 -12.95 22.04
CA LYS B 168 12.75 -12.46 21.77
C LYS B 168 13.74 -13.16 22.69
N SER B 169 14.63 -13.96 22.10
CA SER B 169 15.59 -14.73 22.88
C SER B 169 16.81 -13.85 23.22
N ILE B 170 17.67 -14.38 24.09
CA ILE B 170 18.85 -13.64 24.53
C ILE B 170 19.84 -13.51 23.38
N TYR B 171 20.65 -12.45 23.42
CA TYR B 171 21.62 -12.22 22.35
C TYR B 171 22.62 -13.38 22.25
N ILE B 172 23.05 -13.92 23.38
CA ILE B 172 23.91 -15.09 23.37
C ILE B 172 23.18 -16.26 22.71
N VAL B 173 21.92 -16.47 23.08
CA VAL B 173 21.13 -17.53 22.48
C VAL B 173 20.95 -17.29 20.98
N ARG B 174 20.69 -16.03 20.61
CA ARG B 174 20.55 -15.70 19.19
C ARG B 174 21.82 -16.05 18.42
N LYS B 175 22.98 -15.66 18.95
CA LYS B 175 24.24 -15.94 18.28
C LYS B 175 24.47 -17.45 18.17
N TYR B 176 24.16 -18.19 19.25
CA TYR B 176 24.35 -19.63 19.22
C TYR B 176 23.46 -20.29 18.16
N LYS B 177 22.20 -19.86 18.07
CA LYS B 177 21.30 -20.43 17.08
C LYS B 177 21.74 -20.08 15.65
N GLU B 178 22.20 -18.84 15.43
CA GLU B 178 22.67 -18.47 14.10
C GLU B 178 23.90 -19.29 13.72
N LEU B 179 24.82 -19.48 14.67
CA LEU B 179 25.99 -20.30 14.38
C LEU B 179 25.59 -21.75 14.11
N ARG B 180 24.61 -22.27 14.85
CA ARG B 180 24.12 -23.62 14.61
C ARG B 180 23.54 -23.74 13.21
N LYS B 181 22.76 -22.74 12.79
CA LYS B 181 22.18 -22.79 11.45
C LYS B 181 23.25 -22.72 10.37
N TYR B 182 24.24 -21.86 10.56
CA TYR B 182 25.33 -21.77 9.58
C TYR B 182 26.10 -23.09 9.51
N PHE B 183 26.40 -23.68 10.66
CA PHE B 183 27.11 -24.95 10.67
C PHE B 183 26.27 -26.05 10.03
N ARG B 184 24.95 -26.03 10.27
CA ARG B 184 24.08 -27.01 9.65
C ARG B 184 24.12 -26.89 8.13
N LYS B 185 24.02 -25.66 7.63
CA LYS B 185 24.06 -25.46 6.19
C LYS B 185 25.40 -25.89 5.61
N GLN B 186 26.49 -25.56 6.30
CA GLN B 186 27.82 -25.96 5.82
C GLN B 186 27.95 -27.47 5.80
N SER B 187 27.45 -28.15 6.83
CA SER B 187 27.54 -29.60 6.89
C SER B 187 26.71 -30.23 5.78
N PHE B 188 25.50 -29.71 5.54
CA PHE B 188 24.67 -30.24 4.47
C PHE B 188 25.33 -30.05 3.12
N ASN B 189 25.94 -28.88 2.90
CA ASN B 189 26.65 -28.64 1.65
C ASN B 189 27.83 -29.60 1.50
N THR B 190 28.57 -29.83 2.58
CA THR B 190 29.71 -30.75 2.52
C THR B 190 29.25 -32.17 2.19
N ARG B 191 28.18 -32.62 2.84
CA ARG B 191 27.68 -33.96 2.58
C ARG B 191 27.18 -34.11 1.15
N GLN B 192 26.43 -33.12 0.66
CA GLN B 192 25.96 -33.17 -0.73
C GLN B 192 27.13 -33.17 -1.70
N PHE B 193 28.13 -32.33 -1.45
CA PHE B 193 29.28 -32.27 -2.34
C PHE B 193 30.01 -33.60 -2.37
N ILE B 194 30.19 -34.23 -1.20
CA ILE B 194 30.86 -35.52 -1.17
C ILE B 194 30.06 -36.56 -1.92
N PHE B 195 28.74 -36.58 -1.71
CA PHE B 195 27.87 -37.51 -2.41
C PHE B 195 28.02 -37.37 -3.92
N LYS B 196 27.86 -36.14 -4.42
CA LYS B 196 27.93 -35.91 -5.85
C LYS B 196 29.32 -36.21 -6.40
N ALA B 197 30.37 -35.85 -5.65
CA ALA B 197 31.73 -36.10 -6.11
C ALA B 197 31.99 -37.60 -6.25
N ILE B 198 31.58 -38.38 -5.26
CA ILE B 198 31.79 -39.82 -5.33
C ILE B 198 31.03 -40.41 -6.50
N PHE B 199 29.76 -40.04 -6.64
CA PHE B 199 28.95 -40.61 -7.71
C PHE B 199 29.51 -40.25 -9.07
N ASN B 200 29.89 -38.97 -9.26
CA ASN B 200 30.43 -38.53 -10.53
C ASN B 200 31.75 -39.22 -10.84
N THR B 201 32.61 -39.38 -9.83
CA THR B 201 33.90 -40.02 -10.06
C THR B 201 33.73 -41.46 -10.50
N THR B 202 32.83 -42.20 -9.83
CA THR B 202 32.68 -43.61 -10.22
C THR B 202 31.99 -43.73 -11.57
N LYS B 203 31.03 -42.85 -11.86
CA LYS B 203 30.40 -42.86 -13.18
C LYS B 203 31.42 -42.57 -14.28
N PHE B 204 32.31 -41.61 -14.03
CA PHE B 204 33.41 -41.36 -14.96
C PHE B 204 34.25 -42.61 -15.14
N PHE B 205 34.68 -43.22 -14.04
CA PHE B 205 35.65 -44.30 -14.14
C PHE B 205 35.08 -45.57 -14.75
N HIS B 206 33.76 -45.75 -14.75
CA HIS B 206 33.24 -47.01 -15.25
C HIS B 206 33.10 -47.02 -16.77
N LEU B 207 32.25 -46.15 -17.32
CA LEU B 207 32.13 -45.85 -18.76
C LEU B 207 31.65 -47.02 -19.61
N LYS B 208 31.40 -48.19 -19.04
CA LYS B 208 30.99 -49.35 -19.82
C LYS B 208 29.84 -50.07 -19.09
N LYS B 209 29.00 -50.74 -19.87
CA LYS B 209 27.82 -51.40 -19.33
C LYS B 209 28.23 -52.73 -18.70
N GLY B 210 28.12 -52.80 -17.37
CA GLY B 210 28.49 -53.99 -16.63
C GLY B 210 27.33 -54.91 -16.35
N ASN B 211 27.40 -55.59 -15.21
CA ASN B 211 26.36 -56.53 -14.80
C ASN B 211 26.07 -56.40 -13.31
N THR B 212 25.92 -55.17 -12.82
CA THR B 212 25.69 -54.93 -11.40
C THR B 212 24.32 -54.33 -11.17
N VAL B 213 23.54 -54.92 -10.26
CA VAL B 213 22.16 -54.54 -9.99
C VAL B 213 22.06 -54.04 -8.56
N LEU B 214 21.49 -52.86 -8.38
CA LEU B 214 21.31 -52.26 -7.06
C LEU B 214 19.84 -52.21 -6.71
N PHE B 215 19.48 -52.78 -5.55
CA PHE B 215 18.13 -52.71 -5.01
C PHE B 215 18.16 -51.71 -3.86
N THR B 216 17.64 -50.51 -4.10
CA THR B 216 17.72 -49.42 -3.14
C THR B 216 16.33 -48.97 -2.73
N SER B 217 16.19 -48.65 -1.44
CA SER B 217 14.92 -48.19 -0.90
C SER B 217 15.19 -47.41 0.37
N ASP B 218 14.78 -46.15 0.39
CA ASP B 218 14.84 -45.35 1.61
C ASP B 218 13.55 -45.41 2.41
N SER B 219 12.60 -46.27 2.02
CA SER B 219 11.33 -46.38 2.71
C SER B 219 11.16 -47.67 3.49
N ARG B 220 12.00 -48.67 3.26
CA ARG B 220 11.88 -49.94 3.96
C ARG B 220 13.25 -50.55 4.20
N PRO B 221 13.43 -51.28 5.30
CA PRO B 221 14.62 -52.09 5.47
C PRO B 221 14.45 -53.55 5.05
N THR B 222 15.57 -54.20 4.70
CA THR B 222 15.60 -55.62 4.33
C THR B 222 14.74 -55.95 3.11
N MET B 223 14.87 -57.18 2.64
CA MET B 223 14.22 -57.62 1.40
C MET B 223 12.72 -57.78 1.64
N SER B 224 11.93 -56.82 1.16
CA SER B 224 10.48 -56.93 1.33
C SER B 224 9.79 -56.10 0.27
N GLY B 225 8.54 -56.46 -0.01
CA GLY B 225 7.72 -55.74 -0.96
C GLY B 225 7.97 -56.14 -2.40
N ASN B 226 7.94 -55.14 -3.29
CA ASN B 226 8.12 -55.43 -4.72
C ASN B 226 9.50 -56.00 -5.00
N PHE B 227 10.51 -55.57 -4.25
CA PHE B 227 11.88 -56.02 -4.51
C PHE B 227 12.00 -57.52 -4.30
N GLU B 228 11.31 -58.06 -3.30
CA GLU B 228 11.51 -59.46 -2.93
C GLU B 228 11.05 -60.38 -4.04
N TYR B 229 9.92 -60.10 -4.67
CA TYR B 229 9.44 -60.97 -5.73
C TYR B 229 10.30 -60.84 -6.98
N ILE B 230 10.79 -59.63 -7.27
CA ILE B 230 11.71 -59.44 -8.39
C ILE B 230 12.99 -60.23 -8.15
N TYR B 231 13.53 -60.15 -6.93
CA TYR B 231 14.76 -60.87 -6.61
C TYR B 231 14.55 -62.38 -6.67
N ASN B 232 13.41 -62.85 -6.18
CA ASN B 232 13.12 -64.28 -6.22
C ASN B 232 12.97 -64.77 -7.66
N GLU B 233 12.34 -63.97 -8.51
CA GLU B 233 12.23 -64.34 -9.91
C GLU B 233 13.60 -64.35 -10.59
N MET B 234 14.44 -63.36 -10.26
CA MET B 234 15.80 -63.34 -10.80
C MET B 234 16.56 -64.58 -10.38
N LEU B 235 16.41 -64.99 -9.12
CA LEU B 235 17.06 -66.21 -8.66
C LEU B 235 16.53 -67.44 -9.40
N ARG B 236 15.22 -67.50 -9.61
CA ARG B 236 14.66 -68.66 -10.30
C ARG B 236 15.11 -68.72 -11.75
N GLN B 237 15.43 -67.57 -12.34
CA GLN B 237 15.94 -67.52 -13.71
C GLN B 237 17.46 -67.58 -13.75
N ASN B 238 18.11 -67.86 -12.63
CA ASN B 238 19.56 -68.00 -12.52
C ASN B 238 20.29 -66.71 -12.86
N LEU B 239 19.59 -65.58 -12.81
CA LEU B 239 20.23 -64.29 -13.06
C LEU B 239 21.18 -63.88 -11.95
N ASP B 240 21.17 -64.59 -10.81
CA ASP B 240 22.11 -64.28 -9.75
C ASP B 240 23.52 -64.75 -10.09
N LYS B 241 23.65 -65.73 -10.98
CA LYS B 241 24.97 -66.15 -11.42
C LYS B 241 25.58 -65.14 -12.39
N LYS B 242 24.76 -64.56 -13.27
CA LYS B 242 25.28 -63.62 -14.26
C LYS B 242 25.55 -62.26 -13.64
N TYR B 243 24.50 -61.61 -13.14
CA TYR B 243 24.65 -60.32 -12.50
C TYR B 243 24.98 -60.51 -11.02
N ASP B 244 25.75 -59.58 -10.47
CA ASP B 244 25.91 -59.51 -9.03
C ASP B 244 24.93 -58.51 -8.45
N ILE B 245 24.32 -58.87 -7.32
CA ILE B 245 23.17 -58.17 -6.79
C ILE B 245 23.60 -57.40 -5.54
N HIS B 246 23.26 -56.13 -5.50
CA HIS B 246 23.67 -55.24 -4.43
C HIS B 246 22.44 -54.58 -3.84
N THR B 247 22.52 -54.24 -2.55
CA THR B 247 21.41 -53.64 -1.83
C THR B 247 21.90 -52.46 -1.01
N VAL B 248 21.11 -51.39 -1.02
CA VAL B 248 21.28 -50.28 -0.08
C VAL B 248 19.90 -49.97 0.49
N PHE B 249 19.81 -49.90 1.82
CA PHE B 249 18.52 -49.79 2.47
C PHE B 249 18.57 -48.80 3.63
N LYS B 250 17.38 -48.35 4.02
CA LYS B 250 17.20 -47.45 5.16
C LYS B 250 15.79 -47.63 5.68
N ALA B 251 15.58 -47.30 6.96
CA ALA B 251 14.30 -47.61 7.60
C ALA B 251 13.18 -46.71 7.09
N ASN B 252 13.27 -45.41 7.37
CA ASN B 252 12.31 -44.45 6.86
C ASN B 252 13.03 -43.33 6.12
N ILE B 253 12.30 -42.28 5.76
CA ILE B 253 12.90 -41.20 4.98
C ILE B 253 13.74 -40.27 5.85
N THR B 254 13.62 -40.34 7.17
CA THR B 254 14.28 -39.39 8.06
C THR B 254 15.50 -39.96 8.76
N ASP B 255 15.61 -41.28 8.87
CA ASP B 255 16.76 -41.88 9.53
C ASP B 255 18.01 -41.74 8.66
N ARG B 256 19.14 -42.13 9.23
CA ARG B 256 20.43 -42.03 8.58
C ARG B 256 21.05 -43.41 8.43
N ARG B 257 21.63 -43.67 7.26
CA ARG B 257 22.33 -44.92 7.05
C ARG B 257 23.66 -44.91 7.79
N GLY B 258 24.19 -46.10 8.02
CA GLY B 258 25.52 -46.23 8.59
C GLY B 258 26.58 -45.67 7.67
N ILE B 259 27.80 -45.58 8.20
CA ILE B 259 28.91 -45.04 7.42
C ILE B 259 29.19 -45.91 6.20
N ILE B 260 29.14 -47.24 6.38
CA ILE B 260 29.43 -48.15 5.28
C ILE B 260 28.42 -47.94 4.14
N ASP B 261 27.13 -47.88 4.47
CA ASP B 261 26.14 -47.61 3.44
C ASP B 261 26.22 -46.18 2.94
N LYS B 262 26.67 -45.25 3.79
CA LYS B 262 26.86 -43.87 3.34
C LYS B 262 27.88 -43.82 2.21
N PHE B 263 28.94 -44.61 2.30
CA PHE B 263 29.91 -44.70 1.21
C PHE B 263 29.39 -45.56 0.06
N ARG B 264 28.63 -46.61 0.36
CA ARG B 264 28.23 -47.56 -0.68
C ARG B 264 27.20 -46.95 -1.62
N LEU B 265 26.32 -46.09 -1.12
CA LEU B 265 25.23 -45.61 -1.95
C LEU B 265 25.70 -44.83 -3.18
N PRO B 266 26.56 -43.82 -3.08
CA PRO B 266 26.96 -43.12 -4.31
C PRO B 266 27.80 -43.98 -5.25
N TYR B 267 28.73 -44.76 -4.70
CA TYR B 267 29.59 -45.57 -5.55
C TYR B 267 28.77 -46.62 -6.30
N LEU B 268 27.82 -47.26 -5.61
CA LEU B 268 26.96 -48.22 -6.27
C LEU B 268 26.01 -47.54 -7.24
N LEU B 269 25.55 -46.33 -6.92
CA LEU B 269 24.72 -45.59 -7.86
C LEU B 269 25.45 -45.36 -9.17
N GLY B 270 26.72 -44.95 -9.08
CA GLY B 270 27.51 -44.79 -10.30
C GLY B 270 27.78 -46.10 -11.01
N LYS B 271 28.15 -47.13 -10.26
CA LYS B 271 28.53 -48.39 -10.86
C LYS B 271 27.33 -49.18 -11.38
N ALA B 272 26.23 -49.20 -10.62
CA ALA B 272 25.10 -50.04 -10.99
C ALA B 272 24.42 -49.52 -12.25
N ASP B 273 24.18 -50.41 -13.20
CA ASP B 273 23.47 -50.04 -14.40
C ASP B 273 21.97 -50.33 -14.29
N TYR B 274 21.57 -51.25 -13.41
CA TYR B 274 20.17 -51.48 -13.10
C TYR B 274 19.94 -51.08 -11.65
N ILE B 275 18.96 -50.20 -11.42
CA ILE B 275 18.65 -49.69 -10.10
C ILE B 275 17.14 -49.77 -9.90
N PHE B 276 16.71 -50.27 -8.75
CA PHE B 276 15.30 -50.44 -8.44
C PHE B 276 14.94 -49.58 -7.24
N VAL B 277 13.89 -48.78 -7.37
CA VAL B 277 13.38 -47.97 -6.27
C VAL B 277 11.92 -48.30 -6.07
N ASP B 278 11.52 -48.51 -4.81
CA ASP B 278 10.16 -48.90 -4.47
C ASP B 278 9.30 -47.74 -4.02
N ASP B 279 9.89 -46.61 -3.66
CA ASP B 279 9.14 -45.44 -3.19
C ASP B 279 9.99 -44.22 -3.48
N PHE B 280 9.63 -43.10 -2.87
CA PHE B 280 10.37 -41.86 -3.04
C PHE B 280 11.78 -42.04 -2.49
N HIS B 281 12.78 -41.71 -3.31
CA HIS B 281 14.19 -41.90 -2.98
C HIS B 281 14.93 -40.59 -3.25
N PRO B 282 14.90 -39.66 -2.29
CA PRO B 282 15.32 -38.28 -2.60
C PRO B 282 16.76 -38.13 -3.02
N LEU B 283 17.62 -39.09 -2.68
CA LEU B 283 19.01 -39.01 -3.10
C LEU B 283 19.18 -39.41 -4.56
N ILE B 284 18.38 -40.36 -5.05
CA ILE B 284 18.55 -40.83 -6.42
C ILE B 284 18.15 -39.79 -7.44
N TYR B 285 17.49 -38.74 -7.00
CA TYR B 285 16.99 -37.73 -7.96
C TYR B 285 17.90 -36.52 -7.94
N THR B 286 18.94 -36.55 -7.12
CA THR B 286 19.88 -35.45 -7.03
C THR B 286 21.11 -35.64 -7.91
N VAL B 287 21.17 -36.73 -8.68
CA VAL B 287 22.30 -37.03 -9.53
C VAL B 287 21.80 -37.37 -10.92
N ARG B 288 22.68 -37.21 -11.90
CA ARG B 288 22.37 -37.49 -13.30
C ARG B 288 23.04 -38.80 -13.70
N PHE B 289 22.24 -39.75 -14.15
CA PHE B 289 22.74 -41.07 -14.52
C PHE B 289 23.12 -41.11 -15.99
N ARG B 290 24.09 -41.97 -16.30
CA ARG B 290 24.45 -42.21 -17.69
C ARG B 290 23.37 -43.04 -18.38
N ARG B 291 23.31 -42.92 -19.70
CA ARG B 291 22.24 -43.56 -20.46
C ARG B 291 22.30 -45.08 -20.35
N SER B 292 23.50 -45.64 -20.20
CA SER B 292 23.62 -47.10 -20.09
C SER B 292 22.92 -47.61 -18.84
N GLN B 293 22.79 -46.79 -17.81
CA GLN B 293 22.11 -47.21 -16.60
C GLN B 293 20.60 -47.24 -16.80
N GLU B 294 19.94 -48.17 -16.12
CA GLU B 294 18.49 -48.31 -16.15
C GLU B 294 17.98 -48.22 -14.72
N VAL B 295 17.45 -47.06 -14.36
CA VAL B 295 16.86 -46.85 -13.04
C VAL B 295 15.38 -47.20 -13.12
N ILE B 296 14.96 -48.12 -12.27
CA ILE B 296 13.63 -48.72 -12.32
C ILE B 296 12.86 -48.35 -11.07
N GLN B 297 11.61 -47.94 -11.25
CA GLN B 297 10.74 -47.56 -10.14
C GLN B 297 9.55 -48.50 -10.11
N VAL B 298 9.60 -49.47 -9.20
CA VAL B 298 8.45 -50.34 -8.97
C VAL B 298 7.67 -49.82 -7.76
N TRP B 299 6.64 -49.04 -8.04
CA TRP B 299 5.92 -48.35 -6.94
C TRP B 299 5.35 -49.38 -6.01
N ASN B 300 5.23 -49.05 -4.74
CA ASN B 300 4.57 -49.95 -3.77
C ASN B 300 3.10 -50.10 -4.13
N ALA B 301 2.37 -49.02 -4.13
CA ALA B 301 0.94 -49.14 -4.40
C ALA B 301 0.72 -49.62 -5.83
N VAL B 302 -0.52 -50.01 -6.13
CA VAL B 302 -0.80 -50.75 -7.35
C VAL B 302 -1.13 -49.85 -8.53
N GLY B 303 -2.24 -49.11 -8.43
CA GLY B 303 -2.77 -48.37 -9.55
C GLY B 303 -2.95 -46.90 -9.25
N ALA B 304 -3.49 -46.20 -10.24
CA ALA B 304 -3.65 -44.75 -10.18
C ALA B 304 -4.98 -44.43 -9.51
N PHE B 305 -4.93 -44.16 -8.21
CA PHE B 305 -6.08 -43.69 -7.45
C PHE B 305 -5.83 -42.28 -6.92
N LYS B 306 -4.71 -42.06 -6.26
CA LYS B 306 -4.41 -40.83 -5.56
C LYS B 306 -3.28 -40.11 -6.28
N THR B 307 -3.42 -38.79 -6.39
CA THR B 307 -2.47 -38.00 -7.15
C THR B 307 -1.08 -38.08 -6.55
N VAL B 308 -0.08 -38.27 -7.42
CA VAL B 308 1.30 -38.50 -7.01
C VAL B 308 2.21 -37.60 -7.83
N GLY B 309 3.17 -36.96 -7.17
CA GLY B 309 4.21 -36.26 -7.89
C GLY B 309 3.67 -35.07 -8.66
N PHE B 310 4.00 -35.01 -9.95
CA PHE B 310 3.64 -33.87 -10.77
C PHE B 310 2.14 -33.75 -10.97
N SER B 311 1.37 -34.78 -10.65
CA SER B 311 -0.09 -34.63 -10.67
C SER B 311 -0.57 -33.66 -9.61
N ARG B 312 0.24 -33.40 -8.58
CA ARG B 312 -0.10 -32.44 -7.55
C ARG B 312 0.54 -31.08 -7.77
N THR B 313 0.97 -30.79 -9.00
CA THR B 313 1.59 -29.51 -9.28
C THR B 313 0.57 -28.39 -9.13
N GLY B 314 0.98 -27.31 -8.49
CA GLY B 314 0.06 -26.22 -8.21
C GLY B 314 -0.86 -26.47 -7.06
N LYS B 315 -0.80 -27.66 -6.44
CA LYS B 315 -1.54 -27.98 -5.25
C LYS B 315 -0.59 -28.07 -4.07
N LYS B 316 -1.14 -27.95 -2.87
CA LYS B 316 -0.31 -27.94 -1.67
C LYS B 316 0.48 -29.23 -1.57
N GLY B 317 1.77 -29.11 -1.29
CA GLY B 317 2.62 -30.27 -1.13
C GLY B 317 3.01 -30.97 -2.41
N GLY B 318 2.97 -30.28 -3.55
CA GLY B 318 3.33 -30.88 -4.80
C GLY B 318 4.58 -30.28 -5.40
N PRO B 319 5.34 -31.08 -6.12
CA PRO B 319 6.56 -30.57 -6.76
C PRO B 319 6.24 -29.58 -7.87
N PHE B 320 7.16 -28.65 -8.08
CA PHE B 320 7.01 -27.71 -9.18
C PHE B 320 7.31 -28.40 -10.50
N ILE B 321 7.02 -27.71 -11.59
CA ILE B 321 7.12 -28.33 -12.91
C ILE B 321 8.56 -28.55 -13.32
N ASP B 322 9.52 -27.85 -12.71
CA ASP B 322 10.92 -28.02 -13.03
C ASP B 322 11.64 -28.95 -12.07
N SER B 323 10.93 -29.52 -11.11
CA SER B 323 11.57 -30.36 -10.11
C SER B 323 12.07 -31.65 -10.72
N LEU B 324 13.19 -32.14 -10.21
CA LEU B 324 13.77 -33.40 -10.63
C LEU B 324 13.31 -34.56 -9.74
N ASN B 325 12.15 -34.42 -9.10
CA ASN B 325 11.78 -35.32 -8.00
C ASN B 325 11.46 -36.73 -8.48
N HIS B 326 11.07 -36.91 -9.73
CA HIS B 326 10.81 -38.26 -10.22
C HIS B 326 11.30 -38.48 -11.64
N ARG B 327 12.13 -37.58 -12.18
CA ARG B 327 12.46 -37.63 -13.60
C ARG B 327 13.34 -38.81 -13.94
N SER B 328 14.37 -39.07 -13.14
CA SER B 328 15.35 -40.09 -13.46
C SER B 328 14.76 -41.48 -13.25
N TYR B 329 13.86 -41.85 -14.15
CA TYR B 329 13.33 -43.20 -14.25
C TYR B 329 13.42 -43.63 -15.70
N THR B 330 13.96 -44.82 -15.93
CA THR B 330 13.99 -45.38 -17.27
C THR B 330 12.89 -46.40 -17.51
N LYS B 331 12.51 -47.15 -16.48
CA LYS B 331 11.43 -48.12 -16.59
C LYS B 331 10.63 -48.09 -15.30
N ALA B 332 9.41 -47.55 -15.36
CA ALA B 332 8.47 -47.62 -14.26
C ALA B 332 7.39 -48.62 -14.63
N TYR B 333 7.08 -49.54 -13.72
CA TYR B 333 6.22 -50.67 -14.02
C TYR B 333 4.87 -50.49 -13.33
N VAL B 334 3.79 -50.71 -14.08
CA VAL B 334 2.43 -50.47 -13.63
C VAL B 334 1.60 -51.72 -13.87
N SER B 335 0.30 -51.63 -13.58
CA SER B 335 -0.58 -52.78 -13.57
C SER B 335 -1.55 -52.85 -14.73
N SER B 336 -1.87 -51.74 -15.39
CA SER B 336 -2.82 -51.76 -16.48
C SER B 336 -2.54 -50.61 -17.43
N GLU B 337 -3.03 -50.75 -18.67
CA GLU B 337 -2.84 -49.70 -19.67
C GLU B 337 -3.45 -48.37 -19.25
N THR B 338 -4.46 -48.41 -18.39
CA THR B 338 -5.07 -47.17 -17.91
C THR B 338 -4.10 -46.37 -17.04
N ASP B 339 -3.01 -46.99 -16.59
CA ASP B 339 -2.07 -46.35 -15.68
C ASP B 339 -0.93 -45.63 -16.39
N ILE B 340 -0.69 -45.93 -17.67
CA ILE B 340 0.47 -45.37 -18.35
C ILE B 340 0.44 -43.85 -18.40
N PRO B 341 -0.65 -43.20 -18.84
CA PRO B 341 -0.64 -41.73 -18.79
C PRO B 341 -0.61 -41.17 -17.39
N PHE B 342 -1.41 -41.70 -16.47
CA PHE B 342 -1.44 -41.17 -15.11
C PHE B 342 -0.08 -41.29 -14.45
N TYR B 343 0.50 -42.49 -14.45
CA TYR B 343 1.77 -42.69 -13.75
C TYR B 343 2.92 -42.02 -14.48
N ALA B 344 2.88 -42.00 -15.82
CA ALA B 344 3.90 -41.28 -16.57
C ALA B 344 3.91 -39.80 -16.21
N GLU B 345 2.72 -39.20 -16.10
CA GLU B 345 2.64 -37.81 -15.68
C GLU B 345 3.04 -37.65 -14.22
N ALA B 346 2.75 -38.66 -13.40
CA ALA B 346 3.13 -38.60 -12.00
C ALA B 346 4.65 -38.53 -11.85
N PHE B 347 5.36 -39.39 -12.58
CA PHE B 347 6.82 -39.42 -12.48
C PHE B 347 7.52 -38.41 -13.37
N GLY B 348 6.80 -37.79 -14.31
CA GLY B 348 7.45 -36.88 -15.23
C GLY B 348 8.44 -37.56 -16.15
N ILE B 349 8.13 -38.77 -16.60
CA ILE B 349 8.99 -39.49 -17.53
C ILE B 349 8.22 -39.68 -18.83
N LYS B 350 8.85 -40.27 -19.83
CA LYS B 350 8.15 -40.50 -21.10
C LYS B 350 6.98 -41.45 -20.86
N GLU B 351 6.16 -41.60 -21.90
CA GLU B 351 5.10 -42.60 -21.80
C GLU B 351 5.55 -43.98 -22.23
N LYS B 352 6.70 -44.08 -22.91
CA LYS B 352 7.28 -45.39 -23.21
C LYS B 352 7.96 -46.02 -22.01
N ASN B 353 8.53 -45.19 -21.13
CA ASN B 353 9.21 -45.70 -19.94
C ASN B 353 8.28 -46.45 -19.01
N VAL B 354 6.98 -46.15 -19.04
CA VAL B 354 6.00 -46.80 -18.19
C VAL B 354 5.41 -47.97 -18.97
N VAL B 355 5.71 -49.19 -18.56
CA VAL B 355 5.29 -50.39 -19.25
C VAL B 355 4.36 -51.19 -18.33
N PRO B 356 3.27 -51.76 -18.84
CA PRO B 356 2.32 -52.54 -18.02
C PRO B 356 2.61 -54.03 -17.89
N THR B 357 3.53 -54.39 -17.00
CA THR B 357 3.76 -55.79 -16.69
C THR B 357 3.06 -56.27 -15.44
N GLY B 358 2.46 -55.37 -14.66
CA GLY B 358 1.83 -55.76 -13.42
C GLY B 358 2.75 -55.60 -12.23
N VAL B 359 2.22 -55.12 -11.12
CA VAL B 359 3.05 -54.90 -9.93
C VAL B 359 3.52 -56.25 -9.41
N PRO B 360 4.82 -56.41 -9.12
CA PRO B 360 5.32 -57.73 -8.67
C PRO B 360 4.65 -58.24 -7.41
N ARG B 361 4.27 -57.34 -6.49
CA ARG B 361 3.69 -57.78 -5.23
C ARG B 361 2.34 -58.47 -5.41
N THR B 362 1.69 -58.28 -6.55
CA THR B 362 0.38 -58.85 -6.79
C THR B 362 0.44 -60.23 -7.43
N ASP B 363 1.51 -60.98 -7.20
CA ASP B 363 1.55 -62.35 -7.68
C ASP B 363 0.99 -63.33 -6.66
N VAL B 364 1.01 -62.96 -5.37
CA VAL B 364 0.47 -63.83 -4.34
C VAL B 364 -1.04 -63.93 -4.44
N LEU B 365 -1.70 -62.88 -4.93
CA LEU B 365 -3.15 -62.84 -4.95
C LEU B 365 -3.75 -63.76 -6.00
N PHE B 366 -2.95 -64.32 -6.90
CA PHE B 366 -3.45 -65.16 -7.97
C PHE B 366 -3.02 -66.62 -7.81
N ASP B 367 -2.57 -67.00 -6.62
CA ASP B 367 -2.16 -68.37 -6.32
C ASP B 367 -3.09 -68.96 -5.29
N GLU B 368 -3.64 -70.15 -5.58
CA GLU B 368 -4.60 -70.77 -4.68
C GLU B 368 -3.93 -71.37 -3.45
N ALA B 369 -2.73 -71.94 -3.63
CA ALA B 369 -2.05 -72.56 -2.50
C ALA B 369 -1.70 -71.54 -1.41
N TYR B 370 -1.19 -70.38 -1.83
CA TYR B 370 -0.88 -69.33 -0.84
C TYR B 370 -2.15 -68.85 -0.16
N ALA B 371 -3.24 -68.74 -0.91
CA ALA B 371 -4.51 -68.35 -0.32
C ALA B 371 -4.96 -69.33 0.75
N THR B 372 -4.87 -70.63 0.44
CA THR B 372 -5.27 -71.64 1.42
C THR B 372 -4.38 -71.60 2.65
N GLN B 373 -3.07 -71.48 2.45
CA GLN B 373 -2.15 -71.46 3.57
C GLN B 373 -2.39 -70.26 4.47
N ILE B 374 -2.60 -69.09 3.87
CA ILE B 374 -2.78 -67.90 4.69
C ILE B 374 -4.16 -67.89 5.31
N LYS B 375 -5.15 -68.50 4.67
CA LYS B 375 -6.45 -68.68 5.30
C LYS B 375 -6.33 -69.50 6.57
N GLN B 376 -5.62 -70.62 6.49
CA GLN B 376 -5.44 -71.46 7.68
C GLN B 376 -4.66 -70.71 8.75
N GLU B 377 -3.62 -69.96 8.35
CA GLU B 377 -2.85 -69.21 9.33
C GLU B 377 -3.70 -68.18 10.04
N MET B 378 -4.51 -67.43 9.29
CA MET B 378 -5.35 -66.41 9.91
C MET B 378 -6.40 -67.03 10.81
N GLU B 379 -6.99 -68.16 10.39
CA GLU B 379 -7.96 -68.84 11.23
C GLU B 379 -7.32 -69.29 12.54
N ASP B 380 -6.10 -69.83 12.47
CA ASP B 380 -5.43 -70.29 13.68
C ASP B 380 -5.08 -69.12 14.59
N GLU B 381 -4.57 -68.03 14.02
CA GLU B 381 -4.08 -66.93 14.86
C GLU B 381 -5.21 -66.08 15.42
N LEU B 382 -6.31 -65.93 14.67
CA LEU B 382 -7.44 -65.09 15.09
C LEU B 382 -8.70 -65.95 15.07
N PRO B 383 -9.01 -66.62 16.17
CA PRO B 383 -10.17 -67.53 16.18
C PRO B 383 -11.50 -66.82 16.03
N ILE B 384 -11.56 -65.49 16.21
CA ILE B 384 -12.83 -64.80 16.19
C ILE B 384 -13.44 -64.76 14.78
N ILE B 385 -12.64 -65.02 13.74
CA ILE B 385 -13.11 -64.87 12.36
C ILE B 385 -13.96 -66.04 11.90
N LYS B 386 -14.20 -67.04 12.75
CA LYS B 386 -14.94 -68.22 12.33
C LYS B 386 -16.43 -67.94 12.15
N GLY B 387 -16.87 -66.69 12.27
CA GLY B 387 -18.26 -66.36 12.02
C GLY B 387 -18.64 -66.50 10.56
N LYS B 388 -19.78 -65.90 10.19
CA LYS B 388 -20.26 -66.01 8.82
C LYS B 388 -19.61 -65.00 7.89
N LYS B 389 -19.68 -63.72 8.23
CA LYS B 389 -19.15 -62.65 7.41
C LYS B 389 -18.06 -61.89 8.17
N VAL B 390 -17.07 -61.43 7.45
CA VAL B 390 -15.94 -60.71 8.02
C VAL B 390 -15.84 -59.36 7.34
N ILE B 391 -15.79 -58.29 8.14
CA ILE B 391 -15.76 -56.94 7.62
C ILE B 391 -14.47 -56.27 8.08
N LEU B 392 -13.79 -55.61 7.16
CA LEU B 392 -12.53 -54.93 7.41
C LEU B 392 -12.75 -53.44 7.20
N PHE B 393 -12.27 -52.63 8.13
CA PHE B 393 -12.55 -51.20 8.20
C PHE B 393 -11.23 -50.45 8.19
N ALA B 394 -10.73 -50.09 7.02
CA ALA B 394 -9.41 -49.48 6.88
C ALA B 394 -9.45 -48.18 6.07
N PRO B 395 -9.99 -47.11 6.64
CA PRO B 395 -9.88 -45.80 5.99
C PRO B 395 -8.45 -45.31 6.00
N THR B 396 -8.17 -44.37 5.10
CA THR B 396 -6.82 -43.85 4.94
C THR B 396 -6.55 -42.81 6.03
N PHE B 397 -5.42 -42.12 5.93
CA PHE B 397 -4.94 -41.17 6.93
C PHE B 397 -5.66 -39.84 6.92
N ARG B 398 -6.82 -39.71 6.26
CA ARG B 398 -7.50 -38.42 6.20
C ARG B 398 -7.81 -37.91 7.61
N GLY B 399 -7.60 -36.61 7.81
CA GLY B 399 -7.77 -36.00 9.10
C GLY B 399 -6.67 -35.02 9.43
N SER B 400 -5.46 -35.29 8.95
CA SER B 400 -4.31 -34.40 9.14
C SER B 400 -3.20 -34.85 8.19
N GLY B 401 -2.03 -34.25 8.32
CA GLY B 401 -0.87 -34.63 7.55
C GLY B 401 0.01 -35.65 8.23
N HIS B 402 -0.58 -36.80 8.59
CA HIS B 402 0.08 -37.95 9.20
C HIS B 402 0.58 -37.69 10.60
N GLY B 403 0.45 -36.47 11.12
CA GLY B 403 0.94 -36.16 12.45
C GLY B 403 -0.14 -36.26 13.50
N THR B 404 -1.29 -35.65 13.24
CA THR B 404 -2.42 -35.65 14.14
C THR B 404 -3.68 -36.19 13.45
N ALA B 405 -3.49 -37.18 12.57
CA ALA B 405 -4.62 -37.74 11.85
C ALA B 405 -5.53 -38.52 12.79
N HIS B 406 -6.82 -38.49 12.48
CA HIS B 406 -7.84 -39.04 13.36
C HIS B 406 -8.95 -39.62 12.51
N TYR B 407 -9.89 -40.29 13.16
CA TYR B 407 -11.04 -40.86 12.50
C TYR B 407 -12.26 -40.69 13.39
N PRO B 408 -13.39 -40.21 12.86
CA PRO B 408 -14.55 -39.95 13.71
C PRO B 408 -15.33 -41.21 14.05
N PHE B 409 -14.80 -41.98 14.99
CA PHE B 409 -15.50 -43.18 15.44
C PHE B 409 -16.83 -42.86 16.12
N PHE B 410 -17.00 -41.63 16.60
CA PHE B 410 -18.28 -41.22 17.17
C PHE B 410 -19.40 -41.20 16.15
N LYS B 411 -19.06 -41.18 14.85
CA LYS B 411 -20.08 -41.36 13.82
C LYS B 411 -20.59 -42.79 13.75
N ILE B 412 -19.97 -43.72 14.46
CA ILE B 412 -20.29 -45.13 14.37
C ILE B 412 -21.29 -45.50 15.45
N ASP B 413 -22.53 -45.78 15.03
CA ASP B 413 -23.55 -46.26 15.95
C ASP B 413 -23.29 -47.71 16.30
N PHE B 414 -22.57 -47.94 17.40
CA PHE B 414 -22.02 -49.27 17.66
C PHE B 414 -23.11 -50.29 17.95
N GLU B 415 -24.17 -49.88 18.67
CA GLU B 415 -25.21 -50.83 19.02
C GLU B 415 -25.93 -51.36 17.79
N ARG B 416 -26.25 -50.49 16.84
CA ARG B 416 -26.94 -50.92 15.63
C ARG B 416 -26.05 -51.83 14.79
N LEU B 417 -24.76 -51.50 14.69
CA LEU B 417 -23.83 -52.36 13.96
C LEU B 417 -23.70 -53.72 14.62
N ALA B 418 -23.69 -53.74 15.95
CA ALA B 418 -23.66 -55.01 16.66
C ALA B 418 -24.91 -55.84 16.38
N ARG B 419 -26.07 -55.18 16.37
CA ARG B 419 -27.31 -55.90 16.07
C ARG B 419 -27.28 -56.47 14.65
N TYR B 420 -26.80 -55.68 13.70
CA TYR B 420 -26.64 -56.16 12.33
C TYR B 420 -25.71 -57.37 12.27
N CYS B 421 -24.61 -57.33 13.03
CA CYS B 421 -23.70 -58.46 13.10
C CYS B 421 -24.42 -59.68 13.66
N GLU B 422 -25.23 -59.50 14.69
CA GLU B 422 -25.95 -60.61 15.29
C GLU B 422 -26.89 -61.24 14.28
N LYS B 423 -27.59 -60.41 13.52
CA LYS B 423 -28.52 -60.95 12.53
C LYS B 423 -27.81 -61.53 11.31
N ASN B 424 -26.48 -61.55 11.29
CA ASN B 424 -25.75 -62.12 10.18
C ASN B 424 -24.53 -62.93 10.58
N ASN B 425 -24.26 -63.09 11.88
CA ASN B 425 -23.06 -63.75 12.39
C ASN B 425 -21.80 -63.15 11.77
N ALA B 426 -21.74 -61.82 11.79
CA ALA B 426 -20.64 -61.08 11.19
C ALA B 426 -19.69 -60.57 12.25
N VAL B 427 -18.40 -60.69 11.98
CA VAL B 427 -17.34 -60.20 12.87
C VAL B 427 -16.60 -59.10 12.14
N VAL B 428 -16.42 -57.96 12.82
CA VAL B 428 -15.87 -56.76 12.20
C VAL B 428 -14.51 -56.45 12.80
N LEU B 429 -13.59 -56.04 11.94
CA LEU B 429 -12.23 -55.73 12.34
C LEU B 429 -11.88 -54.32 11.87
N PHE B 430 -10.90 -53.72 12.53
CA PHE B 430 -10.51 -52.34 12.25
C PHE B 430 -9.00 -52.29 12.04
N LYS B 431 -8.58 -52.30 10.79
CA LYS B 431 -7.16 -52.05 10.48
C LYS B 431 -7.02 -50.55 10.23
N MET B 432 -6.93 -49.82 11.34
CA MET B 432 -6.82 -48.38 11.27
C MET B 432 -5.37 -48.00 11.03
N HIS B 433 -5.16 -47.00 10.19
CA HIS B 433 -3.82 -46.69 9.71
C HIS B 433 -2.93 -46.28 10.87
N PRO B 434 -1.67 -46.76 10.91
CA PRO B 434 -0.77 -46.41 12.02
C PRO B 434 -0.74 -44.91 12.30
N PHE B 435 -0.97 -44.11 11.26
CA PHE B 435 -1.07 -42.67 11.43
C PHE B 435 -2.47 -42.30 11.91
N VAL B 436 -2.85 -42.77 13.09
CA VAL B 436 -4.11 -42.40 13.72
C VAL B 436 -3.85 -42.18 15.20
N LYS B 437 -4.36 -41.08 15.75
CA LYS B 437 -4.16 -40.75 17.15
C LYS B 437 -5.36 -41.04 18.03
N ASN B 438 -6.50 -41.38 17.44
CA ASN B 438 -7.73 -41.65 18.17
C ASN B 438 -8.01 -43.15 18.09
N ARG B 439 -7.43 -43.90 19.01
CA ARG B 439 -7.60 -45.34 19.01
C ARG B 439 -9.01 -45.71 19.44
N LEU B 440 -9.63 -46.64 18.72
CA LEU B 440 -11.00 -47.00 19.00
C LEU B 440 -11.12 -47.70 20.34
N ASN B 441 -12.11 -47.29 21.13
CA ASN B 441 -12.39 -47.87 22.44
C ASN B 441 -13.63 -48.74 22.28
N ILE B 442 -13.40 -50.01 21.96
CA ILE B 442 -14.51 -50.94 21.72
C ILE B 442 -15.02 -51.47 23.05
N ALA B 443 -16.34 -51.45 23.22
CA ALA B 443 -16.96 -51.83 24.49
C ALA B 443 -16.85 -53.33 24.70
N ASP B 444 -17.11 -53.78 25.94
CA ASP B 444 -16.99 -55.18 26.29
C ASP B 444 -17.97 -56.06 25.54
N LYS B 445 -19.23 -55.66 25.42
CA LYS B 445 -20.18 -56.44 24.64
C LYS B 445 -19.82 -56.51 23.17
N HIS B 446 -18.96 -55.62 22.69
CA HIS B 446 -18.53 -55.64 21.30
C HIS B 446 -17.22 -56.39 21.10
N LYS B 447 -16.55 -56.82 22.18
CA LYS B 447 -15.39 -57.68 22.04
C LYS B 447 -15.70 -58.93 21.24
N GLN B 448 -16.92 -59.44 21.35
CA GLN B 448 -17.28 -60.67 20.67
C GLN B 448 -17.46 -60.46 19.17
N TYR B 449 -17.66 -59.21 18.76
CA TYR B 449 -18.01 -58.89 17.37
C TYR B 449 -17.09 -57.83 16.76
N PHE B 450 -16.20 -57.22 17.54
CA PHE B 450 -15.26 -56.24 17.02
C PHE B 450 -13.85 -56.57 17.50
N VAL B 451 -12.87 -56.37 16.61
CA VAL B 451 -11.46 -56.57 16.94
C VAL B 451 -10.66 -55.44 16.33
N ASP B 452 -9.50 -55.15 16.92
CA ASP B 452 -8.52 -54.23 16.34
C ASP B 452 -7.39 -55.10 15.78
N VAL B 453 -7.08 -54.91 14.50
CA VAL B 453 -6.05 -55.69 13.84
C VAL B 453 -4.99 -54.76 13.28
N SER B 454 -4.75 -53.65 13.96
CA SER B 454 -3.70 -52.73 13.53
C SER B 454 -2.32 -53.38 13.50
N ASP B 455 -2.10 -54.42 14.30
CA ASP B 455 -0.83 -55.13 14.33
C ASP B 455 -1.06 -56.59 13.97
N PHE B 456 -1.14 -56.88 12.67
CA PHE B 456 -0.97 -58.22 12.15
C PHE B 456 0.23 -58.21 11.21
N ARG B 457 0.13 -57.33 10.20
CA ARG B 457 1.15 -57.14 9.18
C ARG B 457 0.69 -55.97 8.32
N GLU B 458 1.42 -55.67 7.24
CA GLU B 458 0.83 -54.87 6.17
C GLU B 458 -0.41 -55.58 5.66
N VAL B 459 -1.47 -54.83 5.44
CA VAL B 459 -2.77 -55.48 5.26
C VAL B 459 -2.86 -56.03 3.85
N ASN B 460 -2.35 -57.26 3.68
CA ASN B 460 -2.58 -58.08 2.51
C ASN B 460 -2.89 -59.52 2.88
N ASP B 461 -2.63 -59.92 4.11
CA ASP B 461 -3.01 -61.22 4.63
C ASP B 461 -4.38 -61.22 5.30
N ILE B 462 -4.81 -60.08 5.86
CA ILE B 462 -6.18 -59.97 6.32
C ILE B 462 -7.14 -59.93 5.14
N LEU B 463 -6.68 -59.42 4.00
CA LEU B 463 -7.55 -59.31 2.84
C LEU B 463 -8.00 -60.67 2.34
N PHE B 464 -7.26 -61.73 2.66
CA PHE B 464 -7.58 -63.04 2.11
C PHE B 464 -8.83 -63.63 2.74
N ILE B 465 -9.20 -63.19 3.94
CA ILE B 465 -10.38 -63.70 4.63
C ILE B 465 -11.54 -62.73 4.63
N THR B 466 -11.33 -61.48 4.22
CA THR B 466 -12.36 -60.46 4.31
C THR B 466 -13.53 -60.81 3.39
N ASP B 467 -14.74 -60.45 3.84
CA ASP B 467 -15.94 -60.58 3.03
C ASP B 467 -16.63 -59.25 2.78
N LEU B 468 -16.10 -58.15 3.31
CA LEU B 468 -16.61 -56.82 3.00
C LEU B 468 -15.60 -55.79 3.49
N LEU B 469 -15.23 -54.86 2.63
CA LEU B 469 -14.23 -53.85 2.95
C LEU B 469 -14.88 -52.49 3.00
N ILE B 470 -14.73 -51.79 4.12
CA ILE B 470 -15.24 -50.44 4.29
C ILE B 470 -14.03 -49.53 4.40
N SER B 471 -13.60 -49.00 3.25
CA SER B 471 -12.51 -48.05 3.19
C SER B 471 -12.98 -46.81 2.46
N ASP B 472 -12.15 -45.78 2.48
CA ASP B 472 -12.54 -44.50 1.91
C ASP B 472 -11.73 -44.08 0.69
N TYR B 473 -10.40 -43.99 0.80
CA TYR B 473 -9.60 -43.57 -0.35
C TYR B 473 -8.33 -44.38 -0.50
N SER B 474 -8.21 -45.51 0.20
CA SER B 474 -6.99 -46.29 0.18
C SER B 474 -6.81 -47.03 -1.14
N SER B 475 -5.62 -47.55 -1.36
CA SER B 475 -5.35 -48.35 -2.54
C SER B 475 -5.72 -49.82 -2.34
N LEU B 476 -6.28 -50.18 -1.18
CA LEU B 476 -6.68 -51.56 -0.96
C LEU B 476 -7.81 -51.99 -1.90
N ILE B 477 -8.57 -51.04 -2.43
CA ILE B 477 -9.67 -51.38 -3.32
C ILE B 477 -9.13 -52.04 -4.59
N TYR B 478 -7.87 -51.78 -4.93
CA TYR B 478 -7.23 -52.48 -6.03
C TYR B 478 -6.89 -53.91 -5.65
N GLU B 479 -6.20 -54.08 -4.52
CA GLU B 479 -5.70 -55.40 -4.15
C GLU B 479 -6.82 -56.29 -3.62
N TYR B 480 -7.80 -55.73 -2.92
CA TYR B 480 -8.93 -56.52 -2.47
C TYR B 480 -9.83 -56.92 -3.62
N ALA B 481 -9.82 -56.17 -4.72
CA ALA B 481 -10.72 -56.48 -5.83
C ALA B 481 -10.39 -57.82 -6.48
N VAL B 482 -9.17 -58.33 -6.29
CA VAL B 482 -8.75 -59.54 -7.00
C VAL B 482 -9.63 -60.71 -6.63
N PHE B 483 -10.20 -60.70 -5.43
CA PHE B 483 -11.01 -61.82 -4.97
C PHE B 483 -12.46 -61.73 -5.42
N LYS B 484 -12.83 -60.67 -6.14
CA LYS B 484 -14.19 -60.50 -6.67
C LYS B 484 -15.22 -60.50 -5.55
N LYS B 485 -15.01 -59.62 -4.58
CA LYS B 485 -15.79 -59.55 -3.36
C LYS B 485 -16.30 -58.14 -3.13
N PRO B 486 -17.40 -57.97 -2.40
CA PRO B 486 -17.99 -56.64 -2.23
C PRO B 486 -17.10 -55.71 -1.41
N MET B 487 -17.28 -54.41 -1.65
CA MET B 487 -16.66 -53.38 -0.83
C MET B 487 -17.56 -52.16 -0.84
N ILE B 488 -17.71 -51.52 0.32
CA ILE B 488 -18.59 -50.38 0.51
C ILE B 488 -17.74 -49.22 1.00
N PHE B 489 -17.91 -48.06 0.37
CA PHE B 489 -17.08 -46.90 0.68
C PHE B 489 -17.82 -45.96 1.61
N TYR B 490 -17.05 -45.23 2.42
CA TYR B 490 -17.57 -44.45 3.54
C TYR B 490 -16.98 -43.05 3.53
N ALA B 491 -17.04 -42.37 2.39
CA ALA B 491 -16.54 -41.01 2.25
C ALA B 491 -17.62 -40.05 2.73
N PHE B 492 -17.72 -39.89 4.05
CA PHE B 492 -18.72 -38.99 4.62
C PHE B 492 -18.40 -37.53 4.34
N ASP B 493 -17.14 -37.23 4.06
CA ASP B 493 -16.72 -35.85 3.77
C ASP B 493 -16.15 -35.79 2.36
N LEU B 494 -16.88 -36.37 1.40
CA LEU B 494 -16.34 -36.60 0.07
C LEU B 494 -15.92 -35.30 -0.62
N GLU B 495 -16.83 -34.33 -0.67
CA GLU B 495 -16.57 -33.11 -1.43
C GLU B 495 -15.39 -32.34 -0.86
N ASP B 496 -15.28 -32.30 0.47
CA ASP B 496 -14.15 -31.64 1.09
C ASP B 496 -12.84 -32.32 0.71
N TYR B 497 -12.83 -33.64 0.65
CA TYR B 497 -11.60 -34.34 0.31
C TYR B 497 -11.25 -34.16 -1.16
N ILE B 498 -12.26 -34.11 -2.03
CA ILE B 498 -12.02 -33.81 -3.44
C ILE B 498 -11.40 -32.43 -3.57
N THR B 499 -11.90 -31.46 -2.83
CA THR B 499 -11.30 -30.13 -2.83
C THR B 499 -9.87 -30.18 -2.31
N THR B 500 -9.63 -30.96 -1.25
CA THR B 500 -8.30 -31.03 -0.65
C THR B 500 -7.28 -31.64 -1.60
N ARG B 501 -7.59 -32.82 -2.15
CA ARG B 501 -6.70 -33.48 -3.09
C ARG B 501 -7.52 -34.32 -4.05
N ASP B 502 -7.10 -34.36 -5.31
CA ASP B 502 -7.88 -34.95 -6.37
C ASP B 502 -7.45 -36.39 -6.61
N PHE B 503 -8.30 -37.13 -7.34
CA PHE B 503 -7.98 -38.46 -7.80
C PHE B 503 -7.84 -38.45 -9.32
N TYR B 504 -7.16 -39.47 -9.85
CA TYR B 504 -6.93 -39.53 -11.29
C TYR B 504 -8.22 -39.73 -12.07
N GLU B 505 -9.22 -40.31 -11.45
CA GLU B 505 -10.55 -40.40 -12.04
C GLU B 505 -11.57 -39.87 -11.04
N PRO B 506 -12.72 -39.40 -11.51
CA PRO B 506 -13.74 -38.90 -10.59
C PRO B 506 -14.15 -39.97 -9.60
N TYR B 507 -14.33 -39.55 -8.34
CA TYR B 507 -14.56 -40.51 -7.27
C TYR B 507 -15.91 -41.19 -7.40
N GLU B 508 -16.94 -40.44 -7.79
CA GLU B 508 -18.29 -40.98 -7.78
C GLU B 508 -18.47 -42.14 -8.76
N SER B 509 -17.60 -42.25 -9.76
CA SER B 509 -17.74 -43.27 -10.78
C SER B 509 -16.62 -44.31 -10.77
N PHE B 510 -15.47 -43.99 -10.19
CA PHE B 510 -14.34 -44.91 -10.25
C PHE B 510 -14.49 -46.06 -9.26
N VAL B 511 -14.98 -45.77 -8.06
CA VAL B 511 -14.91 -46.74 -6.97
C VAL B 511 -15.95 -47.84 -7.18
N PRO B 512 -15.65 -49.09 -6.86
CA PRO B 512 -16.59 -50.21 -7.06
C PRO B 512 -17.46 -50.52 -5.85
N GLY B 513 -18.37 -49.60 -5.52
CA GLY B 513 -19.29 -49.86 -4.43
C GLY B 513 -20.08 -48.63 -4.07
N LYS B 514 -21.05 -48.83 -3.18
CA LYS B 514 -21.88 -47.74 -2.73
C LYS B 514 -21.05 -46.72 -1.98
N ILE B 515 -21.19 -45.46 -2.36
CA ILE B 515 -20.52 -44.37 -1.66
C ILE B 515 -21.48 -43.90 -0.57
N VAL B 516 -21.20 -44.26 0.66
CA VAL B 516 -22.08 -44.00 1.78
C VAL B 516 -21.69 -42.67 2.42
N GLN B 517 -22.66 -41.76 2.51
CA GLN B 517 -22.42 -40.43 3.06
C GLN B 517 -22.62 -40.37 4.56
N SER B 518 -23.55 -41.16 5.11
CA SER B 518 -23.81 -41.14 6.53
C SER B 518 -23.90 -42.56 7.04
N PHE B 519 -23.53 -42.74 8.31
CA PHE B 519 -23.60 -44.07 8.91
C PHE B 519 -25.02 -44.63 8.83
N ASP B 520 -26.03 -43.78 8.86
CA ASP B 520 -27.39 -44.25 8.59
C ASP B 520 -27.48 -44.84 7.19
N ALA B 521 -26.86 -44.18 6.22
CA ALA B 521 -26.78 -44.72 4.87
C ALA B 521 -26.01 -46.03 4.85
N LEU B 522 -24.94 -46.11 5.65
CA LEU B 522 -24.20 -47.36 5.74
C LEU B 522 -25.10 -48.49 6.21
N MET B 523 -25.98 -48.21 7.17
CA MET B 523 -26.86 -49.25 7.69
C MET B 523 -27.93 -49.66 6.69
N ASP B 524 -28.58 -48.71 6.02
CA ASP B 524 -29.60 -49.21 5.10
C ASP B 524 -28.97 -49.78 3.84
N ALA B 525 -27.67 -49.56 3.63
CA ALA B 525 -26.98 -50.31 2.59
C ALA B 525 -26.60 -51.70 3.06
N LEU B 526 -26.25 -51.84 4.34
CA LEU B 526 -25.81 -53.13 4.86
C LEU B 526 -26.96 -54.09 5.07
N ASP B 527 -28.10 -53.60 5.53
CA ASP B 527 -29.17 -54.51 5.94
C ASP B 527 -29.76 -55.26 4.75
N ASN B 528 -29.78 -54.65 3.56
CA ASN B 528 -30.41 -55.24 2.40
C ASN B 528 -29.40 -55.82 1.40
N GLU B 529 -28.15 -55.98 1.81
CA GLU B 529 -27.11 -56.57 0.98
C GLU B 529 -26.96 -55.81 -0.35
N ASP B 530 -26.84 -54.50 -0.25
CA ASP B 530 -26.67 -53.64 -1.43
C ASP B 530 -25.21 -53.21 -1.50
N TYR B 531 -24.43 -53.94 -2.30
CA TYR B 531 -23.02 -53.64 -2.49
C TYR B 531 -22.66 -53.29 -3.93
N GLU B 532 -23.62 -53.36 -4.85
CA GLU B 532 -23.39 -53.13 -6.27
C GLU B 532 -22.26 -54.03 -6.79
N GLY B 533 -22.55 -55.33 -6.76
CA GLY B 533 -21.62 -56.29 -7.30
C GLY B 533 -21.37 -56.14 -8.78
N GLU B 534 -22.23 -55.39 -9.48
CA GLU B 534 -22.01 -55.13 -10.89
C GLU B 534 -20.78 -54.28 -11.15
N LYS B 535 -20.22 -53.65 -10.12
CA LYS B 535 -19.06 -52.79 -10.28
C LYS B 535 -17.74 -53.50 -10.05
N VAL B 536 -17.74 -54.71 -9.51
CA VAL B 536 -16.49 -55.33 -9.03
C VAL B 536 -15.79 -56.09 -10.15
N ILE B 537 -16.50 -56.95 -10.86
CA ILE B 537 -15.87 -57.74 -11.93
C ILE B 537 -15.30 -56.86 -13.03
N PRO B 538 -16.04 -55.90 -13.60
CA PRO B 538 -15.43 -55.03 -14.62
C PRO B 538 -14.26 -54.22 -14.09
N PHE B 539 -14.30 -53.82 -12.83
CA PHE B 539 -13.19 -53.06 -12.25
C PHE B 539 -11.92 -53.90 -12.22
N LEU B 540 -12.02 -55.14 -11.75
CA LEU B 540 -10.86 -56.02 -11.75
C LEU B 540 -10.38 -56.32 -13.16
N ASP B 541 -11.32 -56.55 -14.08
CA ASP B 541 -10.95 -56.81 -15.47
C ASP B 541 -10.32 -55.60 -16.12
N LYS B 542 -10.56 -54.40 -15.59
CA LYS B 542 -10.04 -53.19 -16.21
C LYS B 542 -8.69 -52.77 -15.64
N HIS B 543 -8.57 -52.67 -14.32
CA HIS B 543 -7.36 -52.14 -13.69
C HIS B 543 -6.33 -53.21 -13.38
N PHE B 544 -6.54 -54.45 -13.82
CA PHE B 544 -5.55 -55.51 -13.70
C PHE B 544 -5.38 -56.14 -15.09
N LYS B 545 -4.26 -55.85 -15.74
CA LYS B 545 -4.11 -56.23 -17.15
C LYS B 545 -3.85 -57.72 -17.31
N TYR B 546 -3.13 -58.34 -16.39
CA TYR B 546 -2.88 -59.78 -16.42
C TYR B 546 -3.56 -60.44 -15.23
N GLN B 547 -4.12 -61.63 -15.47
CA GLN B 547 -4.80 -62.38 -14.43
C GLN B 547 -4.06 -63.66 -14.06
N ASP B 548 -2.86 -63.87 -14.59
CA ASP B 548 -2.10 -65.08 -14.31
C ASP B 548 -1.13 -64.96 -13.15
N GLY B 549 -0.98 -63.78 -12.56
CA GLY B 549 -0.15 -63.63 -11.38
C GLY B 549 1.31 -63.94 -11.59
N ARG B 550 1.82 -63.69 -12.78
CA ARG B 550 3.24 -63.85 -13.10
C ARG B 550 3.84 -62.53 -13.52
N SER B 551 3.48 -61.46 -12.81
CA SER B 551 3.96 -60.12 -13.15
C SER B 551 5.47 -60.02 -12.96
N SER B 552 6.00 -60.64 -11.90
CA SER B 552 7.44 -60.55 -11.65
C SER B 552 8.24 -61.20 -12.76
N GLU B 553 7.77 -62.33 -13.29
CA GLU B 553 8.48 -62.99 -14.37
C GLU B 553 8.56 -62.09 -15.60
N ARG B 554 7.44 -61.48 -15.97
CA ARG B 554 7.46 -60.58 -17.12
C ARG B 554 8.32 -59.35 -16.85
N LEU B 555 8.31 -58.86 -15.61
CA LEU B 555 9.14 -57.71 -15.27
C LEU B 555 10.62 -58.02 -15.48
N VAL B 556 11.07 -59.17 -14.96
CA VAL B 556 12.47 -59.54 -15.09
C VAL B 556 12.81 -59.85 -16.54
N ARG B 557 11.91 -60.53 -17.25
CA ARG B 557 12.18 -60.88 -18.65
C ARG B 557 12.29 -59.63 -19.51
N ASN B 558 11.37 -58.67 -19.34
CA ASN B 558 11.45 -57.44 -20.10
C ASN B 558 12.67 -56.63 -19.72
N LEU B 559 13.00 -56.60 -18.43
CA LEU B 559 14.10 -55.77 -17.95
C LEU B 559 15.45 -56.35 -18.35
N PHE B 560 15.63 -57.66 -18.18
CA PHE B 560 16.93 -58.30 -18.35
C PHE B 560 17.04 -59.08 -19.65
N GLY B 561 16.05 -59.91 -19.95
CA GLY B 561 16.07 -60.69 -21.17
C GLY B 561 15.94 -62.17 -20.93
N VAL C 2 -37.73 27.36 35.16
CA VAL C 2 -36.87 26.73 34.16
C VAL C 2 -35.44 27.20 34.34
N LYS C 3 -34.50 26.26 34.33
CA LYS C 3 -33.10 26.59 34.50
C LYS C 3 -32.58 27.38 33.31
N SER C 4 -31.75 28.38 33.60
CA SER C 4 -31.13 29.17 32.54
C SER C 4 -30.11 28.32 31.79
N LYS C 5 -30.20 28.34 30.46
CA LYS C 5 -29.30 27.56 29.63
C LYS C 5 -28.82 28.41 28.47
N ILE C 6 -27.63 28.08 27.96
CA ILE C 6 -27.02 28.79 26.85
C ILE C 6 -26.57 27.77 25.82
N TYR C 7 -26.90 28.00 24.55
CA TYR C 7 -26.67 27.04 23.49
C TYR C 7 -25.78 27.60 22.41
N ILE C 8 -25.19 26.69 21.65
CA ILE C 8 -24.28 27.00 20.56
C ILE C 8 -25.03 26.74 19.26
N ASP C 9 -25.20 27.78 18.44
CA ASP C 9 -26.02 27.66 17.24
C ASP C 9 -25.22 27.44 15.98
N LYS C 10 -24.06 28.08 15.84
CA LYS C 10 -23.28 27.94 14.63
C LYS C 10 -21.81 28.19 14.95
N ILE C 11 -20.92 27.47 14.26
CA ILE C 11 -19.49 27.56 14.50
C ILE C 11 -18.83 28.04 13.21
N TYR C 12 -18.49 29.31 13.15
CA TYR C 12 -17.77 29.88 12.02
C TYR C 12 -16.29 29.52 12.11
N TRP C 13 -15.53 29.92 11.10
CA TRP C 13 -14.08 29.77 11.14
C TRP C 13 -13.49 30.77 10.14
N GLU C 14 -12.96 31.88 10.67
CA GLU C 14 -12.18 32.79 9.86
C GLU C 14 -10.77 32.24 9.72
N ARG C 15 -9.84 33.08 9.27
CA ARG C 15 -8.49 32.63 8.92
C ARG C 15 -7.89 31.74 10.01
N VAL C 16 -7.74 32.27 11.22
CA VAL C 16 -7.24 31.49 12.35
C VAL C 16 -8.17 31.71 13.53
N GLN C 17 -9.24 32.48 13.29
CA GLN C 17 -10.11 32.96 14.35
C GLN C 17 -11.39 32.12 14.33
N LEU C 18 -11.73 31.54 15.48
CA LEU C 18 -12.85 30.63 15.59
C LEU C 18 -14.02 31.35 16.26
N PHE C 19 -15.19 31.28 15.63
CA PHE C 19 -16.36 32.02 16.09
C PHE C 19 -17.40 31.03 16.60
N VAL C 20 -18.06 31.39 17.70
CA VAL C 20 -19.18 30.61 18.25
C VAL C 20 -20.36 31.55 18.44
N GLU C 21 -21.51 31.15 17.93
CA GLU C 21 -22.71 31.98 17.95
C GLU C 21 -23.89 31.15 18.46
N GLY C 22 -24.80 31.80 19.17
CA GLY C 22 -25.95 31.10 19.68
C GLY C 22 -26.88 32.02 20.43
N HIS C 23 -27.61 31.43 21.38
CA HIS C 23 -28.57 32.18 22.18
C HIS C 23 -28.73 31.50 23.53
N SER C 24 -29.33 32.21 24.46
CA SER C 24 -29.60 31.67 25.79
C SER C 24 -31.00 32.05 26.22
N GLU C 25 -31.57 31.25 27.13
CA GLU C 25 -32.92 31.46 27.61
C GLU C 25 -32.91 31.65 29.12
N ASN C 26 -33.77 32.54 29.60
CA ASN C 26 -33.89 32.83 31.02
C ASN C 26 -32.57 33.29 31.61
N LEU C 27 -31.79 34.03 30.82
CA LEU C 27 -30.48 34.49 31.26
C LEU C 27 -30.13 35.80 30.56
N ASP C 28 -29.85 36.82 31.37
CA ASP C 28 -29.39 38.11 30.86
C ASP C 28 -27.87 38.03 30.67
N LEU C 29 -27.42 38.30 29.45
CA LEU C 29 -26.03 38.10 29.08
C LEU C 29 -25.23 39.40 29.08
N GLU C 30 -25.76 40.46 29.70
CA GLU C 30 -25.09 41.76 29.65
C GLU C 30 -23.72 41.71 30.29
N ASP C 31 -23.59 41.00 31.42
CA ASP C 31 -22.33 40.86 32.13
C ASP C 31 -21.72 39.47 31.95
N SER C 32 -21.89 38.91 30.76
CA SER C 32 -21.33 37.58 30.49
C SER C 32 -19.83 37.65 30.30
N ASN C 33 -19.14 36.60 30.73
CA ASN C 33 -17.71 36.44 30.54
C ASN C 33 -17.46 35.05 29.97
N PHE C 34 -17.53 34.93 28.64
CA PHE C 34 -17.30 33.65 28.00
C PHE C 34 -15.84 33.26 28.13
N VAL C 35 -15.61 31.97 28.38
CA VAL C 35 -14.26 31.42 28.55
C VAL C 35 -14.15 30.11 27.81
N LEU C 36 -12.94 29.59 27.76
CA LEU C 36 -12.65 28.25 27.24
C LEU C 36 -11.91 27.52 28.35
N ARG C 37 -12.64 26.68 29.09
CA ARG C 37 -12.14 26.08 30.31
C ARG C 37 -11.95 24.58 30.09
N ASN C 38 -10.81 24.06 30.54
CA ASN C 38 -10.52 22.66 30.30
C ASN C 38 -11.31 21.78 31.27
N LEU C 39 -11.38 20.49 30.94
CA LEU C 39 -12.08 19.55 31.80
C LEU C 39 -11.40 19.42 33.15
N THR C 40 -10.06 19.52 33.19
CA THR C 40 -9.31 19.39 34.42
C THR C 40 -9.28 20.67 35.24
N GLU C 41 -9.86 21.76 34.73
CA GLU C 41 -9.99 23.02 35.46
C GLU C 41 -8.61 23.58 35.81
N THR C 42 -7.77 23.74 34.79
CA THR C 42 -6.47 24.37 34.95
C THR C 42 -6.24 25.55 34.03
N ARG C 43 -7.04 25.71 32.98
CA ARG C 43 -6.83 26.75 31.98
C ARG C 43 -8.16 27.42 31.67
N THR C 44 -8.28 28.69 32.01
CA THR C 44 -9.39 29.52 31.58
C THR C 44 -8.86 30.65 30.71
N MET C 45 -9.61 31.00 29.68
CA MET C 45 -9.20 32.07 28.78
C MET C 45 -10.45 32.72 28.18
N LYS C 46 -10.64 34.00 28.48
CA LYS C 46 -11.81 34.71 28.02
C LYS C 46 -11.78 34.88 26.51
N ALA C 47 -12.96 34.85 25.89
CA ALA C 47 -13.08 35.17 24.47
C ALA C 47 -12.59 36.58 24.22
N ASN C 48 -11.88 36.76 23.11
CA ASN C 48 -11.29 38.06 22.82
C ASN C 48 -12.35 39.13 22.64
N ASP C 49 -13.39 38.83 21.89
CA ASP C 49 -14.50 39.75 21.68
C ASP C 49 -15.82 38.99 21.86
N VAL C 50 -16.76 39.62 22.57
CA VAL C 50 -18.10 39.07 22.76
C VAL C 50 -19.11 40.15 22.41
N LYS C 51 -19.89 39.94 21.36
CA LYS C 51 -20.94 40.86 20.95
C LYS C 51 -22.27 40.26 21.35
N ILE C 52 -23.08 41.04 22.06
CA ILE C 52 -24.31 40.55 22.67
C ILE C 52 -25.48 41.36 22.11
N ASP C 53 -26.49 40.66 21.60
CA ASP C 53 -27.68 41.30 21.05
C ASP C 53 -28.90 40.54 21.57
N GLY C 54 -29.55 41.10 22.58
CA GLY C 54 -30.64 40.39 23.23
C GLY C 54 -30.12 39.10 23.83
N ASN C 55 -30.88 38.03 23.67
CA ASN C 55 -30.39 36.72 24.07
C ASN C 55 -29.41 36.12 23.07
N GLN C 56 -29.37 36.65 21.86
CA GLN C 56 -28.40 36.20 20.87
C GLN C 56 -27.00 36.71 21.23
N PHE C 57 -25.99 36.00 20.75
CA PHE C 57 -24.61 36.35 21.02
C PHE C 57 -23.72 35.72 19.96
N VAL C 58 -22.53 36.27 19.80
CA VAL C 58 -21.46 35.64 19.04
C VAL C 58 -20.15 35.88 19.76
N CYS C 59 -19.33 34.84 19.86
CA CYS C 59 -18.09 34.88 20.61
C CYS C 59 -16.93 34.69 19.66
N ARG C 60 -16.00 35.65 19.66
CA ARG C 60 -14.89 35.68 18.71
C ARG C 60 -13.66 35.14 19.42
N PHE C 61 -13.28 33.91 19.10
CA PHE C 61 -12.16 33.23 19.74
C PHE C 61 -10.98 33.18 18.79
N ASN C 62 -9.79 33.46 19.31
CA ASN C 62 -8.58 33.57 18.51
C ASN C 62 -7.60 32.50 18.98
N VAL C 63 -7.43 31.45 18.18
CA VAL C 63 -6.58 30.33 18.58
C VAL C 63 -5.11 30.69 18.50
N ALA C 64 -4.81 31.94 18.14
CA ALA C 64 -3.43 32.36 18.04
C ALA C 64 -2.95 33.18 19.24
N ILE C 65 -3.86 33.80 19.99
CA ILE C 65 -3.44 34.70 21.06
C ILE C 65 -4.17 34.39 22.37
N LEU C 66 -4.94 33.30 22.40
CA LEU C 66 -5.83 33.07 23.54
C LEU C 66 -5.06 32.74 24.81
N ASP C 67 -4.11 31.81 24.74
CA ASP C 67 -3.45 31.29 25.93
C ASP C 67 -2.43 32.30 26.46
N ASN C 68 -2.96 33.40 26.99
CA ASN C 68 -2.15 34.50 27.50
C ASN C 68 -1.15 34.99 26.46
N GLY C 69 -1.56 34.95 25.20
CA GLY C 69 -0.73 35.36 24.09
C GLY C 69 -0.31 34.25 23.15
N TYR C 70 -0.29 33.00 23.62
CA TYR C 70 0.07 31.87 22.77
C TYR C 70 -1.18 31.17 22.25
N TYR C 71 -0.96 30.03 21.60
CA TYR C 71 -2.00 29.24 21.01
C TYR C 71 -2.63 28.31 22.04
N LEU C 72 -3.81 27.79 21.71
CA LEU C 72 -4.49 26.84 22.58
C LEU C 72 -3.72 25.53 22.60
N PRO C 73 -3.24 25.08 23.75
CA PRO C 73 -2.47 23.83 23.79
C PRO C 73 -3.39 22.62 23.71
N GLU C 74 -2.77 21.45 23.54
CA GLU C 74 -3.51 20.19 23.45
C GLU C 74 -4.34 19.96 24.71
N ASP C 75 -5.66 19.99 24.55
CA ASP C 75 -6.58 19.83 25.67
C ASP C 75 -7.98 19.73 25.09
N LYS C 76 -8.97 19.62 25.98
CA LYS C 76 -10.38 19.68 25.61
C LYS C 76 -11.01 20.79 26.42
N TYR C 77 -11.68 21.70 25.74
CA TYR C 77 -12.15 22.94 26.35
C TYR C 77 -13.67 23.02 26.30
N LEU C 78 -14.26 23.53 27.37
CA LEU C 78 -15.68 23.78 27.43
C LEU C 78 -15.94 25.27 27.25
N LEU C 79 -17.06 25.58 26.59
CA LEU C 79 -17.51 26.96 26.49
C LEU C 79 -18.36 27.25 27.73
N VAL C 80 -17.84 28.10 28.61
CA VAL C 80 -18.44 28.33 29.91
C VAL C 80 -18.74 29.81 30.04
N ASN C 81 -19.99 30.14 30.36
CA ASN C 81 -20.39 31.51 30.63
C ASN C 81 -20.19 31.79 32.11
N GLU C 82 -19.06 32.38 32.45
CA GLU C 82 -18.78 32.73 33.84
C GLU C 82 -19.79 33.78 34.31
N GLN C 83 -20.24 33.62 35.54
CA GLN C 83 -21.20 34.49 36.19
C GLN C 83 -21.21 34.12 37.67
N GLU C 84 -22.19 34.63 38.41
CA GLU C 84 -22.43 34.09 39.74
C GLU C 84 -22.61 32.57 39.70
N LEU C 85 -23.23 32.07 38.63
CA LEU C 85 -23.30 30.65 38.34
C LEU C 85 -22.78 30.42 36.94
N ASP C 86 -21.84 29.51 36.77
CA ASP C 86 -21.38 29.27 35.40
C ASP C 86 -22.42 28.49 34.62
N TYR C 87 -22.22 28.32 33.33
CA TYR C 87 -23.10 27.58 32.44
C TYR C 87 -22.25 26.96 31.34
N ILE C 88 -22.31 25.64 31.22
CA ILE C 88 -21.60 24.94 30.17
C ILE C 88 -22.53 24.88 28.96
N ALA C 89 -22.10 25.48 27.85
CA ALA C 89 -22.97 25.64 26.69
C ALA C 89 -23.21 24.29 26.02
N GLN C 90 -24.43 23.78 26.14
CA GLN C 90 -24.81 22.56 25.46
C GLN C 90 -25.18 22.85 24.01
N LEU C 91 -24.68 22.03 23.10
CA LEU C 91 -24.93 22.22 21.68
C LEU C 91 -26.42 22.04 21.39
N ASN C 92 -26.98 22.95 20.60
CA ASN C 92 -28.36 22.80 20.14
C ASN C 92 -28.49 21.53 19.30
N PRO C 93 -29.61 20.83 19.37
CA PRO C 93 -29.78 19.67 18.50
C PRO C 93 -29.99 20.05 17.05
N ASP C 94 -30.22 21.34 16.77
CA ASP C 94 -30.32 21.81 15.39
C ASP C 94 -28.99 21.63 14.67
N VAL C 95 -27.88 21.93 15.35
CA VAL C 95 -26.57 21.82 14.72
C VAL C 95 -26.29 20.39 14.34
N ILE C 96 -26.61 19.45 15.23
CA ILE C 96 -26.32 18.05 14.95
C ILE C 96 -27.39 17.46 14.05
N ASN C 97 -28.56 18.09 13.98
CA ASN C 97 -29.53 17.71 12.97
C ASN C 97 -29.09 18.19 11.59
N ASP C 98 -28.57 19.42 11.51
CA ASP C 98 -28.24 20.02 10.23
C ASP C 98 -27.18 19.21 9.50
N ALA C 99 -26.17 18.74 10.23
CA ALA C 99 -25.16 17.88 9.60
C ALA C 99 -25.76 16.56 9.17
N TYR C 100 -26.72 16.03 9.95
CA TYR C 100 -27.22 14.68 9.72
C TYR C 100 -27.89 14.53 8.37
N GLN C 101 -28.47 15.61 7.84
CA GLN C 101 -29.20 15.53 6.58
C GLN C 101 -28.32 15.76 5.36
N ASN C 102 -27.05 16.11 5.54
CA ASN C 102 -26.20 16.46 4.42
C ASN C 102 -25.02 15.50 4.28
N LEU C 103 -25.28 14.20 4.41
CA LEU C 103 -24.24 13.20 4.25
C LEU C 103 -24.18 12.73 2.80
N LYS C 104 -22.98 12.74 2.24
CA LYS C 104 -22.76 12.11 0.96
C LYS C 104 -22.79 10.58 1.12
N PRO C 105 -23.23 9.86 0.09
CA PRO C 105 -23.57 8.43 0.29
C PRO C 105 -22.48 7.58 0.92
N GLU C 106 -21.21 7.81 0.59
CA GLU C 106 -20.13 7.10 1.28
C GLU C 106 -20.06 7.48 2.76
N GLN C 107 -20.34 8.73 3.10
CA GLN C 107 -20.44 9.08 4.51
C GLN C 107 -21.56 8.30 5.18
N GLU C 108 -22.69 8.12 4.48
CA GLU C 108 -23.76 7.30 5.02
C GLU C 108 -23.31 5.86 5.21
N GLU C 109 -22.53 5.34 4.25
CA GLU C 109 -22.06 3.97 4.36
C GLU C 109 -21.16 3.80 5.57
N GLU C 110 -20.31 4.79 5.84
CA GLU C 110 -19.50 4.76 7.05
C GLU C 110 -20.32 5.03 8.31
N TYR C 111 -21.49 5.65 8.17
CA TYR C 111 -22.27 6.09 9.31
C TYR C 111 -22.99 4.96 10.04
N ASN C 112 -23.24 3.83 9.38
CA ASN C 112 -24.04 2.79 9.99
C ASN C 112 -23.29 2.02 11.06
N GLU C 113 -21.96 2.02 11.03
CA GLU C 113 -21.18 1.26 12.01
C GLU C 113 -20.88 2.09 13.26
N LEU C 114 -21.92 2.68 13.84
CA LEU C 114 -21.79 3.51 15.04
C LEU C 114 -22.49 2.82 16.20
N GLU C 115 -21.74 2.56 17.27
CA GLU C 115 -22.29 1.77 18.36
C GLU C 115 -23.28 2.56 19.21
N THR C 116 -22.96 3.81 19.53
CA THR C 116 -23.74 4.56 20.50
C THR C 116 -24.00 5.97 19.99
N GLN C 117 -24.61 6.78 20.85
CA GLN C 117 -24.95 8.15 20.48
C GLN C 117 -23.70 9.02 20.37
N ASN C 118 -22.68 8.75 21.17
CA ASN C 118 -21.46 9.56 21.13
C ASN C 118 -20.72 9.39 19.80
N GLY C 119 -20.64 8.17 19.29
CA GLY C 119 -20.03 7.96 17.98
C GLY C 119 -20.80 8.67 16.88
N LYS C 120 -22.13 8.59 16.94
CA LYS C 120 -22.95 9.33 15.98
C LYS C 120 -22.69 10.83 16.08
N ILE C 121 -22.57 11.34 17.30
CA ILE C 121 -22.38 12.77 17.50
C ILE C 121 -21.03 13.19 16.95
N ASN C 122 -19.98 12.42 17.25
CA ASN C 122 -18.64 12.78 16.79
C ASN C 122 -18.53 12.69 15.28
N PHE C 123 -19.06 11.64 14.68
CA PHE C 123 -18.94 11.49 13.23
C PHE C 123 -19.72 12.57 12.50
N LEU C 124 -20.89 12.96 13.03
CA LEU C 124 -21.66 14.03 12.41
C LEU C 124 -20.97 15.38 12.55
N LEU C 125 -20.25 15.59 13.64
CA LEU C 125 -19.62 16.88 13.91
C LEU C 125 -18.20 16.99 13.34
N GLN C 126 -17.72 15.95 12.65
CA GLN C 126 -16.45 16.06 11.95
C GLN C 126 -16.51 17.02 10.77
N THR C 127 -17.71 17.42 10.34
CA THR C 127 -17.85 18.40 9.28
C THR C 127 -17.62 19.82 9.76
N TYR C 128 -17.40 20.02 11.06
CA TYR C 128 -17.01 21.30 11.61
C TYR C 128 -15.54 21.33 12.00
N LEU C 129 -14.74 20.44 11.43
CA LEU C 129 -13.32 20.35 11.73
C LEU C 129 -12.54 21.42 10.97
N LYS C 130 -11.47 21.91 11.61
CA LYS C 130 -10.57 22.86 10.98
C LYS C 130 -9.14 22.42 11.25
N GLU C 131 -8.45 21.98 10.20
CA GLU C 131 -7.09 21.47 10.31
C GLU C 131 -6.13 22.50 9.73
N PHE C 132 -5.14 22.88 10.51
CA PHE C 132 -4.11 23.83 10.09
C PHE C 132 -2.82 23.07 9.88
N ARG C 133 -2.40 22.92 8.62
CA ARG C 133 -1.15 22.28 8.27
C ARG C 133 -0.23 23.33 7.66
N LYS C 134 1.05 23.27 8.03
CA LYS C 134 2.00 24.29 7.59
C LYS C 134 2.15 24.22 6.08
N GLY C 135 1.82 25.32 5.40
CA GLY C 135 1.78 25.34 3.96
C GLY C 135 0.56 24.67 3.37
N GLY C 136 -0.29 24.05 4.19
CA GLY C 136 -1.48 23.38 3.73
C GLY C 136 -1.23 21.98 3.19
N ILE C 137 0.02 21.54 3.12
CA ILE C 137 0.36 20.25 2.53
C ILE C 137 0.85 19.27 3.59
N SER C 138 1.66 19.74 4.54
CA SER C 138 2.35 18.84 5.44
C SER C 138 1.38 18.04 6.30
N LYS C 139 1.69 16.75 6.46
CA LYS C 139 0.89 15.85 7.26
C LYS C 139 1.53 15.53 8.60
N LYS C 140 2.59 16.26 8.97
CA LYS C 140 3.34 15.95 10.17
C LYS C 140 3.28 17.03 11.25
N THR C 141 2.79 18.23 10.91
CA THR C 141 2.48 19.26 11.92
C THR C 141 1.06 19.72 11.67
N VAL C 142 0.15 19.36 12.57
CA VAL C 142 -1.27 19.60 12.38
C VAL C 142 -1.83 20.23 13.65
N TYR C 143 -2.56 21.34 13.49
CA TYR C 143 -3.28 21.97 14.58
C TYR C 143 -4.76 21.92 14.22
N THR C 144 -5.47 20.92 14.74
CA THR C 144 -6.85 20.66 14.39
C THR C 144 -7.76 20.95 15.57
N VAL C 145 -8.82 21.71 15.32
CA VAL C 145 -9.88 21.96 16.29
C VAL C 145 -11.16 21.34 15.76
N THR C 146 -11.74 20.41 16.53
CA THR C 146 -12.95 19.72 16.10
C THR C 146 -13.95 19.77 17.25
N PRO C 147 -15.09 20.44 17.09
CA PRO C 147 -16.10 20.43 18.16
C PRO C 147 -16.72 19.05 18.28
N GLU C 148 -16.85 18.59 19.53
CA GLU C 148 -17.35 17.26 19.78
C GLU C 148 -17.88 17.19 21.20
N ILE C 149 -18.76 16.22 21.43
CA ILE C 149 -19.28 15.94 22.76
C ILE C 149 -18.42 14.83 23.36
N SER C 150 -17.59 15.18 24.34
CA SER C 150 -16.62 14.25 24.87
C SER C 150 -17.32 13.09 25.56
N SER C 151 -16.91 11.87 25.22
CA SER C 151 -17.55 10.69 25.81
C SER C 151 -17.28 10.61 27.30
N ASP C 152 -16.05 10.95 27.72
CA ASP C 152 -15.69 10.82 29.13
C ASP C 152 -16.43 11.77 30.03
N VAL C 153 -16.81 12.96 29.54
CA VAL C 153 -17.49 13.95 30.34
C VAL C 153 -18.90 14.22 29.87
N ASN C 154 -19.34 13.59 28.77
CA ASN C 154 -20.71 13.73 28.27
C ASN C 154 -21.10 15.19 28.12
N GLU C 155 -20.19 15.99 27.55
CA GLU C 155 -20.41 17.42 27.44
C GLU C 155 -19.67 17.93 26.22
N PHE C 156 -20.24 18.96 25.59
CA PHE C 156 -19.64 19.54 24.39
C PHE C 156 -18.27 20.12 24.69
N VAL C 157 -17.28 19.76 23.87
CA VAL C 157 -15.91 20.22 24.02
C VAL C 157 -15.36 20.60 22.64
N LEU C 158 -14.20 21.26 22.66
CA LEU C 158 -13.49 21.68 21.45
C LEU C 158 -12.11 21.04 21.50
N ASP C 159 -12.00 19.83 20.96
CA ASP C 159 -10.74 19.11 21.02
C ASP C 159 -9.72 19.78 20.13
N VAL C 160 -8.57 20.14 20.70
CA VAL C 160 -7.48 20.80 19.97
C VAL C 160 -6.28 19.87 20.04
N VAL C 161 -5.90 19.31 18.90
CA VAL C 161 -4.81 18.34 18.81
C VAL C 161 -3.64 19.00 18.09
N VAL C 162 -2.51 19.07 18.76
CA VAL C 162 -1.31 19.71 18.24
C VAL C 162 -0.30 18.61 17.95
N THR C 163 -0.25 18.18 16.69
CA THR C 163 0.66 17.13 16.27
C THR C 163 2.00 17.76 15.92
N THR C 164 3.05 17.31 16.58
CA THR C 164 4.39 17.85 16.36
C THR C 164 5.36 16.71 16.09
N PRO C 165 6.37 16.94 15.25
CA PRO C 165 7.35 15.89 14.98
C PRO C 165 8.24 15.64 16.17
N GLU C 166 8.83 14.44 16.21
CA GLU C 166 9.80 14.12 17.24
C GLU C 166 11.08 14.88 16.97
N VAL C 167 11.45 15.76 17.90
CA VAL C 167 12.65 16.59 17.76
C VAL C 167 13.80 15.88 18.47
N LYS C 168 14.83 15.53 17.70
CA LYS C 168 15.97 14.80 18.23
C LYS C 168 17.15 15.72 18.43
N SER C 169 17.92 15.46 19.48
CA SER C 169 19.07 16.26 19.85
C SER C 169 20.31 15.77 19.10
N ILE C 170 21.49 16.24 19.52
CA ILE C 170 22.72 15.86 18.84
C ILE C 170 23.01 14.37 19.05
N TYR C 171 23.87 13.84 18.17
CA TYR C 171 24.16 12.41 18.21
C TYR C 171 24.79 11.98 19.53
N ILE C 172 25.50 12.88 20.20
CA ILE C 172 26.06 12.56 21.51
C ILE C 172 24.94 12.29 22.50
N VAL C 173 23.94 13.17 22.53
CA VAL C 173 22.84 13.01 23.46
C VAL C 173 21.99 11.79 23.09
N ARG C 174 21.82 11.54 21.79
CA ARG C 174 21.08 10.35 21.37
C ARG C 174 21.80 9.08 21.80
N LYS C 175 23.12 9.04 21.64
CA LYS C 175 23.88 7.89 22.10
C LYS C 175 23.78 7.74 23.61
N TYR C 176 23.83 8.85 24.34
CA TYR C 176 23.68 8.79 25.79
C TYR C 176 22.33 8.22 26.18
N LYS C 177 21.27 8.67 25.51
CA LYS C 177 19.93 8.17 25.82
C LYS C 177 19.82 6.68 25.53
N GLU C 178 20.37 6.24 24.39
CA GLU C 178 20.33 4.82 24.07
C GLU C 178 21.09 4.00 25.10
N LEU C 179 22.27 4.49 25.51
CA LEU C 179 23.06 3.77 26.51
C LEU C 179 22.33 3.73 27.85
N ARG C 180 21.68 4.83 28.22
CA ARG C 180 20.92 4.84 29.47
C ARG C 180 19.77 3.86 29.41
N LYS C 181 19.06 3.80 28.29
CA LYS C 181 17.98 2.85 28.15
C LYS C 181 18.48 1.41 28.24
N TYR C 182 19.62 1.13 27.59
CA TYR C 182 20.19 -0.20 27.65
C TYR C 182 20.61 -0.57 29.06
N PHE C 183 21.22 0.38 29.78
CA PHE C 183 21.64 0.12 31.15
C PHE C 183 20.43 -0.12 32.05
N ARG C 184 19.36 0.65 31.87
CA ARG C 184 18.15 0.43 32.65
C ARG C 184 17.56 -0.95 32.37
N LYS C 185 17.53 -1.34 31.09
CA LYS C 185 17.01 -2.66 30.74
C LYS C 185 17.85 -3.76 31.37
N GLN C 186 19.18 -3.62 31.34
CA GLN C 186 20.04 -4.63 31.96
C GLN C 186 19.85 -4.68 33.46
N SER C 187 19.68 -3.51 34.10
CA SER C 187 19.45 -3.51 35.54
C SER C 187 18.14 -4.21 35.89
N PHE C 188 17.08 -3.94 35.12
CA PHE C 188 15.81 -4.60 35.37
C PHE C 188 15.92 -6.11 35.15
N ASN C 189 16.64 -6.52 34.10
CA ASN C 189 16.82 -7.94 33.85
C ASN C 189 17.59 -8.60 34.98
N THR C 190 18.64 -7.95 35.46
CA THR C 190 19.42 -8.54 36.55
C THR C 190 18.60 -8.63 37.83
N ARG C 191 17.79 -7.61 38.11
CA ARG C 191 16.94 -7.66 39.29
C ARG C 191 15.91 -8.79 39.19
N GLN C 192 15.30 -8.96 38.01
CA GLN C 192 14.37 -10.06 37.85
C GLN C 192 15.08 -11.41 37.98
N PHE C 193 16.28 -11.52 37.43
CA PHE C 193 17.03 -12.77 37.53
C PHE C 193 17.33 -13.11 38.98
N ILE C 194 17.82 -12.13 39.75
CA ILE C 194 18.18 -12.41 41.14
C ILE C 194 16.93 -12.71 41.95
N PHE C 195 15.81 -12.02 41.67
CA PHE C 195 14.58 -12.29 42.40
C PHE C 195 14.11 -13.72 42.14
N LYS C 196 14.08 -14.12 40.88
CA LYS C 196 13.68 -15.48 40.55
C LYS C 196 14.61 -16.49 41.18
N ALA C 197 15.92 -16.22 41.16
CA ALA C 197 16.88 -17.16 41.70
C ALA C 197 16.69 -17.35 43.20
N ILE C 198 16.57 -16.26 43.95
CA ILE C 198 16.43 -16.39 45.40
C ILE C 198 15.11 -17.06 45.74
N PHE C 199 14.03 -16.70 45.04
CA PHE C 199 12.75 -17.34 45.34
C PHE C 199 12.81 -18.84 45.05
N ASN C 200 13.34 -19.22 43.89
CA ASN C 200 13.39 -20.63 43.51
C ASN C 200 14.26 -21.44 44.46
N THR C 201 15.42 -20.89 44.83
CA THR C 201 16.29 -21.60 45.76
C THR C 201 15.63 -21.74 47.13
N THR C 202 14.93 -20.69 47.58
CA THR C 202 14.36 -20.72 48.93
C THR C 202 13.28 -21.78 49.06
N LYS C 203 12.44 -21.94 48.04
CA LYS C 203 11.40 -22.96 48.11
C LYS C 203 11.98 -24.36 47.94
N PHE C 204 13.07 -24.50 47.19
CA PHE C 204 13.60 -25.81 46.86
C PHE C 204 14.24 -26.51 48.05
N PHE C 205 14.59 -25.78 49.09
CA PHE C 205 15.28 -26.37 50.24
C PHE C 205 14.34 -26.91 51.30
N HIS C 206 13.03 -26.85 51.09
CA HIS C 206 12.08 -27.33 52.10
C HIS C 206 11.32 -28.57 51.64
N LEU C 207 10.59 -28.48 50.52
CA LEU C 207 9.86 -29.62 49.96
C LEU C 207 8.99 -30.30 51.01
N LYS C 208 8.43 -29.52 51.91
CA LYS C 208 7.64 -30.06 53.02
C LYS C 208 6.68 -28.99 53.51
N LYS C 209 5.82 -29.38 54.44
CA LYS C 209 4.74 -28.53 54.93
C LYS C 209 5.23 -27.77 56.14
N GLY C 210 5.34 -26.45 56.03
CA GLY C 210 5.81 -25.60 57.10
C GLY C 210 4.68 -25.03 57.94
N ASN C 211 5.00 -23.98 58.69
CA ASN C 211 4.02 -23.35 59.57
C ASN C 211 4.14 -21.83 59.50
N THR C 212 4.34 -21.28 58.30
CA THR C 212 4.57 -19.85 58.15
C THR C 212 3.47 -19.22 57.30
N VAL C 213 3.02 -18.04 57.71
CA VAL C 213 1.93 -17.32 57.05
C VAL C 213 2.43 -15.93 56.68
N LEU C 214 2.33 -15.59 55.41
CA LEU C 214 2.84 -14.33 54.90
C LEU C 214 1.69 -13.46 54.40
N PHE C 215 1.64 -12.21 54.86
CA PHE C 215 0.72 -11.21 54.35
C PHE C 215 1.50 -10.23 53.48
N THR C 216 1.01 -9.99 52.28
CA THR C 216 1.68 -9.08 51.36
C THR C 216 0.66 -8.17 50.69
N SER C 217 1.09 -6.94 50.43
CA SER C 217 0.28 -5.99 49.67
C SER C 217 1.20 -4.91 49.13
N ASP C 218 1.18 -4.72 47.82
CA ASP C 218 1.98 -3.65 47.23
C ASP C 218 1.33 -2.29 47.37
N SER C 219 0.09 -2.21 47.84
CA SER C 219 -0.60 -0.94 47.94
C SER C 219 -1.29 -0.80 49.29
N ARG C 220 -0.59 -1.14 50.37
CA ARG C 220 -1.13 -0.96 51.72
C ARG C 220 0.03 -0.87 52.70
N PRO C 221 0.53 0.33 53.06
CA PRO C 221 1.58 0.40 54.02
C PRO C 221 1.01 -0.10 55.34
N THR C 222 1.79 -0.85 56.07
CA THR C 222 1.44 -1.45 57.34
C THR C 222 0.26 -2.41 57.24
N MET C 223 0.01 -3.17 58.30
CA MET C 223 -1.11 -4.10 58.30
C MET C 223 -2.41 -3.34 58.60
N SER C 224 -3.35 -3.41 57.67
CA SER C 224 -4.66 -2.78 57.83
C SER C 224 -5.59 -3.37 56.78
N GLY C 225 -6.84 -2.96 56.84
CA GLY C 225 -7.79 -3.42 55.84
C GLY C 225 -8.20 -4.86 56.07
N ASN C 226 -8.23 -5.63 54.98
CA ASN C 226 -8.68 -7.03 55.06
C ASN C 226 -7.75 -7.86 55.93
N PHE C 227 -6.44 -7.63 55.82
CA PHE C 227 -5.48 -8.43 56.57
C PHE C 227 -5.70 -8.29 58.07
N GLU C 228 -6.06 -7.09 58.53
CA GLU C 228 -6.16 -6.84 59.96
C GLU C 228 -7.22 -7.75 60.59
N TYR C 229 -8.33 -7.96 59.89
CA TYR C 229 -9.39 -8.79 60.47
C TYR C 229 -9.03 -10.26 60.42
N ILE C 230 -8.40 -10.71 59.33
CA ILE C 230 -7.90 -12.09 59.27
C ILE C 230 -6.87 -12.30 60.37
N TYR C 231 -5.94 -11.36 60.53
CA TYR C 231 -4.89 -11.50 61.54
C TYR C 231 -5.48 -11.51 62.94
N ASN C 232 -6.46 -10.64 63.21
CA ASN C 232 -7.08 -10.61 64.52
C ASN C 232 -7.85 -11.89 64.80
N GLU C 233 -8.54 -12.43 63.79
CA GLU C 233 -9.24 -13.69 63.97
C GLU C 233 -8.27 -14.83 64.21
N MET C 234 -7.12 -14.80 63.54
CA MET C 234 -6.09 -15.81 63.80
C MET C 234 -5.59 -15.71 65.23
N LEU C 235 -5.27 -14.50 65.67
CA LEU C 235 -4.75 -14.33 67.02
C LEU C 235 -5.78 -14.69 68.08
N ARG C 236 -7.06 -14.52 67.77
CA ARG C 236 -8.10 -14.76 68.76
C ARG C 236 -8.16 -16.23 69.16
N GLN C 237 -8.05 -17.15 68.19
CA GLN C 237 -8.16 -18.58 68.46
C GLN C 237 -6.80 -19.25 68.55
N ASN C 238 -5.80 -18.56 69.07
CA ASN C 238 -4.51 -19.15 69.41
C ASN C 238 -3.81 -19.72 68.18
N LEU C 239 -3.94 -19.05 67.04
CA LEU C 239 -3.20 -19.44 65.85
C LEU C 239 -1.86 -18.75 65.72
N ASP C 240 -1.53 -17.84 66.65
CA ASP C 240 -0.18 -17.32 66.75
C ASP C 240 0.72 -18.19 67.62
N LYS C 241 0.14 -19.16 68.33
CA LYS C 241 0.90 -20.12 69.13
C LYS C 241 1.21 -21.39 68.35
N LYS C 242 0.81 -21.48 67.10
CA LYS C 242 1.12 -22.63 66.26
C LYS C 242 1.84 -22.26 64.98
N TYR C 243 1.44 -21.16 64.34
CA TYR C 243 2.09 -20.67 63.15
C TYR C 243 2.96 -19.47 63.49
N ASP C 244 3.89 -19.15 62.60
CA ASP C 244 4.64 -17.92 62.67
C ASP C 244 4.24 -17.04 61.49
N ILE C 245 4.08 -15.74 61.75
CA ILE C 245 3.45 -14.83 60.80
C ILE C 245 4.48 -13.81 60.36
N HIS C 246 4.56 -13.59 59.05
CA HIS C 246 5.49 -12.64 58.47
C HIS C 246 4.71 -11.69 57.57
N THR C 247 5.18 -10.45 57.48
CA THR C 247 4.50 -9.41 56.71
C THR C 247 5.51 -8.68 55.85
N VAL C 248 5.20 -8.55 54.56
CA VAL C 248 6.02 -7.80 53.63
C VAL C 248 5.11 -6.78 52.95
N PHE C 249 5.44 -5.50 53.07
CA PHE C 249 4.57 -4.41 52.61
C PHE C 249 5.34 -3.39 51.79
N LYS C 250 4.63 -2.75 50.87
CA LYS C 250 5.17 -1.67 50.05
C LYS C 250 4.18 -0.51 50.04
N ALA C 251 4.73 0.72 49.99
CA ALA C 251 3.90 1.91 50.09
C ALA C 251 2.92 2.02 48.93
N ASN C 252 3.38 1.75 47.71
CA ASN C 252 2.52 1.84 46.54
C ASN C 252 3.13 0.96 45.45
N ILE C 253 2.38 0.80 44.37
CA ILE C 253 2.82 -0.08 43.28
C ILE C 253 4.11 0.44 42.67
N THR C 254 4.19 1.75 42.44
CA THR C 254 5.36 2.33 41.78
C THR C 254 6.51 2.60 42.73
N ASP C 255 6.32 2.45 44.04
CA ASP C 255 7.38 2.71 44.99
C ASP C 255 8.38 1.55 45.00
N ARG C 256 9.54 1.82 45.58
CA ARG C 256 10.60 0.82 45.71
C ARG C 256 10.64 0.29 47.13
N ARG C 257 11.40 -0.79 47.30
CA ARG C 257 11.40 -1.55 48.54
C ARG C 257 12.68 -1.33 49.31
N GLY C 258 12.59 -1.47 50.63
CA GLY C 258 13.78 -1.34 51.47
C GLY C 258 14.81 -2.42 51.16
N ILE C 259 16.02 -2.20 51.67
CA ILE C 259 17.11 -3.12 51.39
C ILE C 259 16.79 -4.51 51.93
N ILE C 260 16.27 -4.58 53.17
CA ILE C 260 15.97 -5.86 53.77
C ILE C 260 14.81 -6.54 53.06
N ASP C 261 13.72 -5.79 52.83
CA ASP C 261 12.51 -6.41 52.27
C ASP C 261 12.72 -6.87 50.84
N LYS C 262 13.60 -6.20 50.09
CA LYS C 262 13.84 -6.57 48.70
C LYS C 262 14.16 -8.04 48.55
N PHE C 263 15.02 -8.58 49.42
CA PHE C 263 15.33 -10.00 49.39
C PHE C 263 14.63 -10.81 50.47
N ARG C 264 13.94 -10.17 51.42
CA ARG C 264 13.13 -10.93 52.36
C ARG C 264 11.81 -11.38 51.75
N LEU C 265 11.25 -10.60 50.83
CA LEU C 265 9.98 -10.98 50.20
C LEU C 265 10.08 -12.27 49.41
N PRO C 266 11.05 -12.45 48.50
CA PRO C 266 11.12 -13.73 47.78
C PRO C 266 11.43 -14.92 48.68
N TYR C 267 12.26 -14.72 49.70
CA TYR C 267 12.57 -15.81 50.60
C TYR C 267 11.32 -16.32 51.30
N LEU C 268 10.51 -15.39 51.80
CA LEU C 268 9.26 -15.80 52.46
C LEU C 268 8.26 -16.33 51.46
N LEU C 269 8.22 -15.77 50.24
CA LEU C 269 7.33 -16.31 49.21
C LEU C 269 7.61 -17.78 48.95
N GLY C 270 8.89 -18.14 48.85
CA GLY C 270 9.24 -19.55 48.74
C GLY C 270 8.92 -20.33 49.99
N LYS C 271 9.24 -19.77 51.15
CA LYS C 271 9.07 -20.51 52.40
C LYS C 271 7.62 -20.59 52.83
N ALA C 272 6.82 -19.54 52.58
CA ALA C 272 5.49 -19.46 53.18
C ALA C 272 4.56 -20.52 52.63
N ASP C 273 3.85 -21.19 53.54
CA ASP C 273 2.84 -22.15 53.13
C ASP C 273 1.53 -21.46 52.79
N TYR C 274 1.08 -20.55 53.66
CA TYR C 274 -0.06 -19.69 53.40
C TYR C 274 0.45 -18.30 53.06
N ILE C 275 0.33 -17.93 51.79
CA ILE C 275 0.74 -16.62 51.31
C ILE C 275 -0.52 -15.80 51.10
N PHE C 276 -0.54 -14.58 51.62
CA PHE C 276 -1.70 -13.71 51.52
C PHE C 276 -1.41 -12.53 50.61
N VAL C 277 -2.39 -12.21 49.77
CA VAL C 277 -2.36 -11.01 48.95
C VAL C 277 -3.72 -10.34 49.08
N ASP C 278 -3.78 -9.07 48.69
CA ASP C 278 -5.05 -8.33 48.73
C ASP C 278 -5.43 -7.67 47.42
N ASP C 279 -4.49 -7.40 46.53
CA ASP C 279 -4.75 -6.68 45.30
C ASP C 279 -3.63 -7.04 44.33
N PHE C 280 -3.52 -6.28 43.24
CA PHE C 280 -2.49 -6.55 42.26
C PHE C 280 -1.11 -6.50 42.91
N HIS C 281 -0.44 -7.65 42.95
CA HIS C 281 0.88 -7.80 43.56
C HIS C 281 1.77 -8.40 42.48
N PRO C 282 2.27 -7.57 41.57
CA PRO C 282 2.92 -8.09 40.35
C PRO C 282 4.16 -8.91 40.61
N LEU C 283 4.79 -8.80 41.78
CA LEU C 283 5.97 -9.60 42.05
C LEU C 283 5.63 -11.07 42.29
N ILE C 284 4.34 -11.38 42.49
CA ILE C 284 3.95 -12.76 42.72
C ILE C 284 3.52 -13.46 41.45
N TYR C 285 3.09 -12.71 40.45
CA TYR C 285 2.55 -13.34 39.22
C TYR C 285 3.67 -13.61 38.24
N THR C 286 4.92 -13.44 38.66
CA THR C 286 6.06 -13.72 37.81
C THR C 286 6.82 -14.97 38.26
N VAL C 287 6.31 -15.69 39.25
CA VAL C 287 7.00 -16.86 39.79
C VAL C 287 6.03 -18.03 39.82
N ARG C 288 6.60 -19.22 39.99
CA ARG C 288 5.84 -20.46 40.08
C ARG C 288 5.92 -21.02 41.49
N PHE C 289 4.79 -21.48 42.00
CA PHE C 289 4.66 -21.91 43.38
C PHE C 289 4.52 -23.43 43.44
N ARG C 290 4.92 -24.00 44.57
CA ARG C 290 4.69 -25.42 44.76
C ARG C 290 3.24 -25.67 45.18
N ARG C 291 2.80 -26.91 44.98
CA ARG C 291 1.39 -27.24 45.18
C ARG C 291 0.98 -27.07 46.64
N SER C 292 1.86 -27.46 47.57
CA SER C 292 1.49 -27.41 48.98
C SER C 292 1.26 -25.99 49.46
N GLN C 293 1.80 -25.00 48.76
CA GLN C 293 1.60 -23.60 49.15
C GLN C 293 0.19 -23.14 48.79
N GLU C 294 -0.25 -22.11 49.48
CA GLU C 294 -1.55 -21.51 49.23
C GLU C 294 -1.40 -20.00 49.11
N VAL C 295 -1.99 -19.44 48.07
CA VAL C 295 -1.99 -18.00 47.85
C VAL C 295 -3.43 -17.53 47.97
N ILE C 296 -3.75 -16.86 49.06
CA ILE C 296 -5.11 -16.44 49.35
C ILE C 296 -5.27 -15.00 48.89
N GLN C 297 -6.23 -14.78 47.99
CA GLN C 297 -6.51 -13.47 47.44
C GLN C 297 -7.75 -12.92 48.14
N VAL C 298 -7.54 -12.04 49.10
CA VAL C 298 -8.63 -11.36 49.80
C VAL C 298 -8.74 -9.99 49.15
N TRP C 299 -9.57 -9.91 48.11
CA TRP C 299 -9.73 -8.66 47.38
C TRP C 299 -10.29 -7.57 48.29
N ASN C 300 -9.84 -6.34 48.06
CA ASN C 300 -10.28 -5.23 48.89
C ASN C 300 -11.78 -5.00 48.76
N ALA C 301 -12.27 -4.91 47.52
CA ALA C 301 -13.67 -4.62 47.29
C ALA C 301 -14.55 -5.81 47.70
N VAL C 302 -15.85 -5.59 47.69
CA VAL C 302 -16.81 -6.51 48.29
C VAL C 302 -17.45 -7.43 47.26
N GLY C 303 -17.99 -6.88 46.17
CA GLY C 303 -18.72 -7.66 45.22
C GLY C 303 -18.26 -7.41 43.79
N ALA C 304 -18.77 -8.23 42.88
CA ALA C 304 -18.40 -8.15 41.47
C ALA C 304 -19.29 -7.12 40.79
N PHE C 305 -18.84 -5.87 40.80
CA PHE C 305 -19.57 -4.78 40.17
C PHE C 305 -18.97 -4.43 38.80
N LYS C 306 -17.69 -4.08 38.77
CA LYS C 306 -17.02 -3.70 37.54
C LYS C 306 -16.00 -4.77 37.16
N THR C 307 -15.61 -4.76 35.89
CA THR C 307 -14.72 -5.78 35.37
C THR C 307 -13.33 -5.65 35.99
N VAL C 308 -12.62 -6.77 36.05
CA VAL C 308 -11.30 -6.83 36.66
C VAL C 308 -10.59 -8.08 36.16
N GLY C 309 -9.29 -7.94 35.87
CA GLY C 309 -8.50 -9.10 35.50
C GLY C 309 -8.79 -9.57 34.09
N PHE C 310 -8.82 -10.88 33.91
CA PHE C 310 -9.06 -11.47 32.60
C PHE C 310 -10.44 -11.15 32.05
N SER C 311 -11.36 -10.71 32.91
CA SER C 311 -12.70 -10.40 32.42
C SER C 311 -12.74 -9.20 31.51
N ARG C 312 -11.68 -8.39 31.50
CA ARG C 312 -11.60 -7.25 30.58
C ARG C 312 -10.60 -7.50 29.45
N THR C 313 -10.32 -8.78 29.15
CA THR C 313 -9.46 -9.09 28.01
C THR C 313 -10.14 -8.66 26.72
N GLY C 314 -9.31 -8.22 25.77
CA GLY C 314 -9.82 -7.60 24.58
C GLY C 314 -10.22 -6.16 24.74
N LYS C 315 -10.19 -5.63 25.96
CA LYS C 315 -10.48 -4.23 26.25
C LYS C 315 -9.22 -3.53 26.70
N LYS C 316 -9.22 -2.21 26.59
CA LYS C 316 -8.02 -1.43 26.90
C LYS C 316 -7.63 -1.61 28.36
N GLY C 317 -6.34 -1.82 28.60
CA GLY C 317 -5.84 -1.98 29.94
C GLY C 317 -6.01 -3.38 30.52
N GLY C 318 -6.54 -4.31 29.75
CA GLY C 318 -6.73 -5.66 30.23
C GLY C 318 -5.64 -6.60 29.78
N PRO C 319 -5.45 -7.68 30.51
CA PRO C 319 -4.42 -8.65 30.12
C PRO C 319 -4.89 -9.56 29.01
N PHE C 320 -3.95 -9.94 28.15
CA PHE C 320 -4.20 -10.95 27.15
C PHE C 320 -4.43 -12.30 27.84
N ILE C 321 -5.23 -13.15 27.21
CA ILE C 321 -5.71 -14.38 27.81
C ILE C 321 -4.59 -15.34 28.21
N ASP C 322 -3.37 -15.12 27.74
CA ASP C 322 -2.26 -16.00 28.07
C ASP C 322 -1.46 -15.56 29.29
N SER C 323 -1.78 -14.41 29.88
CA SER C 323 -0.99 -13.86 30.96
C SER C 323 -1.23 -14.63 32.26
N LEU C 324 -0.24 -14.56 33.15
CA LEU C 324 -0.32 -15.14 34.47
C LEU C 324 -0.66 -14.10 35.53
N ASN C 325 -1.34 -13.01 35.12
CA ASN C 325 -1.47 -11.84 35.97
C ASN C 325 -2.30 -12.09 37.22
N HIS C 326 -3.15 -13.11 37.25
CA HIS C 326 -3.96 -13.35 38.42
C HIS C 326 -4.11 -14.84 38.73
N ARG C 327 -3.26 -15.69 38.19
CA ARG C 327 -3.55 -17.12 38.15
C ARG C 327 -2.98 -17.90 39.32
N SER C 328 -1.95 -17.39 39.99
CA SER C 328 -1.28 -18.13 41.06
C SER C 328 -2.03 -17.93 42.38
N TYR C 329 -3.25 -18.47 42.41
CA TYR C 329 -4.06 -18.48 43.62
C TYR C 329 -4.63 -19.86 43.84
N THR C 330 -4.89 -20.18 45.10
CA THR C 330 -5.55 -21.42 45.45
C THR C 330 -6.84 -21.21 46.20
N LYS C 331 -6.99 -20.10 46.91
CA LYS C 331 -8.22 -19.83 47.64
C LYS C 331 -8.50 -18.33 47.58
N ALA C 332 -9.40 -17.94 46.69
CA ALA C 332 -9.88 -16.56 46.60
C ALA C 332 -11.24 -16.50 47.26
N TYR C 333 -11.42 -15.51 48.14
CA TYR C 333 -12.60 -15.46 48.99
C TYR C 333 -13.49 -14.30 48.58
N VAL C 334 -14.77 -14.60 48.34
CA VAL C 334 -15.75 -13.63 47.90
C VAL C 334 -16.93 -13.64 48.87
N SER C 335 -17.77 -12.61 48.77
CA SER C 335 -18.81 -12.37 49.75
C SER C 335 -20.15 -13.01 49.40
N SER C 336 -20.30 -13.59 48.22
CA SER C 336 -21.59 -14.14 47.84
C SER C 336 -21.39 -15.30 46.87
N GLU C 337 -22.41 -16.16 46.79
CA GLU C 337 -22.36 -17.29 45.87
C GLU C 337 -22.33 -16.81 44.43
N THR C 338 -23.12 -15.78 44.11
CA THR C 338 -23.19 -15.27 42.75
C THR C 338 -21.88 -14.64 42.29
N ASP C 339 -20.96 -14.37 43.21
CA ASP C 339 -19.67 -13.83 42.83
C ASP C 339 -18.68 -14.90 42.38
N ILE C 340 -19.01 -16.18 42.55
CA ILE C 340 -18.06 -17.23 42.18
C ILE C 340 -17.72 -17.21 40.69
N PRO C 341 -18.69 -17.23 39.76
CA PRO C 341 -18.29 -17.25 38.35
C PRO C 341 -17.60 -15.98 37.91
N PHE C 342 -18.12 -14.82 38.30
CA PHE C 342 -17.49 -13.56 37.88
C PHE C 342 -16.07 -13.45 38.40
N TYR C 343 -15.85 -13.76 39.67
CA TYR C 343 -14.53 -13.57 40.25
C TYR C 343 -13.55 -14.67 39.81
N ALA C 344 -14.02 -15.90 39.63
CA ALA C 344 -13.17 -16.93 39.06
C ALA C 344 -12.76 -16.56 37.64
N GLU C 345 -13.68 -15.97 36.88
CA GLU C 345 -13.33 -15.44 35.57
C GLU C 345 -12.31 -14.33 35.67
N ALA C 346 -12.49 -13.44 36.65
CA ALA C 346 -11.60 -12.31 36.82
C ALA C 346 -10.17 -12.76 37.10
N PHE C 347 -10.02 -13.68 38.04
CA PHE C 347 -8.69 -14.12 38.45
C PHE C 347 -8.11 -15.19 37.54
N GLY C 348 -8.91 -15.78 36.66
CA GLY C 348 -8.41 -16.87 35.84
C GLY C 348 -8.06 -18.10 36.64
N ILE C 349 -8.87 -18.45 37.62
CA ILE C 349 -8.65 -19.61 38.47
C ILE C 349 -9.87 -20.52 38.40
N LYS C 350 -9.69 -21.75 38.84
CA LYS C 350 -10.80 -22.69 38.90
C LYS C 350 -11.87 -22.18 39.85
N GLU C 351 -13.12 -22.53 39.55
CA GLU C 351 -14.22 -22.01 40.35
C GLU C 351 -14.26 -22.60 41.75
N LYS C 352 -13.66 -23.77 41.96
CA LYS C 352 -13.57 -24.33 43.30
C LYS C 352 -12.63 -23.53 44.20
N ASN C 353 -11.70 -22.77 43.61
CA ASN C 353 -10.82 -21.92 44.39
C ASN C 353 -11.53 -20.70 44.98
N VAL C 354 -12.74 -20.41 44.54
CA VAL C 354 -13.48 -19.23 44.97
C VAL C 354 -14.53 -19.68 45.98
N VAL C 355 -14.42 -19.21 47.21
CA VAL C 355 -15.28 -19.68 48.29
C VAL C 355 -16.17 -18.55 48.78
N PRO C 356 -17.47 -18.78 48.95
CA PRO C 356 -18.34 -17.73 49.49
C PRO C 356 -18.39 -17.73 51.00
N THR C 357 -17.38 -17.17 51.64
CA THR C 357 -17.36 -17.08 53.11
C THR C 357 -17.71 -15.70 53.63
N GLY C 358 -17.46 -14.65 52.85
CA GLY C 358 -17.64 -13.31 53.34
C GLY C 358 -16.30 -12.60 53.49
N VAL C 359 -16.21 -11.38 52.97
CA VAL C 359 -14.95 -10.64 53.03
C VAL C 359 -14.73 -10.18 54.47
N PRO C 360 -13.56 -10.41 55.06
CA PRO C 360 -13.35 -10.04 56.46
C PRO C 360 -13.47 -8.57 56.74
N ARG C 361 -13.29 -7.71 55.73
CA ARG C 361 -13.44 -6.27 55.95
C ARG C 361 -14.84 -5.92 56.41
N THR C 362 -15.85 -6.65 55.94
CA THR C 362 -17.23 -6.40 56.30
C THR C 362 -17.57 -6.92 57.69
N ASP C 363 -16.57 -7.27 58.50
CA ASP C 363 -16.85 -7.74 59.85
C ASP C 363 -17.54 -6.67 60.67
N VAL C 364 -17.11 -5.41 60.52
CA VAL C 364 -17.64 -4.35 61.37
C VAL C 364 -19.03 -3.87 60.93
N LEU C 365 -19.40 -4.05 59.67
CA LEU C 365 -20.67 -3.48 59.21
C LEU C 365 -21.86 -4.11 59.92
N PHE C 366 -21.72 -5.36 60.37
CA PHE C 366 -22.78 -6.05 61.09
C PHE C 366 -22.62 -5.96 62.59
N ASP C 367 -21.62 -5.22 63.07
CA ASP C 367 -21.39 -5.05 64.50
C ASP C 367 -22.26 -3.92 65.03
N GLU C 368 -22.44 -3.89 66.36
CA GLU C 368 -23.30 -2.94 67.03
C GLU C 368 -22.54 -1.98 67.93
N ALA C 369 -21.64 -2.50 68.77
CA ALA C 369 -20.85 -1.62 69.62
C ALA C 369 -19.96 -0.72 68.78
N TYR C 370 -19.37 -1.27 67.72
CA TYR C 370 -18.57 -0.45 66.81
C TYR C 370 -19.43 0.63 66.15
N ALA C 371 -20.71 0.34 65.92
CA ALA C 371 -21.60 1.33 65.32
C ALA C 371 -21.72 2.55 66.21
N THR C 372 -22.05 2.36 67.48
CA THR C 372 -22.17 3.48 68.40
C THR C 372 -20.84 4.18 68.59
N GLN C 373 -19.76 3.41 68.69
CA GLN C 373 -18.43 3.99 68.87
C GLN C 373 -18.10 4.93 67.71
N ILE C 374 -18.25 4.43 66.48
CA ILE C 374 -17.88 5.22 65.30
C ILE C 374 -18.86 6.37 65.10
N LYS C 375 -20.13 6.19 65.47
CA LYS C 375 -21.07 7.29 65.37
C LYS C 375 -20.67 8.44 66.29
N GLN C 376 -20.28 8.12 67.53
CA GLN C 376 -19.82 9.16 68.44
C GLN C 376 -18.54 9.81 67.91
N GLU C 377 -17.61 9.01 67.41
CA GLU C 377 -16.37 9.57 66.89
C GLU C 377 -16.64 10.54 65.73
N MET C 378 -17.50 10.14 64.79
CA MET C 378 -17.74 10.98 63.63
C MET C 378 -18.58 12.21 63.97
N GLU C 379 -19.48 12.08 64.96
CA GLU C 379 -20.20 13.26 65.43
C GLU C 379 -19.26 14.26 66.09
N ASP C 380 -18.32 13.78 66.91
CA ASP C 380 -17.44 14.69 67.62
C ASP C 380 -16.41 15.31 66.69
N GLU C 381 -15.78 14.49 65.83
CA GLU C 381 -14.74 14.97 64.94
C GLU C 381 -15.30 15.72 63.74
N LEU C 382 -16.58 15.58 63.45
CA LEU C 382 -17.25 16.30 62.37
C LEU C 382 -18.61 16.74 62.87
N PRO C 383 -18.67 17.83 63.64
CA PRO C 383 -19.96 18.27 64.20
C PRO C 383 -20.97 18.70 63.15
N ILE C 384 -20.53 18.97 61.92
CA ILE C 384 -21.41 19.44 60.86
C ILE C 384 -22.45 18.39 60.45
N ILE C 385 -22.31 17.15 60.92
CA ILE C 385 -23.19 16.06 60.50
C ILE C 385 -24.46 16.02 61.35
N LYS C 386 -24.65 17.03 62.18
CA LYS C 386 -25.86 17.08 63.00
C LYS C 386 -27.09 17.48 62.22
N GLY C 387 -27.03 17.59 60.90
CA GLY C 387 -28.20 17.96 60.13
C GLY C 387 -29.28 16.89 60.14
N LYS C 388 -30.42 17.23 59.55
CA LYS C 388 -31.55 16.31 59.52
C LYS C 388 -31.19 15.03 58.76
N LYS C 389 -30.52 15.16 57.62
CA LYS C 389 -30.04 14.01 56.86
C LYS C 389 -28.61 14.28 56.44
N VAL C 390 -27.86 13.21 56.22
CA VAL C 390 -26.49 13.29 55.74
C VAL C 390 -26.40 12.52 54.43
N ILE C 391 -25.86 13.17 53.41
CA ILE C 391 -25.68 12.57 52.10
C ILE C 391 -24.20 12.48 51.81
N LEU C 392 -23.81 11.47 51.04
CA LEU C 392 -22.40 11.22 50.76
C LEU C 392 -22.22 11.00 49.26
N PHE C 393 -21.58 11.95 48.60
CA PHE C 393 -21.10 11.74 47.25
C PHE C 393 -19.81 10.92 47.32
N ALA C 394 -19.67 9.96 46.41
CA ALA C 394 -18.49 9.10 46.44
C ALA C 394 -18.27 8.43 45.09
N PRO C 395 -17.86 9.17 44.08
CA PRO C 395 -17.69 8.57 42.75
C PRO C 395 -16.36 7.84 42.64
N THR C 396 -16.26 7.02 41.60
CA THR C 396 -15.03 6.32 41.33
C THR C 396 -14.21 7.07 40.28
N PHE C 397 -12.96 6.64 40.13
CA PHE C 397 -12.05 7.31 39.22
C PHE C 397 -12.50 7.14 37.78
N ARG C 398 -12.39 8.21 37.01
CA ARG C 398 -12.77 8.20 35.61
C ARG C 398 -11.63 7.77 34.70
N GLY C 399 -10.45 7.51 35.24
CA GLY C 399 -9.29 7.19 34.44
C GLY C 399 -9.17 5.71 34.14
N SER C 400 -8.18 5.39 33.31
CA SER C 400 -7.92 4.00 32.95
C SER C 400 -7.26 3.23 34.08
N GLY C 401 -6.65 3.91 35.04
CA GLY C 401 -5.97 3.23 36.12
C GLY C 401 -5.30 4.22 37.04
N HIS C 402 -4.44 3.69 37.91
CA HIS C 402 -3.74 4.54 38.86
C HIS C 402 -2.83 5.54 38.16
N GLY C 403 -2.14 5.10 37.10
CA GLY C 403 -1.26 5.99 36.38
C GLY C 403 -1.99 7.13 35.68
N THR C 404 -3.22 6.88 35.24
CA THR C 404 -4.02 7.89 34.56
C THR C 404 -5.19 8.35 35.44
N ALA C 405 -5.01 8.30 36.76
CA ALA C 405 -6.07 8.68 37.68
C ALA C 405 -6.49 10.13 37.45
N HIS C 406 -7.80 10.34 37.36
CA HIS C 406 -8.34 11.68 37.17
C HIS C 406 -9.83 11.65 37.48
N TYR C 407 -10.41 12.84 37.56
CA TYR C 407 -11.85 12.98 37.69
C TYR C 407 -12.28 14.37 37.22
N PRO C 408 -13.14 14.44 36.21
CA PRO C 408 -13.71 15.74 35.80
C PRO C 408 -14.81 16.18 36.76
N PHE C 409 -14.40 16.85 37.85
CA PHE C 409 -15.36 17.23 38.87
C PHE C 409 -16.39 18.23 38.35
N PHE C 410 -16.03 19.01 37.33
CA PHE C 410 -16.88 20.10 36.84
C PHE C 410 -18.30 19.63 36.54
N LYS C 411 -18.49 18.31 36.43
CA LYS C 411 -19.83 17.77 36.24
C LYS C 411 -20.76 18.08 37.40
N ILE C 412 -20.21 18.44 38.56
CA ILE C 412 -20.98 18.74 39.75
C ILE C 412 -20.98 20.25 39.97
N ASP C 413 -22.17 20.83 40.07
CA ASP C 413 -22.34 22.25 40.38
C ASP C 413 -22.57 22.38 41.88
N PHE C 414 -21.64 23.05 42.55
CA PHE C 414 -21.70 23.13 44.01
C PHE C 414 -22.93 23.90 44.48
N GLU C 415 -23.23 25.01 43.82
CA GLU C 415 -24.18 25.97 44.38
C GLU C 415 -25.58 25.39 44.50
N ARG C 416 -26.03 24.67 43.47
CA ARG C 416 -27.38 24.13 43.51
C ARG C 416 -27.53 23.10 44.63
N LEU C 417 -26.52 22.23 44.78
CA LEU C 417 -26.56 21.26 45.87
C LEU C 417 -26.53 21.95 47.23
N ALA C 418 -25.73 23.01 47.36
CA ALA C 418 -25.70 23.76 48.61
C ALA C 418 -27.04 24.40 48.91
N ARG C 419 -27.70 24.93 47.88
CA ARG C 419 -29.03 25.52 48.08
C ARG C 419 -30.05 24.45 48.47
N TYR C 420 -29.94 23.26 47.88
CA TYR C 420 -30.80 22.16 48.32
C TYR C 420 -30.56 21.82 49.79
N CYS C 421 -29.28 21.79 50.19
CA CYS C 421 -28.95 21.50 51.58
C CYS C 421 -29.53 22.56 52.51
N GLU C 422 -29.42 23.83 52.13
CA GLU C 422 -29.97 24.91 52.93
C GLU C 422 -31.49 24.79 53.03
N LYS C 423 -32.15 24.44 51.92
CA LYS C 423 -33.59 24.27 51.96
C LYS C 423 -34.01 23.06 52.78
N ASN C 424 -33.14 22.06 52.90
CA ASN C 424 -33.50 20.79 53.52
C ASN C 424 -32.78 20.53 54.83
N ASN C 425 -31.88 21.42 55.25
CA ASN C 425 -31.12 21.25 56.50
C ASN C 425 -30.39 19.91 56.51
N ALA C 426 -29.81 19.55 55.38
CA ALA C 426 -29.03 18.34 55.23
C ALA C 426 -27.61 18.68 54.82
N VAL C 427 -26.71 17.72 54.95
CA VAL C 427 -25.30 17.93 54.67
C VAL C 427 -24.83 16.86 53.70
N VAL C 428 -24.09 17.26 52.67
CA VAL C 428 -23.55 16.34 51.67
C VAL C 428 -22.04 16.31 51.81
N LEU C 429 -21.50 15.10 51.93
CA LEU C 429 -20.07 14.88 52.12
C LEU C 429 -19.50 14.21 50.87
N PHE C 430 -18.24 14.52 50.57
CA PHE C 430 -17.61 14.11 49.33
C PHE C 430 -16.37 13.30 49.67
N LYS C 431 -16.23 12.14 49.03
CA LYS C 431 -15.06 11.27 49.21
C LYS C 431 -14.66 10.73 47.84
N MET C 432 -13.72 11.40 47.18
CA MET C 432 -13.18 10.85 45.96
C MET C 432 -12.32 9.63 46.25
N HIS C 433 -12.07 8.84 45.21
CA HIS C 433 -11.31 7.61 45.37
C HIS C 433 -9.85 7.93 45.73
N PRO C 434 -9.18 7.04 46.47
CA PRO C 434 -7.75 7.25 46.73
C PRO C 434 -6.90 7.29 45.47
N PHE C 435 -7.37 6.70 44.37
CA PHE C 435 -6.68 6.80 43.09
C PHE C 435 -7.20 8.02 42.31
N VAL C 436 -6.93 9.20 42.88
CA VAL C 436 -7.33 10.45 42.25
C VAL C 436 -6.17 11.43 42.33
N LYS C 437 -6.22 12.50 41.53
CA LYS C 437 -5.13 13.47 41.49
C LYS C 437 -5.67 14.88 41.65
N ASN C 438 -7.00 15.03 41.62
CA ASN C 438 -7.61 16.35 41.72
C ASN C 438 -7.84 16.73 43.18
N ARG C 439 -7.87 18.04 43.46
CA ARG C 439 -8.14 18.53 44.80
C ARG C 439 -9.42 19.37 44.80
N LEU C 440 -10.29 19.12 45.76
CA LEU C 440 -11.54 19.86 45.87
C LEU C 440 -11.31 21.34 46.17
N ASN C 441 -12.19 22.20 45.68
CA ASN C 441 -12.21 23.62 46.02
C ASN C 441 -13.58 23.94 46.61
N ILE C 442 -13.60 24.66 47.72
CA ILE C 442 -14.80 24.89 48.50
C ILE C 442 -14.98 26.39 48.71
N ALA C 443 -16.21 26.88 48.52
CA ALA C 443 -16.50 28.31 48.66
C ALA C 443 -17.17 28.63 49.99
N ASP C 444 -17.59 29.89 50.17
CA ASP C 444 -18.01 30.40 51.46
C ASP C 444 -19.17 29.63 52.07
N LYS C 445 -20.35 29.68 51.43
CA LYS C 445 -21.46 28.86 51.90
C LYS C 445 -21.17 27.37 51.73
N HIS C 446 -20.30 27.01 50.78
CA HIS C 446 -19.97 25.61 50.55
C HIS C 446 -19.31 24.99 51.78
N LYS C 447 -18.42 25.74 52.44
CA LYS C 447 -17.77 25.24 53.64
C LYS C 447 -18.77 24.99 54.76
N GLN C 448 -19.91 25.66 54.75
CA GLN C 448 -20.83 25.56 55.87
C GLN C 448 -21.68 24.30 55.76
N TYR C 449 -21.79 23.74 54.55
CA TYR C 449 -22.38 22.43 54.35
C TYR C 449 -21.42 21.39 53.79
N PHE C 450 -20.80 21.64 52.64
CA PHE C 450 -19.95 20.65 52.01
C PHE C 450 -18.70 20.39 52.84
N VAL C 451 -18.27 19.13 52.85
CA VAL C 451 -17.06 18.73 53.55
C VAL C 451 -16.20 17.91 52.61
N ASP C 452 -14.95 18.31 52.44
CA ASP C 452 -14.00 17.58 51.61
C ASP C 452 -13.40 16.46 52.46
N VAL C 453 -13.74 15.22 52.13
CA VAL C 453 -13.23 14.08 52.89
C VAL C 453 -12.45 13.17 51.95
N SER C 454 -11.15 13.38 51.85
CA SER C 454 -10.27 12.54 51.05
C SER C 454 -9.06 12.07 51.83
N ASP C 455 -9.04 12.30 53.14
CA ASP C 455 -7.89 11.99 53.97
C ASP C 455 -8.20 10.87 54.98
N PHE C 456 -9.47 10.72 55.34
CA PHE C 456 -9.87 9.74 56.35
C PHE C 456 -9.42 8.33 55.96
N ARG C 457 -8.61 7.71 56.82
CA ARG C 457 -8.04 6.41 56.51
C ARG C 457 -9.11 5.32 56.38
N GLU C 458 -10.06 5.29 57.30
CA GLU C 458 -11.11 4.28 57.26
C GLU C 458 -12.06 4.58 56.11
N VAL C 459 -12.17 3.64 55.17
CA VAL C 459 -13.04 3.84 54.01
C VAL C 459 -14.50 3.83 54.43
N ASN C 460 -14.91 2.86 55.23
CA ASN C 460 -16.29 2.75 55.68
C ASN C 460 -16.57 3.60 56.91
N ASP C 461 -15.73 4.59 57.20
CA ASP C 461 -15.93 5.43 58.36
C ASP C 461 -17.23 6.22 58.25
N ILE C 462 -17.47 6.84 57.09
CA ILE C 462 -18.59 7.76 56.95
C ILE C 462 -19.91 7.05 56.65
N LEU C 463 -19.86 5.83 56.10
CA LEU C 463 -21.07 5.14 55.72
C LEU C 463 -22.00 4.88 56.89
N PHE C 464 -21.48 4.93 58.12
CA PHE C 464 -22.27 4.66 59.30
C PHE C 464 -23.27 5.77 59.61
N ILE C 465 -23.05 6.98 59.10
CA ILE C 465 -23.88 8.12 59.43
C ILE C 465 -24.77 8.58 58.28
N THR C 466 -24.40 8.32 57.03
CA THR C 466 -25.08 8.91 55.90
C THR C 466 -26.47 8.31 55.72
N ASP C 467 -27.40 9.13 55.23
CA ASP C 467 -28.75 8.70 54.91
C ASP C 467 -29.02 8.75 53.41
N LEU C 468 -27.98 8.59 52.61
CA LEU C 468 -28.02 8.61 51.16
C LEU C 468 -26.62 8.31 50.67
N LEU C 469 -26.48 8.09 49.37
CA LEU C 469 -25.16 7.90 48.78
C LEU C 469 -25.28 8.13 47.28
N ILE C 470 -24.72 9.23 46.80
CA ILE C 470 -24.71 9.52 45.37
C ILE C 470 -23.36 9.06 44.85
N SER C 471 -23.31 7.80 44.44
CA SER C 471 -22.14 7.23 43.79
C SER C 471 -22.59 6.56 42.50
N ASP C 472 -21.64 6.39 41.58
CA ASP C 472 -21.99 5.85 40.27
C ASP C 472 -21.50 4.42 40.08
N TYR C 473 -20.19 4.18 40.19
CA TYR C 473 -19.61 2.94 39.70
C TYR C 473 -18.76 2.24 40.74
N SER C 474 -18.50 2.87 41.89
CA SER C 474 -17.65 2.27 42.91
C SER C 474 -18.36 1.11 43.59
N SER C 475 -17.57 0.28 44.24
CA SER C 475 -18.10 -0.84 45.01
C SER C 475 -18.59 -0.40 46.39
N LEU C 476 -18.56 0.89 46.69
CA LEU C 476 -19.00 1.38 47.99
C LEU C 476 -20.46 1.08 48.26
N ILE C 477 -21.26 0.86 47.20
CA ILE C 477 -22.66 0.56 47.41
C ILE C 477 -22.83 -0.76 48.12
N TYR C 478 -21.86 -1.66 47.97
CA TYR C 478 -21.91 -2.93 48.67
C TYR C 478 -21.87 -2.74 50.17
N GLU C 479 -20.87 -1.99 50.66
CA GLU C 479 -20.73 -1.77 52.09
C GLU C 479 -21.90 -0.96 52.63
N TYR C 480 -22.32 0.07 51.90
CA TYR C 480 -23.43 0.89 52.37
C TYR C 480 -24.75 0.13 52.36
N ALA C 481 -24.87 -0.93 51.56
CA ALA C 481 -26.13 -1.63 51.45
C ALA C 481 -26.58 -2.24 52.77
N VAL C 482 -25.66 -2.51 53.69
CA VAL C 482 -26.00 -3.21 54.92
C VAL C 482 -26.81 -2.37 55.88
N PHE C 483 -26.95 -1.07 55.61
CA PHE C 483 -27.58 -0.15 56.55
C PHE C 483 -29.03 0.16 56.21
N LYS C 484 -29.62 -0.57 55.27
CA LYS C 484 -31.02 -0.37 54.87
C LYS C 484 -31.27 1.09 54.50
N LYS C 485 -30.46 1.61 53.60
CA LYS C 485 -30.56 3.00 53.19
C LYS C 485 -30.64 3.10 51.67
N PRO C 486 -31.29 4.13 51.15
CA PRO C 486 -31.37 4.30 49.70
C PRO C 486 -30.16 5.03 49.15
N MET C 487 -29.93 4.86 47.86
CA MET C 487 -28.85 5.59 47.19
C MET C 487 -29.27 5.96 45.77
N ILE C 488 -28.64 7.03 45.27
CA ILE C 488 -28.85 7.54 43.93
C ILE C 488 -27.57 7.33 43.14
N PHE C 489 -27.71 6.99 41.86
CA PHE C 489 -26.57 6.65 41.02
C PHE C 489 -26.39 7.70 39.94
N TYR C 490 -25.20 8.30 39.88
CA TYR C 490 -24.89 9.35 38.92
C TYR C 490 -24.21 8.74 37.69
N ALA C 491 -25.04 8.12 36.84
CA ALA C 491 -24.54 7.49 35.61
C ALA C 491 -24.29 8.58 34.55
N PHE C 492 -23.25 9.37 34.81
CA PHE C 492 -22.97 10.53 33.96
C PHE C 492 -22.42 10.12 32.60
N ASP C 493 -21.52 9.16 32.59
CA ASP C 493 -20.84 8.71 31.38
C ASP C 493 -21.04 7.22 31.20
N LEU C 494 -22.30 6.79 31.31
CA LEU C 494 -22.61 5.37 31.30
C LEU C 494 -22.20 4.71 29.99
N GLU C 495 -22.47 5.37 28.87
CA GLU C 495 -22.12 4.78 27.58
C GLU C 495 -20.61 4.62 27.45
N ASP C 496 -19.85 5.67 27.75
CA ASP C 496 -18.40 5.59 27.60
C ASP C 496 -17.81 4.55 28.56
N TYR C 497 -18.27 4.55 29.81
CA TYR C 497 -17.72 3.61 30.78
C TYR C 497 -18.04 2.18 30.39
N ILE C 498 -19.27 1.92 29.97
CA ILE C 498 -19.64 0.58 29.49
C ILE C 498 -18.76 0.20 28.30
N THR C 499 -18.47 1.16 27.42
CA THR C 499 -17.58 0.88 26.30
C THR C 499 -16.19 0.51 26.77
N THR C 500 -15.68 1.20 27.78
CA THR C 500 -14.31 0.97 28.23
C THR C 500 -14.22 -0.27 29.12
N ARG C 501 -14.89 -0.24 30.27
CA ARG C 501 -14.98 -1.40 31.14
C ARG C 501 -16.43 -1.53 31.59
N ASP C 502 -17.07 -2.61 31.19
CA ASP C 502 -18.48 -2.79 31.51
C ASP C 502 -18.61 -3.41 32.91
N PHE C 503 -19.81 -3.83 33.26
CA PHE C 503 -20.08 -4.43 34.55
C PHE C 503 -20.45 -5.89 34.37
N TYR C 504 -20.13 -6.70 35.40
CA TYR C 504 -20.43 -8.12 35.32
C TYR C 504 -21.92 -8.39 35.18
N GLU C 505 -22.76 -7.43 35.52
CA GLU C 505 -24.19 -7.47 35.29
C GLU C 505 -24.60 -6.19 34.59
N PRO C 506 -25.74 -6.19 33.90
CA PRO C 506 -26.21 -4.94 33.27
C PRO C 506 -26.39 -3.85 34.31
N TYR C 507 -26.03 -2.62 33.94
CA TYR C 507 -26.02 -1.54 34.91
C TYR C 507 -27.42 -1.13 35.33
N GLU C 508 -28.35 -1.04 34.37
CA GLU C 508 -29.63 -0.41 34.65
C GLU C 508 -30.41 -1.13 35.73
N SER C 509 -30.32 -2.47 35.78
CA SER C 509 -31.06 -3.26 36.74
C SER C 509 -30.26 -3.62 37.99
N PHE C 510 -28.94 -3.64 37.89
CA PHE C 510 -28.11 -4.03 39.03
C PHE C 510 -28.22 -3.02 40.16
N VAL C 511 -28.22 -1.73 39.84
CA VAL C 511 -28.06 -0.70 40.86
C VAL C 511 -29.27 -0.69 41.78
N PRO C 512 -29.07 -0.67 43.08
CA PRO C 512 -30.19 -0.49 44.03
C PRO C 512 -30.53 0.97 44.34
N GLY C 513 -31.21 1.60 43.39
CA GLY C 513 -31.65 2.98 43.54
C GLY C 513 -32.04 3.54 42.19
N LYS C 514 -32.38 4.83 42.20
CA LYS C 514 -32.56 5.55 40.96
C LYS C 514 -31.30 5.50 40.11
N ILE C 515 -31.49 5.36 38.82
CA ILE C 515 -30.46 5.73 37.85
C ILE C 515 -30.63 7.20 37.53
N VAL C 516 -29.51 7.89 37.35
CA VAL C 516 -29.50 9.33 37.13
C VAL C 516 -28.37 9.68 36.18
N GLN C 517 -28.67 10.48 35.17
CA GLN C 517 -27.68 10.88 34.17
C GLN C 517 -27.23 12.32 34.31
N SER C 518 -28.14 13.24 34.64
CA SER C 518 -27.83 14.67 34.74
C SER C 518 -28.06 15.18 36.15
N PHE C 519 -27.52 16.37 36.41
CA PHE C 519 -27.63 16.99 37.73
C PHE C 519 -29.10 17.26 38.08
N ASP C 520 -29.87 17.73 37.09
CA ASP C 520 -31.29 17.99 37.29
C ASP C 520 -31.99 16.75 37.82
N ALA C 521 -31.55 15.56 37.41
CA ALA C 521 -32.11 14.34 37.95
C ALA C 521 -31.82 14.23 39.45
N LEU C 522 -30.63 14.66 39.90
CA LEU C 522 -30.38 14.72 41.34
C LEU C 522 -31.35 15.64 42.04
N MET C 523 -31.50 16.89 41.58
CA MET C 523 -32.47 17.71 42.32
C MET C 523 -33.88 17.15 42.22
N ASP C 524 -34.21 16.45 41.15
CA ASP C 524 -35.52 15.80 41.08
C ASP C 524 -35.66 14.74 42.16
N ALA C 525 -34.63 13.90 42.31
CA ALA C 525 -34.73 12.79 43.25
C ALA C 525 -34.71 13.28 44.70
N LEU C 526 -33.78 14.15 45.04
CA LEU C 526 -33.68 14.61 46.42
C LEU C 526 -34.79 15.60 46.77
N ASP C 527 -35.15 16.49 45.85
CA ASP C 527 -36.24 17.43 46.12
C ASP C 527 -37.56 16.69 46.29
N ASN C 528 -37.84 15.70 45.45
CA ASN C 528 -39.03 14.89 45.61
C ASN C 528 -38.89 13.85 46.71
N GLU C 529 -37.66 13.61 47.20
CA GLU C 529 -37.42 12.70 48.32
C GLU C 529 -37.94 11.29 48.03
N ASP C 530 -37.78 10.85 46.78
CA ASP C 530 -38.11 9.49 46.38
C ASP C 530 -36.84 8.83 45.86
N TYR C 531 -36.52 7.65 46.37
CA TYR C 531 -35.23 7.02 46.11
C TYR C 531 -35.33 5.55 45.70
N GLU C 532 -36.50 4.94 45.78
CA GLU C 532 -36.67 3.50 45.52
C GLU C 532 -35.71 2.68 46.36
N GLY C 533 -35.85 2.81 47.68
CA GLY C 533 -35.13 1.95 48.60
C GLY C 533 -35.74 0.59 48.79
N GLU C 534 -36.86 0.32 48.12
CA GLU C 534 -37.49 -0.99 48.24
C GLU C 534 -36.66 -2.09 47.61
N LYS C 535 -35.67 -1.75 46.80
CA LYS C 535 -34.82 -2.73 46.15
C LYS C 535 -33.43 -2.84 46.76
N VAL C 536 -33.10 -2.03 47.77
CA VAL C 536 -31.80 -2.17 48.40
C VAL C 536 -31.78 -3.33 49.38
N ILE C 537 -32.94 -3.63 50.00
CA ILE C 537 -33.02 -4.82 50.84
C ILE C 537 -32.85 -6.10 50.03
N PRO C 538 -33.49 -6.29 48.87
CA PRO C 538 -33.12 -7.45 48.04
C PRO C 538 -31.66 -7.49 47.67
N PHE C 539 -31.06 -6.34 47.39
CA PHE C 539 -29.64 -6.31 47.03
C PHE C 539 -28.78 -6.80 48.18
N LEU C 540 -29.05 -6.33 49.39
CA LEU C 540 -28.31 -6.79 50.55
C LEU C 540 -28.54 -8.26 50.80
N ASP C 541 -29.78 -8.73 50.63
CA ASP C 541 -30.08 -10.14 50.84
C ASP C 541 -29.33 -11.01 49.85
N LYS C 542 -29.25 -10.59 48.59
CA LYS C 542 -28.69 -11.47 47.56
C LYS C 542 -27.17 -11.38 47.48
N HIS C 543 -26.60 -10.18 47.52
CA HIS C 543 -25.17 -10.02 47.31
C HIS C 543 -24.35 -10.16 48.58
N PHE C 544 -24.99 -10.50 49.70
CA PHE C 544 -24.30 -10.82 50.94
C PHE C 544 -24.76 -12.18 51.39
N LYS C 545 -23.88 -13.18 51.28
CA LYS C 545 -24.27 -14.55 51.63
C LYS C 545 -24.54 -14.68 53.12
N TYR C 546 -23.66 -14.13 53.95
CA TYR C 546 -23.79 -14.25 55.40
C TYR C 546 -24.02 -12.87 56.01
N GLN C 547 -25.07 -12.77 56.82
CA GLN C 547 -25.38 -11.54 57.55
C GLN C 547 -24.95 -11.61 59.00
N ASP C 548 -24.28 -12.69 59.40
CA ASP C 548 -23.87 -12.85 60.79
C ASP C 548 -22.69 -11.97 61.16
N GLY C 549 -22.03 -11.35 60.19
CA GLY C 549 -20.88 -10.54 60.49
C GLY C 549 -19.73 -11.31 61.12
N ARG C 550 -19.49 -12.52 60.62
CA ARG C 550 -18.43 -13.40 61.11
C ARG C 550 -17.56 -13.87 59.94
N SER C 551 -17.26 -12.96 59.02
CA SER C 551 -16.56 -13.34 57.79
C SER C 551 -15.14 -13.81 58.09
N SER C 552 -14.42 -13.10 58.95
CA SER C 552 -13.05 -13.48 59.27
C SER C 552 -13.00 -14.85 59.92
N GLU C 553 -13.98 -15.15 60.79
CA GLU C 553 -14.02 -16.45 61.44
C GLU C 553 -14.16 -17.57 60.42
N ARG C 554 -15.06 -17.41 59.45
CA ARG C 554 -15.23 -18.44 58.44
C ARG C 554 -14.02 -18.54 57.53
N LEU C 555 -13.40 -17.40 57.20
CA LEU C 555 -12.20 -17.45 56.37
C LEU C 555 -11.09 -18.23 57.05
N VAL C 556 -10.83 -17.93 58.32
CA VAL C 556 -9.76 -18.60 59.05
C VAL C 556 -10.10 -20.06 59.29
N ARG C 557 -11.36 -20.37 59.60
CA ARG C 557 -11.77 -21.76 59.77
C ARG C 557 -11.58 -22.55 58.49
N ASN C 558 -11.97 -21.97 57.36
CA ASN C 558 -11.81 -22.66 56.08
C ASN C 558 -10.35 -22.87 55.74
N LEU C 559 -9.51 -21.86 55.98
CA LEU C 559 -8.12 -21.96 55.57
C LEU C 559 -7.33 -22.89 56.47
N PHE C 560 -7.53 -22.80 57.79
CA PHE C 560 -6.71 -23.53 58.74
C PHE C 560 -7.42 -24.67 59.44
N GLY C 561 -8.73 -24.59 59.62
CA GLY C 561 -9.45 -25.62 60.35
C GLY C 561 -9.41 -25.38 61.85
N VAL D 2 -14.72 47.06 -33.17
CA VAL D 2 -14.88 45.65 -32.83
C VAL D 2 -13.52 45.03 -32.50
N LYS D 3 -13.48 44.21 -31.45
CA LYS D 3 -12.24 43.60 -31.02
C LYS D 3 -11.79 42.52 -32.02
N SER D 4 -10.48 42.29 -32.06
CA SER D 4 -9.86 41.32 -32.95
C SER D 4 -9.06 40.33 -32.12
N LYS D 5 -9.49 39.08 -32.10
CA LYS D 5 -8.87 38.05 -31.29
C LYS D 5 -8.73 36.77 -32.10
N ILE D 6 -8.03 35.79 -31.53
CA ILE D 6 -7.81 34.50 -32.16
C ILE D 6 -8.19 33.41 -31.18
N TYR D 7 -8.92 32.41 -31.67
CA TYR D 7 -9.40 31.30 -30.86
C TYR D 7 -8.64 30.03 -31.21
N ILE D 8 -8.53 29.14 -30.21
CA ILE D 8 -7.90 27.84 -30.38
C ILE D 8 -8.98 26.78 -30.19
N ASP D 9 -9.21 25.97 -31.22
CA ASP D 9 -10.27 24.98 -31.18
C ASP D 9 -9.78 23.55 -31.28
N LYS D 10 -8.48 23.32 -31.44
CA LYS D 10 -7.95 21.96 -31.53
C LYS D 10 -6.59 21.91 -30.87
N ILE D 11 -6.34 20.85 -30.11
CA ILE D 11 -5.02 20.54 -29.58
C ILE D 11 -4.74 19.12 -30.06
N TYR D 12 -4.08 19.01 -31.20
CA TYR D 12 -3.80 17.73 -31.85
C TYR D 12 -2.33 17.38 -31.66
N TRP D 13 -2.04 16.11 -31.45
CA TRP D 13 -0.69 15.65 -31.13
C TRP D 13 -0.27 14.57 -32.10
N GLU D 14 0.82 14.81 -32.82
CA GLU D 14 1.52 13.79 -33.57
C GLU D 14 2.60 13.21 -32.66
N ARG D 15 3.57 12.48 -33.22
CA ARG D 15 4.59 11.80 -32.44
C ARG D 15 5.19 12.70 -31.38
N VAL D 16 5.88 13.76 -31.80
CA VAL D 16 6.37 14.77 -30.88
C VAL D 16 6.05 16.15 -31.44
N GLN D 17 5.16 16.20 -32.41
CA GLN D 17 4.71 17.43 -33.02
C GLN D 17 3.36 17.82 -32.44
N LEU D 18 3.27 19.02 -31.89
CA LEU D 18 2.04 19.56 -31.34
C LEU D 18 1.37 20.44 -32.39
N PHE D 19 0.12 20.11 -32.73
CA PHE D 19 -0.65 20.88 -33.70
C PHE D 19 -1.71 21.67 -32.96
N VAL D 20 -1.76 22.97 -33.21
CA VAL D 20 -2.72 23.86 -32.58
C VAL D 20 -3.49 24.57 -33.69
N GLU D 21 -4.80 24.38 -33.71
CA GLU D 21 -5.64 24.87 -34.78
C GLU D 21 -6.63 25.88 -34.24
N GLY D 22 -7.13 26.74 -35.11
CA GLY D 22 -8.07 27.74 -34.68
C GLY D 22 -8.45 28.68 -35.81
N HIS D 23 -9.07 29.79 -35.44
CA HIS D 23 -9.57 30.75 -36.41
C HIS D 23 -9.48 32.14 -35.82
N SER D 24 -9.46 33.14 -36.70
CA SER D 24 -9.37 34.53 -36.30
C SER D 24 -10.48 35.33 -36.96
N GLU D 25 -11.02 36.30 -36.22
CA GLU D 25 -12.09 37.16 -36.69
C GLU D 25 -11.63 38.61 -36.65
N ASN D 26 -12.02 39.37 -37.67
CA ASN D 26 -11.65 40.77 -37.81
C ASN D 26 -10.14 40.96 -37.65
N LEU D 27 -9.37 40.04 -38.24
CA LEU D 27 -7.91 40.10 -38.15
C LEU D 27 -7.35 39.37 -39.37
N ASP D 28 -6.42 40.03 -40.06
CA ASP D 28 -5.76 39.43 -41.22
C ASP D 28 -4.51 38.72 -40.76
N LEU D 29 -4.40 37.44 -41.12
CA LEU D 29 -3.34 36.57 -40.64
C LEU D 29 -2.36 36.19 -41.76
N GLU D 30 -2.33 36.96 -42.84
CA GLU D 30 -1.37 36.69 -43.90
C GLU D 30 0.05 36.90 -43.41
N ASP D 31 0.27 37.91 -42.58
CA ASP D 31 1.58 38.25 -42.07
C ASP D 31 1.80 37.81 -40.63
N SER D 32 0.95 36.93 -40.11
CA SER D 32 1.04 36.53 -38.71
C SER D 32 2.19 35.55 -38.51
N ASN D 33 2.98 35.80 -37.47
CA ASN D 33 4.10 34.94 -37.09
C ASN D 33 3.85 34.44 -35.67
N PHE D 34 3.20 33.29 -35.55
CA PHE D 34 2.90 32.72 -34.24
C PHE D 34 4.18 32.32 -33.51
N VAL D 35 4.15 32.45 -32.20
CA VAL D 35 5.20 31.91 -31.33
C VAL D 35 4.55 31.35 -30.07
N LEU D 36 5.33 30.59 -29.33
CA LEU D 36 4.99 30.18 -27.97
C LEU D 36 5.89 30.96 -27.03
N ARG D 37 5.37 32.08 -26.53
CA ARG D 37 6.14 33.03 -25.76
C ARG D 37 5.96 32.76 -24.27
N ASN D 38 7.07 32.82 -23.53
CA ASN D 38 7.03 32.53 -22.11
C ASN D 38 6.23 33.59 -21.36
N LEU D 39 5.81 33.24 -20.15
CA LEU D 39 5.06 34.18 -19.33
C LEU D 39 5.90 35.38 -18.94
N THR D 40 7.17 35.16 -18.62
CA THR D 40 8.07 36.21 -18.16
C THR D 40 8.70 36.99 -19.31
N GLU D 41 8.23 36.78 -20.53
CA GLU D 41 8.64 37.55 -21.71
C GLU D 41 10.08 37.28 -22.12
N THR D 42 10.65 36.13 -21.73
CA THR D 42 12.06 35.85 -22.01
C THR D 42 12.24 34.89 -23.17
N ARG D 43 11.66 33.69 -23.09
CA ARG D 43 11.87 32.65 -24.08
C ARG D 43 10.80 32.75 -25.15
N THR D 44 11.19 33.23 -26.33
CA THR D 44 10.30 33.36 -27.47
C THR D 44 10.71 32.35 -28.53
N MET D 45 9.78 31.48 -28.91
CA MET D 45 10.06 30.43 -29.89
C MET D 45 8.96 30.43 -30.94
N LYS D 46 9.36 30.70 -32.19
CA LYS D 46 8.41 30.72 -33.29
C LYS D 46 7.94 29.31 -33.62
N ALA D 47 6.79 29.24 -34.29
CA ALA D 47 6.29 27.97 -34.75
C ALA D 47 7.12 27.46 -35.91
N ASN D 48 7.26 26.14 -36.00
CA ASN D 48 8.00 25.54 -37.11
C ASN D 48 7.30 25.81 -38.43
N ASP D 49 5.97 25.69 -38.47
CA ASP D 49 5.24 25.92 -39.69
C ASP D 49 3.81 26.33 -39.35
N VAL D 50 3.31 27.36 -40.03
CA VAL D 50 1.93 27.79 -39.91
C VAL D 50 1.39 28.02 -41.31
N LYS D 51 0.14 27.61 -41.53
CA LYS D 51 -0.51 27.77 -42.82
C LYS D 51 -1.83 28.50 -42.62
N ILE D 52 -2.06 29.51 -43.44
CA ILE D 52 -3.23 30.36 -43.33
C ILE D 52 -4.22 29.96 -44.41
N ASP D 53 -5.39 29.51 -43.99
CA ASP D 53 -6.49 29.18 -44.90
C ASP D 53 -7.59 30.19 -44.63
N GLY D 54 -7.52 31.32 -45.31
CA GLY D 54 -8.48 32.38 -45.05
C GLY D 54 -8.35 32.87 -43.62
N ASN D 55 -9.47 32.85 -42.89
CA ASN D 55 -9.45 33.23 -41.49
C ASN D 55 -9.03 32.10 -40.57
N GLN D 56 -8.92 30.88 -41.07
CA GLN D 56 -8.49 29.76 -40.26
C GLN D 56 -6.98 29.57 -40.35
N PHE D 57 -6.44 28.78 -39.43
CA PHE D 57 -5.00 28.53 -39.39
C PHE D 57 -4.75 27.24 -38.62
N VAL D 58 -3.56 26.69 -38.81
CA VAL D 58 -3.07 25.57 -38.01
C VAL D 58 -1.59 25.79 -37.74
N CYS D 59 -1.16 25.49 -36.53
CA CYS D 59 0.21 25.71 -36.09
C CYS D 59 0.87 24.36 -35.84
N ARG D 60 2.10 24.20 -36.31
CA ARG D 60 2.87 22.98 -36.12
C ARG D 60 4.03 23.28 -35.18
N PHE D 61 3.91 22.85 -33.94
CA PHE D 61 4.91 23.11 -32.92
C PHE D 61 5.62 21.80 -32.62
N ASN D 62 6.91 21.73 -32.95
CA ASN D 62 7.71 20.56 -32.67
C ASN D 62 8.45 20.79 -31.35
N VAL D 63 8.04 20.07 -30.31
CA VAL D 63 8.59 20.29 -28.98
C VAL D 63 10.01 19.75 -28.89
N ALA D 64 10.47 19.10 -29.96
CA ALA D 64 11.81 18.53 -29.96
C ALA D 64 12.86 19.45 -30.55
N ILE D 65 12.47 20.40 -31.40
CA ILE D 65 13.44 21.27 -32.06
C ILE D 65 13.08 22.74 -31.86
N LEU D 66 12.08 23.01 -31.02
CA LEU D 66 11.56 24.37 -30.90
C LEU D 66 12.59 25.31 -30.30
N ASP D 67 13.28 24.89 -29.24
CA ASP D 67 14.22 25.75 -28.53
C ASP D 67 15.57 25.69 -29.23
N ASN D 68 15.73 26.54 -30.27
CA ASN D 68 16.89 26.60 -31.15
C ASN D 68 17.50 25.22 -31.38
N GLY D 69 16.66 24.26 -31.77
CA GLY D 69 17.10 22.91 -32.04
C GLY D 69 17.00 21.96 -30.87
N TYR D 70 16.82 22.47 -29.65
CA TYR D 70 16.67 21.66 -28.47
C TYR D 70 15.22 21.67 -27.99
N TYR D 71 14.93 20.83 -27.00
CA TYR D 71 13.55 20.60 -26.60
C TYR D 71 12.96 21.82 -25.92
N LEU D 72 11.63 21.88 -25.96
CA LEU D 72 10.83 22.90 -25.30
C LEU D 72 10.94 22.74 -23.79
N PRO D 73 11.57 23.66 -23.07
CA PRO D 73 11.92 23.43 -21.68
C PRO D 73 10.74 23.68 -20.73
N GLU D 74 10.96 23.35 -19.46
CA GLU D 74 9.93 23.44 -18.44
C GLU D 74 9.62 24.90 -18.15
N ASP D 75 8.42 25.33 -18.51
CA ASP D 75 7.98 26.71 -18.31
C ASP D 75 6.48 26.77 -18.64
N LYS D 76 5.93 27.98 -18.64
CA LYS D 76 4.57 28.24 -19.06
C LYS D 76 4.59 29.10 -20.30
N TYR D 77 3.88 28.67 -21.34
CA TYR D 77 3.96 29.30 -22.65
C TYR D 77 2.58 29.73 -23.12
N LEU D 78 2.48 30.96 -23.63
CA LEU D 78 1.26 31.48 -24.22
C LEU D 78 1.43 31.58 -25.73
N LEU D 79 0.43 31.12 -26.47
CA LEU D 79 0.46 31.25 -27.92
C LEU D 79 0.23 32.71 -28.28
N VAL D 80 1.28 33.35 -28.79
CA VAL D 80 1.27 34.78 -29.07
C VAL D 80 1.44 34.99 -30.56
N ASN D 81 0.55 35.77 -31.16
CA ASN D 81 0.60 36.11 -32.57
C ASN D 81 1.19 37.52 -32.69
N GLU D 82 2.40 37.60 -33.24
CA GLU D 82 3.02 38.89 -33.47
C GLU D 82 2.53 39.53 -34.76
N GLN D 83 2.21 40.81 -34.67
CA GLN D 83 1.83 41.68 -35.77
C GLN D 83 2.33 43.07 -35.40
N GLU D 84 1.76 44.10 -36.03
CA GLU D 84 2.00 45.47 -35.55
C GLU D 84 1.73 45.56 -34.06
N LEU D 85 0.67 44.92 -33.58
CA LEU D 85 0.38 44.79 -32.16
C LEU D 85 0.05 43.34 -31.89
N ASP D 86 0.71 42.73 -30.90
CA ASP D 86 0.57 41.31 -30.66
C ASP D 86 -0.83 40.95 -30.18
N TYR D 87 -1.30 39.78 -30.59
CA TYR D 87 -2.60 39.26 -30.18
C TYR D 87 -2.39 37.92 -29.50
N ILE D 88 -2.96 37.78 -28.30
CA ILE D 88 -2.79 36.59 -27.49
C ILE D 88 -3.95 35.63 -27.75
N ALA D 89 -3.65 34.34 -27.81
CA ALA D 89 -4.66 33.35 -28.13
C ALA D 89 -5.49 33.01 -26.90
N GLN D 90 -6.81 32.99 -27.07
CA GLN D 90 -7.73 32.59 -26.02
C GLN D 90 -8.42 31.29 -26.44
N LEU D 91 -8.62 30.40 -25.48
CA LEU D 91 -9.19 29.10 -25.77
C LEU D 91 -10.66 29.24 -26.17
N ASN D 92 -11.03 28.59 -27.26
CA ASN D 92 -12.39 28.69 -27.76
C ASN D 92 -13.36 28.03 -26.77
N PRO D 93 -14.54 28.60 -26.56
CA PRO D 93 -15.53 27.94 -25.70
C PRO D 93 -15.96 26.58 -26.24
N ASP D 94 -15.82 26.34 -27.54
CA ASP D 94 -16.18 25.03 -28.08
C ASP D 94 -15.31 23.93 -27.49
N VAL D 95 -14.03 24.21 -27.25
CA VAL D 95 -13.13 23.18 -26.74
C VAL D 95 -13.55 22.74 -25.35
N ILE D 96 -13.79 23.70 -24.45
CA ILE D 96 -14.22 23.35 -23.11
C ILE D 96 -15.60 22.73 -23.14
N ASN D 97 -16.48 23.20 -24.02
CA ASN D 97 -17.83 22.67 -24.09
C ASN D 97 -17.83 21.21 -24.52
N ASP D 98 -17.08 20.89 -25.57
CA ASP D 98 -17.01 19.49 -26.02
C ASP D 98 -16.30 18.63 -24.99
N ALA D 99 -15.23 19.15 -24.38
CA ALA D 99 -14.59 18.43 -23.29
C ALA D 99 -15.53 18.27 -22.12
N TYR D 100 -16.48 19.19 -21.94
CA TYR D 100 -17.48 19.06 -20.89
C TYR D 100 -18.45 17.93 -21.19
N GLN D 101 -18.81 17.74 -22.46
CA GLN D 101 -19.83 16.78 -22.83
C GLN D 101 -19.31 15.35 -22.94
N ASN D 102 -17.99 15.14 -22.83
CA ASN D 102 -17.42 13.82 -23.04
C ASN D 102 -16.86 13.20 -21.77
N LEU D 103 -17.31 13.66 -20.61
CA LEU D 103 -16.87 13.05 -19.37
C LEU D 103 -17.43 11.64 -19.24
N LYS D 104 -16.55 10.69 -18.98
CA LYS D 104 -17.00 9.39 -18.50
C LYS D 104 -17.51 9.56 -17.07
N PRO D 105 -18.49 8.75 -16.66
CA PRO D 105 -19.16 9.00 -15.37
C PRO D 105 -18.30 8.73 -14.15
N GLU D 106 -17.02 8.42 -14.32
CA GLU D 106 -16.17 8.11 -13.18
C GLU D 106 -15.41 9.32 -12.64
N GLN D 107 -15.51 10.49 -13.28
CA GLN D 107 -14.87 11.69 -12.78
C GLN D 107 -15.84 12.76 -12.35
N GLU D 108 -17.14 12.46 -12.27
CA GLU D 108 -18.08 13.45 -11.76
C GLU D 108 -17.71 13.86 -10.34
N GLU D 109 -17.24 12.91 -9.54
CA GLU D 109 -16.80 13.23 -8.18
C GLU D 109 -15.68 14.27 -8.21
N GLU D 110 -14.66 14.05 -9.04
CA GLU D 110 -13.56 15.00 -9.12
C GLU D 110 -14.02 16.35 -9.65
N TYR D 111 -14.93 16.37 -10.63
CA TYR D 111 -15.37 17.64 -11.19
C TYR D 111 -16.15 18.45 -10.16
N ASN D 112 -17.04 17.80 -9.40
CA ASN D 112 -17.91 18.59 -8.53
C ASN D 112 -17.16 19.21 -7.36
N GLU D 113 -16.11 18.55 -6.85
CA GLU D 113 -15.40 19.17 -5.74
C GLU D 113 -14.40 20.21 -6.26
N LEU D 114 -14.88 21.12 -7.10
CA LEU D 114 -14.10 22.25 -7.58
C LEU D 114 -14.86 23.52 -7.29
N GLU D 115 -14.14 24.53 -6.79
CA GLU D 115 -14.79 25.76 -6.35
C GLU D 115 -14.86 26.82 -7.44
N THR D 116 -13.73 27.19 -8.03
CA THR D 116 -13.67 28.29 -8.97
C THR D 116 -13.81 27.79 -10.40
N GLN D 117 -14.15 28.71 -11.30
CA GLN D 117 -14.34 28.35 -12.70
C GLN D 117 -13.03 27.89 -13.33
N ASN D 118 -11.93 28.56 -12.99
CA ASN D 118 -10.64 28.24 -13.62
C ASN D 118 -10.21 26.81 -13.30
N GLY D 119 -10.43 26.36 -12.06
CA GLY D 119 -10.09 24.99 -11.73
C GLY D 119 -10.94 23.98 -12.48
N LYS D 120 -12.23 24.28 -12.65
CA LYS D 120 -13.10 23.42 -13.43
C LYS D 120 -12.62 23.33 -14.88
N ILE D 121 -12.21 24.46 -15.44
CA ILE D 121 -11.66 24.45 -16.80
C ILE D 121 -10.38 23.64 -16.84
N ASN D 122 -9.52 23.83 -15.84
CA ASN D 122 -8.22 23.15 -15.83
C ASN D 122 -8.38 21.65 -15.78
N PHE D 123 -9.27 21.15 -14.91
CA PHE D 123 -9.50 19.71 -14.88
C PHE D 123 -10.16 19.25 -16.17
N LEU D 124 -11.05 20.06 -16.73
CA LEU D 124 -11.69 19.71 -17.99
C LEU D 124 -10.71 19.66 -19.15
N LEU D 125 -9.55 20.29 -19.01
CA LEU D 125 -8.55 20.31 -20.07
C LEU D 125 -7.51 19.22 -19.92
N GLN D 126 -7.64 18.35 -18.92
CA GLN D 126 -6.73 17.23 -18.78
C GLN D 126 -6.97 16.15 -19.83
N THR D 127 -8.05 16.25 -20.61
CA THR D 127 -8.26 15.30 -21.69
C THR D 127 -7.21 15.41 -22.78
N TYR D 128 -6.53 16.54 -22.87
CA TYR D 128 -5.47 16.76 -23.84
C TYR D 128 -4.08 16.58 -23.25
N LEU D 129 -3.99 15.97 -22.07
CA LEU D 129 -2.69 15.74 -21.45
C LEU D 129 -1.84 14.82 -22.30
N LYS D 130 -0.56 15.18 -22.46
CA LYS D 130 0.40 14.36 -23.18
C LYS D 130 1.58 14.09 -22.27
N GLU D 131 1.93 12.81 -22.12
CA GLU D 131 3.06 12.40 -21.32
C GLU D 131 4.01 11.59 -22.18
N PHE D 132 5.24 12.07 -22.32
CA PHE D 132 6.30 11.33 -22.99
C PHE D 132 7.18 10.72 -21.91
N ARG D 133 7.14 9.41 -21.77
CA ARG D 133 7.90 8.71 -20.76
C ARG D 133 9.13 8.07 -21.38
N LYS D 134 10.07 7.66 -20.52
CA LYS D 134 11.28 7.00 -21.01
C LYS D 134 10.96 5.54 -21.32
N GLY D 135 10.90 5.22 -22.60
CA GLY D 135 10.62 3.86 -23.02
C GLY D 135 9.18 3.43 -22.91
N GLY D 136 8.29 4.34 -22.53
CA GLY D 136 6.88 4.04 -22.41
C GLY D 136 6.44 3.49 -21.08
N ILE D 137 7.36 3.31 -20.13
CA ILE D 137 6.98 2.79 -18.82
C ILE D 137 7.50 3.62 -17.66
N SER D 138 8.50 4.48 -17.85
CA SER D 138 9.12 5.17 -16.72
C SER D 138 8.17 6.18 -16.10
N LYS D 139 8.25 6.30 -14.77
CA LYS D 139 7.47 7.28 -14.02
C LYS D 139 8.32 8.41 -13.47
N LYS D 140 9.64 8.22 -13.36
CA LYS D 140 10.52 9.26 -12.87
C LYS D 140 11.04 10.16 -13.98
N THR D 141 10.96 9.73 -15.24
CA THR D 141 11.41 10.52 -16.38
C THR D 141 10.21 10.69 -17.31
N VAL D 142 9.59 11.87 -17.29
CA VAL D 142 8.39 12.14 -18.07
C VAL D 142 8.46 13.56 -18.60
N TYR D 143 8.01 13.75 -19.83
CA TYR D 143 7.93 15.06 -20.46
C TYR D 143 6.45 15.36 -20.68
N THR D 144 5.83 16.02 -19.71
CA THR D 144 4.40 16.24 -19.70
C THR D 144 4.10 17.65 -20.21
N VAL D 145 3.29 17.72 -21.26
CA VAL D 145 2.79 18.98 -21.80
C VAL D 145 1.27 18.95 -21.72
N THR D 146 0.70 19.86 -20.94
CA THR D 146 -0.74 19.92 -20.77
C THR D 146 -1.21 21.36 -20.94
N PRO D 147 -2.27 21.59 -21.70
CA PRO D 147 -2.84 22.94 -21.79
C PRO D 147 -3.90 23.18 -20.73
N GLU D 148 -3.72 24.26 -19.97
CA GLU D 148 -4.79 24.72 -19.09
C GLU D 148 -4.74 26.24 -19.01
N ILE D 149 -5.75 26.79 -18.36
CA ILE D 149 -5.84 28.24 -18.15
C ILE D 149 -5.09 28.60 -16.87
N SER D 150 -4.15 29.52 -16.99
CA SER D 150 -3.29 29.87 -15.87
C SER D 150 -4.04 30.72 -14.85
N SER D 151 -3.92 30.36 -13.58
CA SER D 151 -4.47 31.20 -12.52
C SER D 151 -3.69 32.49 -12.36
N ASP D 152 -2.45 32.53 -12.84
CA ASP D 152 -1.60 33.70 -12.63
C ASP D 152 -1.97 34.86 -13.54
N VAL D 153 -2.30 34.58 -14.80
CA VAL D 153 -2.47 35.65 -15.77
C VAL D 153 -3.86 35.57 -16.42
N ASN D 154 -4.60 34.50 -16.10
CA ASN D 154 -5.94 34.29 -16.65
C ASN D 154 -5.90 34.26 -18.18
N GLU D 155 -5.07 33.37 -18.72
CA GLU D 155 -4.94 33.24 -20.16
C GLU D 155 -4.51 31.81 -20.48
N PHE D 156 -4.67 31.43 -21.75
CA PHE D 156 -4.31 30.09 -22.19
C PHE D 156 -2.81 29.88 -22.08
N VAL D 157 -2.39 28.71 -21.59
CA VAL D 157 -1.00 28.42 -21.32
C VAL D 157 -0.75 26.95 -21.59
N LEU D 158 0.42 26.64 -22.18
CA LEU D 158 0.86 25.28 -22.40
C LEU D 158 1.91 24.93 -21.33
N ASP D 159 1.50 24.17 -20.33
CA ASP D 159 2.39 23.83 -19.23
C ASP D 159 3.27 22.66 -19.62
N VAL D 160 4.55 22.93 -19.87
CA VAL D 160 5.54 21.91 -20.10
C VAL D 160 6.29 21.69 -18.80
N VAL D 161 6.20 20.49 -18.25
CA VAL D 161 6.93 20.12 -17.05
C VAL D 161 7.87 18.99 -17.41
N VAL D 162 9.08 19.04 -16.85
CA VAL D 162 10.11 18.06 -17.15
C VAL D 162 10.57 17.44 -15.84
N THR D 163 10.42 16.12 -15.72
CA THR D 163 10.80 15.40 -14.51
C THR D 163 11.98 14.50 -14.85
N THR D 164 13.13 14.77 -14.24
CA THR D 164 14.33 13.97 -14.44
C THR D 164 14.87 13.55 -13.08
N PRO D 165 15.50 12.38 -13.00
CA PRO D 165 16.12 11.96 -11.74
C PRO D 165 17.27 12.86 -11.36
N GLU D 166 17.50 12.99 -10.05
CA GLU D 166 18.61 13.78 -9.57
C GLU D 166 19.92 13.15 -9.99
N VAL D 167 20.72 13.88 -10.77
CA VAL D 167 21.99 13.37 -11.27
C VAL D 167 22.97 13.28 -10.11
N LYS D 168 23.56 12.11 -9.93
CA LYS D 168 24.50 11.88 -8.83
C LYS D 168 25.92 12.09 -9.31
N SER D 169 26.68 12.88 -8.55
CA SER D 169 28.07 13.16 -8.89
C SER D 169 28.94 11.99 -8.44
N ILE D 170 30.26 12.14 -8.57
CA ILE D 170 31.19 11.09 -8.17
C ILE D 170 31.25 11.03 -6.65
N TYR D 171 31.86 9.98 -6.11
CA TYR D 171 31.93 9.81 -4.67
C TYR D 171 32.69 10.95 -3.99
N ILE D 172 33.77 11.42 -4.62
CA ILE D 172 34.54 12.51 -4.04
C ILE D 172 33.68 13.78 -3.97
N VAL D 173 32.95 14.07 -5.05
CA VAL D 173 32.12 15.27 -5.05
C VAL D 173 30.94 15.11 -4.10
N ARG D 174 30.39 13.91 -3.98
CA ARG D 174 29.32 13.70 -3.02
C ARG D 174 29.80 13.92 -1.59
N LYS D 175 31.01 13.43 -1.28
CA LYS D 175 31.60 13.68 0.02
C LYS D 175 31.84 15.16 0.24
N TYR D 176 32.31 15.86 -0.78
CA TYR D 176 32.48 17.31 -0.69
C TYR D 176 31.15 17.97 -0.34
N LYS D 177 30.09 17.60 -1.05
CA LYS D 177 28.78 18.20 -0.81
C LYS D 177 28.31 17.94 0.62
N GLU D 178 28.40 16.69 1.06
CA GLU D 178 27.93 16.35 2.41
C GLU D 178 28.74 17.07 3.48
N LEU D 179 30.06 17.08 3.33
CA LEU D 179 30.91 17.75 4.32
C LEU D 179 30.65 19.24 4.34
N ARG D 180 30.46 19.85 3.17
CA ARG D 180 30.19 21.28 3.10
C ARG D 180 28.86 21.61 3.76
N LYS D 181 27.83 20.79 3.53
CA LYS D 181 26.56 21.00 4.19
C LYS D 181 26.69 20.90 5.70
N TYR D 182 27.42 19.87 6.17
CA TYR D 182 27.60 19.71 7.61
C TYR D 182 28.36 20.88 8.20
N PHE D 183 29.38 21.38 7.50
CA PHE D 183 30.12 22.54 7.97
C PHE D 183 29.23 23.77 8.02
N ARG D 184 28.35 23.97 7.04
CA ARG D 184 27.46 25.12 7.07
C ARG D 184 26.47 25.03 8.23
N LYS D 185 25.93 23.83 8.48
CA LYS D 185 25.06 23.67 9.64
C LYS D 185 25.81 23.95 10.93
N GLN D 186 27.07 23.50 11.02
CA GLN D 186 27.87 23.79 12.19
C GLN D 186 28.10 25.29 12.35
N SER D 187 28.34 25.98 11.23
CA SER D 187 28.54 27.42 11.30
C SER D 187 27.28 28.14 11.79
N PHE D 188 26.12 27.71 11.28
CA PHE D 188 24.86 28.31 11.75
C PHE D 188 24.64 28.04 13.22
N ASN D 189 24.93 26.81 13.67
CA ASN D 189 24.78 26.50 15.09
C ASN D 189 25.71 27.37 15.93
N THR D 190 26.95 27.55 15.47
CA THR D 190 27.92 28.34 16.23
C THR D 190 27.47 29.80 16.34
N ARG D 191 27.05 30.38 15.21
CA ARG D 191 26.61 31.77 15.23
C ARG D 191 25.37 31.94 16.12
N GLN D 192 24.40 31.03 16.01
CA GLN D 192 23.21 31.14 16.85
C GLN D 192 23.56 31.01 18.32
N PHE D 193 24.41 30.05 18.67
CA PHE D 193 24.78 29.88 20.07
C PHE D 193 25.50 31.10 20.61
N ILE D 194 26.41 31.68 19.82
CA ILE D 194 27.14 32.85 20.29
C ILE D 194 26.20 34.04 20.45
N PHE D 195 25.30 34.24 19.48
CA PHE D 195 24.35 35.35 19.57
C PHE D 195 23.48 35.21 20.80
N LYS D 196 22.93 34.02 21.02
CA LYS D 196 22.07 33.80 22.18
C LYS D 196 22.84 33.99 23.47
N ALA D 197 24.09 33.50 23.51
CA ALA D 197 24.88 33.63 24.73
C ALA D 197 25.17 35.09 25.05
N ILE D 198 25.53 35.88 24.05
CA ILE D 198 25.80 37.29 24.27
C ILE D 198 24.54 37.99 24.78
N PHE D 199 23.42 37.75 24.10
CA PHE D 199 22.18 38.40 24.51
C PHE D 199 21.80 38.02 25.93
N ASN D 200 21.89 36.73 26.26
CA ASN D 200 21.47 36.26 27.57
C ASN D 200 22.37 36.80 28.67
N THR D 201 23.69 36.79 28.45
CA THR D 201 24.59 37.32 29.46
C THR D 201 24.35 38.80 29.71
N THR D 202 24.21 39.58 28.63
CA THR D 202 23.96 41.01 28.78
C THR D 202 22.64 41.27 29.48
N LYS D 203 21.59 40.54 29.09
CA LYS D 203 20.27 40.73 29.69
C LYS D 203 20.29 40.38 31.17
N PHE D 204 20.92 39.26 31.53
CA PHE D 204 20.99 38.87 32.93
C PHE D 204 21.79 39.88 33.74
N PHE D 205 22.84 40.44 33.16
CA PHE D 205 23.64 41.41 33.90
C PHE D 205 22.88 42.71 34.12
N HIS D 206 22.13 43.18 33.12
CA HIS D 206 21.57 44.52 33.20
C HIS D 206 20.45 44.61 34.23
N LEU D 207 19.49 43.68 34.17
CA LEU D 207 18.41 43.59 35.16
C LEU D 207 17.52 44.82 35.17
N LYS D 208 18.04 45.94 35.67
CA LYS D 208 17.24 47.14 35.83
C LYS D 208 17.03 47.85 34.50
N LYS D 209 15.93 48.59 34.41
CA LYS D 209 15.60 49.34 33.20
C LYS D 209 16.33 50.68 33.19
N GLY D 210 17.02 50.96 32.09
CA GLY D 210 17.78 52.19 31.98
C GLY D 210 17.16 53.21 31.05
N ASN D 211 17.94 53.74 30.12
CA ASN D 211 17.45 54.73 29.15
C ASN D 211 18.03 54.48 27.77
N THR D 212 18.06 53.21 27.34
CA THR D 212 18.61 52.86 26.04
C THR D 212 17.49 52.65 25.03
N VAL D 213 17.61 53.28 23.87
CA VAL D 213 16.65 53.15 22.78
C VAL D 213 17.36 52.57 21.57
N LEU D 214 16.80 51.51 21.00
CA LEU D 214 17.39 50.81 19.89
C LEU D 214 16.46 50.85 18.68
N PHE D 215 17.02 51.14 17.52
CA PHE D 215 16.30 51.16 16.26
C PHE D 215 16.89 50.09 15.35
N THR D 216 16.25 48.92 15.30
CA THR D 216 16.72 47.82 14.48
C THR D 216 15.73 47.55 13.36
N SER D 217 16.24 47.40 12.15
CA SER D 217 15.42 47.03 11.00
C SER D 217 16.33 46.46 9.94
N ASP D 218 16.18 45.18 9.64
CA ASP D 218 16.97 44.54 8.60
C ASP D 218 16.33 44.61 7.22
N SER D 219 15.22 45.34 7.10
CA SER D 219 14.56 45.52 5.82
C SER D 219 15.04 46.76 5.06
N ARG D 220 15.72 47.69 5.73
CA ARG D 220 16.14 48.92 5.10
C ARG D 220 17.19 49.62 5.94
N PRO D 221 18.25 50.16 5.32
CA PRO D 221 19.28 50.88 6.08
C PRO D 221 18.98 52.37 6.20
N THR D 222 19.67 53.00 7.15
CA THR D 222 19.61 54.43 7.40
C THR D 222 18.23 54.91 7.84
N MET D 223 18.14 56.19 8.20
CA MET D 223 16.89 56.78 8.67
C MET D 223 15.92 56.94 7.52
N SER D 224 14.95 56.04 7.42
CA SER D 224 13.89 56.17 6.43
C SER D 224 12.68 55.40 6.91
N GLY D 225 11.52 55.76 6.37
CA GLY D 225 10.31 55.05 6.72
C GLY D 225 9.75 55.53 8.05
N ASN D 226 9.25 54.58 8.83
CA ASN D 226 8.66 54.90 10.12
C ASN D 226 9.69 55.24 11.18
N PHE D 227 10.98 55.05 10.90
CA PHE D 227 12.02 55.36 11.88
C PHE D 227 12.57 56.76 11.73
N GLU D 228 12.50 57.36 10.54
CA GLU D 228 12.91 58.75 10.39
C GLU D 228 11.98 59.66 11.19
N TYR D 229 10.68 59.49 11.00
CA TYR D 229 9.73 59.97 11.98
C TYR D 229 9.83 59.08 13.22
N ILE D 230 9.14 59.48 14.29
CA ILE D 230 9.40 58.99 15.63
C ILE D 230 10.71 59.58 16.10
N TYR D 231 11.80 59.27 15.38
CA TYR D 231 13.11 59.82 15.74
C TYR D 231 13.13 61.33 15.63
N ASN D 232 12.54 61.87 14.56
CA ASN D 232 12.44 63.32 14.43
C ASN D 232 11.61 63.90 15.57
N GLU D 233 10.54 63.20 15.96
CA GLU D 233 9.72 63.67 17.07
C GLU D 233 10.50 63.71 18.38
N MET D 234 11.26 62.65 18.69
CA MET D 234 12.07 62.66 19.90
C MET D 234 13.12 63.75 19.85
N LEU D 235 13.75 63.95 18.69
CA LEU D 235 14.71 65.04 18.58
C LEU D 235 14.04 66.39 18.75
N ARG D 236 12.73 66.47 18.48
CA ARG D 236 12.02 67.71 18.75
C ARG D 236 11.61 67.83 20.21
N GLN D 237 11.32 66.70 20.88
CA GLN D 237 10.90 66.72 22.27
C GLN D 237 12.06 66.55 23.24
N ASN D 238 13.30 66.74 22.77
CA ASN D 238 14.49 66.69 23.60
C ASN D 238 14.65 65.33 24.29
N LEU D 239 14.16 64.28 23.66
CA LEU D 239 14.36 62.93 24.15
C LEU D 239 15.67 62.33 23.67
N ASP D 240 16.45 63.08 22.88
CA ASP D 240 17.78 62.65 22.51
C ASP D 240 18.71 62.69 23.72
N LYS D 241 18.47 63.61 24.66
CA LYS D 241 19.29 63.74 25.85
C LYS D 241 18.83 62.84 26.99
N LYS D 242 17.53 62.81 27.28
CA LYS D 242 17.04 61.99 28.40
C LYS D 242 17.31 60.51 28.18
N TYR D 243 17.05 60.01 26.98
CA TYR D 243 17.41 58.64 26.62
C TYR D 243 18.66 58.66 25.76
N ASP D 244 19.16 57.47 25.46
CA ASP D 244 20.25 57.29 24.49
C ASP D 244 19.76 56.42 23.36
N ILE D 245 20.02 56.85 22.12
CA ILE D 245 19.45 56.25 20.93
C ILE D 245 20.56 55.60 20.13
N HIS D 246 20.44 54.29 19.91
CA HIS D 246 21.37 53.54 19.09
C HIS D 246 20.63 52.96 17.89
N THR D 247 21.36 52.84 16.78
CA THR D 247 20.80 52.39 15.51
C THR D 247 21.58 51.19 15.01
N VAL D 248 20.87 50.14 14.64
CA VAL D 248 21.44 48.96 14.00
C VAL D 248 20.62 48.65 12.77
N PHE D 249 21.28 48.39 11.64
CA PHE D 249 20.60 48.31 10.37
C PHE D 249 21.22 47.25 9.48
N LYS D 250 20.49 46.89 8.43
CA LYS D 250 20.94 45.94 7.43
C LYS D 250 20.08 46.14 6.19
N ALA D 251 20.70 46.00 5.01
CA ALA D 251 20.02 46.33 3.76
C ALA D 251 18.81 45.43 3.54
N ASN D 252 19.05 44.14 3.33
CA ASN D 252 17.99 43.18 3.06
C ASN D 252 18.10 42.01 4.04
N ILE D 253 17.17 41.07 3.91
CA ILE D 253 17.10 39.94 4.83
C ILE D 253 18.34 39.06 4.71
N THR D 254 18.78 38.80 3.47
CA THR D 254 19.81 37.80 3.23
C THR D 254 21.23 38.36 3.31
N ASP D 255 21.40 39.66 3.48
CA ASP D 255 22.73 40.23 3.58
C ASP D 255 23.33 39.96 4.96
N ARG D 256 24.64 40.13 5.06
CA ARG D 256 25.36 39.95 6.32
C ARG D 256 25.90 41.29 6.78
N ARG D 257 25.62 41.63 8.03
CA ARG D 257 26.15 42.86 8.59
C ARG D 257 27.61 42.69 8.97
N GLY D 258 28.26 43.82 9.26
CA GLY D 258 29.65 43.78 9.67
C GLY D 258 29.85 43.13 11.01
N ILE D 259 31.12 42.86 11.34
CA ILE D 259 31.45 42.27 12.63
C ILE D 259 31.02 43.19 13.76
N ILE D 260 31.19 44.50 13.57
CA ILE D 260 30.79 45.45 14.60
C ILE D 260 29.31 45.34 14.90
N ASP D 261 28.49 45.34 13.84
CA ASP D 261 27.04 45.20 14.04
C ASP D 261 26.68 43.80 14.50
N LYS D 262 27.45 42.79 14.08
CA LYS D 262 27.20 41.43 14.55
C LYS D 262 27.33 41.33 16.06
N PHE D 263 28.34 42.00 16.61
CA PHE D 263 28.48 42.04 18.07
C PHE D 263 27.48 43.00 18.72
N ARG D 264 27.13 44.10 18.04
CA ARG D 264 26.27 45.09 18.66
C ARG D 264 24.84 44.61 18.79
N LEU D 265 24.35 43.82 17.84
CA LEU D 265 22.93 43.45 17.84
C LEU D 265 22.50 42.70 19.09
N PRO D 266 23.15 41.61 19.52
CA PRO D 266 22.66 40.94 20.73
C PRO D 266 22.85 41.77 21.99
N TYR D 267 23.99 42.45 22.12
CA TYR D 267 24.24 43.26 23.31
C TYR D 267 23.22 44.39 23.41
N LEU D 268 23.00 45.10 22.30
CA LEU D 268 22.04 46.19 22.32
C LEU D 268 20.62 45.69 22.54
N LEU D 269 20.27 44.55 21.92
CA LEU D 269 18.97 43.96 22.17
C LEU D 269 18.78 43.65 23.66
N GLY D 270 19.83 43.13 24.30
CA GLY D 270 19.74 42.82 25.71
C GLY D 270 19.59 44.04 26.59
N LYS D 271 20.39 45.07 26.34
CA LYS D 271 20.39 46.23 27.24
C LYS D 271 19.36 47.30 26.89
N ALA D 272 18.82 47.31 25.67
CA ALA D 272 17.91 48.38 25.27
C ALA D 272 16.52 48.12 25.81
N ASP D 273 15.97 49.13 26.51
CA ASP D 273 14.62 49.01 27.03
C ASP D 273 13.57 49.13 25.93
N TYR D 274 13.74 50.09 25.03
CA TYR D 274 12.81 50.31 23.94
C TYR D 274 13.48 49.91 22.63
N ILE D 275 12.81 49.06 21.87
CA ILE D 275 13.32 48.56 20.60
C ILE D 275 12.23 48.76 19.55
N PHE D 276 12.61 49.36 18.42
CA PHE D 276 11.69 49.62 17.32
C PHE D 276 12.03 48.67 16.17
N VAL D 277 11.00 48.04 15.61
CA VAL D 277 11.16 47.11 14.50
C VAL D 277 10.23 47.55 13.37
N ASP D 278 10.76 47.59 12.14
CA ASP D 278 10.01 48.09 11.00
C ASP D 278 9.31 46.99 10.22
N ASP D 279 9.97 45.85 10.04
CA ASP D 279 9.42 44.76 9.26
C ASP D 279 9.83 43.44 9.91
N PHE D 280 9.71 42.34 9.19
CA PHE D 280 10.15 41.06 9.68
C PHE D 280 11.64 41.11 10.02
N HIS D 281 11.97 40.81 11.27
CA HIS D 281 13.34 40.87 11.78
C HIS D 281 13.64 39.56 12.48
N PRO D 282 14.09 38.55 11.73
CA PRO D 282 14.11 37.18 12.27
C PRO D 282 14.97 37.01 13.51
N LEU D 283 16.04 37.80 13.64
CA LEU D 283 16.93 37.62 14.79
C LEU D 283 16.22 37.95 16.10
N ILE D 284 15.39 39.00 16.10
CA ILE D 284 14.72 39.42 17.33
C ILE D 284 13.72 38.39 17.82
N TYR D 285 13.46 37.37 17.03
CA TYR D 285 12.40 36.39 17.39
C TYR D 285 13.06 35.13 17.89
N THR D 286 14.37 35.11 17.94
CA THR D 286 15.10 33.96 18.46
C THR D 286 15.51 34.12 19.91
N VAL D 287 15.12 35.21 20.56
CA VAL D 287 15.48 35.48 21.94
C VAL D 287 14.22 35.85 22.71
N ARG D 288 14.30 35.72 24.04
CA ARG D 288 13.23 36.10 24.94
C ARG D 288 13.63 37.37 25.66
N PHE D 289 12.72 38.34 25.69
CA PHE D 289 13.01 39.64 26.26
C PHE D 289 12.50 39.74 27.68
N ARG D 290 13.13 40.62 28.45
CA ARG D 290 12.64 40.94 29.78
C ARG D 290 11.31 41.68 29.67
N ARG D 291 10.50 41.57 30.73
CA ARG D 291 9.25 42.33 30.76
C ARG D 291 9.50 43.82 30.79
N SER D 292 10.66 44.24 31.32
CA SER D 292 10.99 45.66 31.33
C SER D 292 11.23 46.18 29.92
N GLN D 293 11.85 45.37 29.07
CA GLN D 293 12.09 45.76 27.69
C GLN D 293 10.77 45.88 26.93
N GLU D 294 10.67 46.92 26.12
CA GLU D 294 9.50 47.14 25.27
C GLU D 294 9.94 47.01 23.82
N VAL D 295 9.53 45.95 23.16
CA VAL D 295 9.80 45.75 21.75
C VAL D 295 8.63 46.31 20.97
N ILE D 296 8.90 47.25 20.07
CA ILE D 296 7.87 47.98 19.34
C ILE D 296 8.00 47.66 17.85
N GLN D 297 6.87 47.35 17.23
CA GLN D 297 6.83 47.03 15.80
C GLN D 297 5.98 48.07 15.09
N VAL D 298 6.62 48.88 14.25
CA VAL D 298 5.93 49.89 13.48
C VAL D 298 5.91 49.46 12.02
N TRP D 299 4.83 48.80 11.61
CA TRP D 299 4.76 48.19 10.29
C TRP D 299 4.85 49.24 9.20
N ASN D 300 5.60 48.92 8.13
CA ASN D 300 5.77 49.87 7.03
C ASN D 300 4.44 50.13 6.33
N ALA D 301 3.66 49.09 6.07
CA ALA D 301 2.39 49.26 5.39
C ALA D 301 1.40 49.98 6.28
N VAL D 302 0.57 50.81 5.66
CA VAL D 302 -0.28 51.72 6.43
C VAL D 302 -1.39 50.95 7.13
N GLY D 303 -2.08 50.07 6.41
CA GLY D 303 -3.27 49.43 6.93
C GLY D 303 -3.28 47.93 6.66
N ALA D 304 -4.30 47.28 7.22
CA ALA D 304 -4.45 45.83 7.13
C ALA D 304 -5.27 45.52 5.89
N PHE D 305 -4.60 45.12 4.82
CA PHE D 305 -5.25 44.72 3.57
C PHE D 305 -4.99 43.28 3.21
N LYS D 306 -3.73 42.86 3.16
CA LYS D 306 -3.36 41.55 2.65
C LYS D 306 -2.85 40.69 3.79
N THR D 307 -3.25 39.43 3.80
CA THR D 307 -3.01 38.54 4.94
C THR D 307 -1.53 38.45 5.25
N VAL D 308 -1.17 38.82 6.48
CA VAL D 308 0.21 38.83 6.93
C VAL D 308 0.30 38.12 8.27
N GLY D 309 1.48 37.59 8.56
CA GLY D 309 1.73 37.02 9.88
C GLY D 309 1.04 35.69 10.05
N PHE D 310 0.54 35.46 11.27
CA PHE D 310 -0.09 34.19 11.62
C PHE D 310 -1.42 33.98 10.92
N SER D 311 -1.96 35.00 10.26
CA SER D 311 -3.19 34.81 9.51
C SER D 311 -2.99 33.95 8.28
N ARG D 312 -1.74 33.67 7.90
CA ARG D 312 -1.44 32.77 6.80
C ARG D 312 -1.30 31.33 7.26
N THR D 313 -1.68 31.02 8.50
CA THR D 313 -1.53 29.65 9.01
C THR D 313 -2.47 28.72 8.26
N GLY D 314 -1.91 27.64 7.73
CA GLY D 314 -2.63 26.75 6.87
C GLY D 314 -2.47 27.04 5.38
N LYS D 315 -1.99 28.22 5.03
CA LYS D 315 -1.66 28.55 3.65
C LYS D 315 -0.17 28.44 3.43
N LYS D 316 0.22 28.30 2.15
CA LYS D 316 1.63 28.19 1.82
C LYS D 316 2.37 29.45 2.24
N GLY D 317 3.59 29.26 2.74
CA GLY D 317 4.38 30.38 3.22
C GLY D 317 3.92 30.98 4.52
N GLY D 318 3.07 30.29 5.26
CA GLY D 318 2.55 30.80 6.50
C GLY D 318 3.13 30.08 7.70
N PRO D 319 3.38 30.83 8.78
CA PRO D 319 3.97 30.23 9.97
C PRO D 319 3.01 29.27 10.65
N PHE D 320 3.57 28.31 11.37
CA PHE D 320 2.77 27.42 12.19
C PHE D 320 2.21 28.19 13.38
N ILE D 321 1.19 27.61 14.01
CA ILE D 321 0.50 28.30 15.10
C ILE D 321 1.42 28.46 16.31
N ASP D 322 2.39 27.57 16.48
CA ASP D 322 3.25 27.60 17.66
C ASP D 322 4.53 28.38 17.45
N SER D 323 4.75 28.94 16.27
CA SER D 323 5.99 29.63 15.98
C SER D 323 6.08 30.93 16.78
N LEU D 324 7.30 31.42 16.92
CA LEU D 324 7.58 32.67 17.62
C LEU D 324 7.92 33.79 16.64
N ASN D 325 7.29 33.78 15.47
CA ASN D 325 7.72 34.64 14.38
C ASN D 325 7.36 36.10 14.59
N HIS D 326 6.34 36.41 15.39
CA HIS D 326 6.02 37.80 15.67
C HIS D 326 5.60 38.02 17.12
N ARG D 327 5.81 37.05 18.01
CA ARG D 327 5.24 37.13 19.35
C ARG D 327 5.90 38.20 20.20
N SER D 328 7.21 38.38 20.08
CA SER D 328 7.96 39.24 21.00
C SER D 328 7.74 40.71 20.67
N TYR D 329 6.49 41.13 20.77
CA TYR D 329 6.13 42.54 20.64
C TYR D 329 5.44 42.99 21.91
N THR D 330 5.81 44.18 22.38
CA THR D 330 5.12 44.83 23.49
C THR D 330 4.09 45.82 23.01
N LYS D 331 4.41 46.60 21.98
CA LYS D 331 3.45 47.49 21.34
C LYS D 331 3.56 47.33 19.83
N ALA D 332 2.42 47.37 19.17
CA ALA D 332 2.34 47.53 17.72
C ALA D 332 1.40 48.68 17.44
N TYR D 333 1.78 49.55 16.50
CA TYR D 333 1.05 50.78 16.25
C TYR D 333 0.36 50.72 14.90
N VAL D 334 -0.94 51.05 14.88
CA VAL D 334 -1.80 50.85 13.73
C VAL D 334 -2.55 52.14 13.42
N SER D 335 -3.13 52.17 12.21
CA SER D 335 -3.74 53.41 11.74
C SER D 335 -5.07 53.69 12.42
N SER D 336 -5.91 52.67 12.60
CA SER D 336 -7.24 52.88 13.16
C SER D 336 -7.64 51.66 13.97
N GLU D 337 -8.65 51.85 14.82
CA GLU D 337 -9.07 50.81 15.74
C GLU D 337 -9.63 49.59 15.02
N THR D 338 -10.08 49.73 13.78
CA THR D 338 -10.61 48.59 13.05
C THR D 338 -9.54 47.61 12.63
N ASP D 339 -8.27 47.95 12.83
CA ASP D 339 -7.16 47.04 12.55
C ASP D 339 -6.64 46.34 13.80
N ILE D 340 -7.22 46.61 14.97
CA ILE D 340 -6.71 46.01 16.20
C ILE D 340 -6.79 44.49 16.16
N PRO D 341 -7.94 43.87 15.88
CA PRO D 341 -7.96 42.40 15.83
C PRO D 341 -7.11 41.82 14.72
N PHE D 342 -7.18 42.39 13.51
CA PHE D 342 -6.44 41.82 12.39
C PHE D 342 -4.94 41.82 12.66
N TYR D 343 -4.37 42.98 13.00
CA TYR D 343 -2.93 43.05 13.24
C TYR D 343 -2.54 42.35 14.53
N ALA D 344 -3.37 42.42 15.56
CA ALA D 344 -3.06 41.72 16.80
C ALA D 344 -2.93 40.23 16.55
N GLU D 345 -3.83 39.65 15.77
CA GLU D 345 -3.75 38.23 15.47
C GLU D 345 -2.68 37.94 14.42
N ALA D 346 -2.35 38.92 13.58
CA ALA D 346 -1.29 38.74 12.61
C ALA D 346 0.07 38.61 13.29
N PHE D 347 0.34 39.45 14.28
CA PHE D 347 1.59 39.32 15.02
C PHE D 347 1.52 38.26 16.11
N GLY D 348 0.35 37.69 16.35
CA GLY D 348 0.23 36.73 17.44
C GLY D 348 0.49 37.35 18.80
N ILE D 349 0.00 38.56 19.02
CA ILE D 349 0.18 39.27 20.27
C ILE D 349 -1.19 39.65 20.82
N LYS D 350 -1.20 40.10 22.07
CA LYS D 350 -2.45 40.50 22.70
C LYS D 350 -3.02 41.73 22.01
N GLU D 351 -4.34 41.92 22.16
CA GLU D 351 -4.98 43.08 21.58
C GLU D 351 -4.68 44.35 22.36
N LYS D 352 -4.33 44.23 23.65
CA LYS D 352 -3.92 45.40 24.42
C LYS D 352 -2.61 45.97 23.89
N ASN D 353 -1.71 45.11 23.39
CA ASN D 353 -0.45 45.57 22.84
C ASN D 353 -0.64 46.48 21.64
N VAL D 354 -1.61 46.18 20.78
CA VAL D 354 -1.84 46.92 19.56
C VAL D 354 -2.66 48.15 19.87
N VAL D 355 -2.21 49.31 19.42
CA VAL D 355 -2.83 50.57 19.78
C VAL D 355 -3.07 51.42 18.53
N PRO D 356 -4.24 52.02 18.37
CA PRO D 356 -4.53 52.84 17.18
C PRO D 356 -4.16 54.31 17.31
N THR D 357 -2.86 54.60 17.17
CA THR D 357 -2.37 55.97 17.17
C THR D 357 -2.18 56.54 15.77
N GLY D 358 -2.03 55.69 14.77
CA GLY D 358 -1.74 56.13 13.42
C GLY D 358 -0.31 55.81 13.03
N VAL D 359 -0.11 55.57 11.74
CA VAL D 359 1.22 55.22 11.26
C VAL D 359 2.09 56.47 11.22
N PRO D 360 3.32 56.42 11.73
CA PRO D 360 4.18 57.61 11.67
C PRO D 360 4.45 58.11 10.26
N ARG D 361 4.43 57.22 9.27
CA ARG D 361 4.67 57.63 7.89
C ARG D 361 3.48 58.34 7.28
N THR D 362 2.29 58.19 7.86
CA THR D 362 1.13 58.93 7.38
C THR D 362 1.12 60.37 7.86
N ASP D 363 2.06 60.74 8.73
CA ASP D 363 2.15 62.12 9.18
C ASP D 363 2.61 63.07 8.09
N VAL D 364 3.06 62.52 6.96
CA VAL D 364 3.62 63.34 5.90
C VAL D 364 2.56 63.77 4.89
N LEU D 365 1.41 63.09 4.86
CA LEU D 365 0.42 63.33 3.82
C LEU D 365 -0.51 64.49 4.13
N PHE D 366 -0.50 65.01 5.35
CA PHE D 366 -1.40 66.08 5.76
C PHE D 366 -0.73 67.44 5.85
N ASP D 367 0.58 67.53 5.62
CA ASP D 367 1.30 68.78 5.71
C ASP D 367 1.11 69.51 4.39
N GLU D 368 0.60 70.75 4.46
CA GLU D 368 0.34 71.50 3.25
C GLU D 368 1.64 71.95 2.57
N ALA D 369 2.59 72.43 3.37
CA ALA D 369 3.82 72.97 2.81
C ALA D 369 4.59 71.91 2.03
N TYR D 370 4.70 70.71 2.60
CA TYR D 370 5.39 69.64 1.89
C TYR D 370 4.62 69.23 0.65
N ALA D 371 3.29 69.22 0.73
CA ALA D 371 2.49 68.89 -0.44
C ALA D 371 2.81 69.84 -1.59
N THR D 372 2.81 71.14 -1.33
CA THR D 372 3.09 72.11 -2.38
C THR D 372 4.53 71.97 -2.89
N GLN D 373 5.48 71.80 -1.97
CA GLN D 373 6.88 71.69 -2.37
C GLN D 373 7.10 70.47 -3.27
N ILE D 374 6.54 69.32 -2.87
CA ILE D 374 6.73 68.11 -3.65
C ILE D 374 5.96 68.18 -4.96
N LYS D 375 4.83 68.90 -4.98
CA LYS D 375 4.14 69.11 -6.25
C LYS D 375 5.02 69.86 -7.23
N GLN D 376 5.66 70.93 -6.75
CA GLN D 376 6.58 71.68 -7.63
C GLN D 376 7.77 70.82 -8.05
N GLU D 377 8.34 70.06 -7.12
CA GLU D 377 9.49 69.24 -7.44
C GLU D 377 9.16 68.17 -8.47
N MET D 378 8.00 67.52 -8.33
CA MET D 378 7.59 66.50 -9.28
C MET D 378 7.24 67.12 -10.63
N GLU D 379 6.66 68.32 -10.63
CA GLU D 379 6.44 69.03 -11.87
C GLU D 379 7.76 69.29 -12.59
N ASP D 380 8.79 69.68 -11.85
CA ASP D 380 10.08 69.96 -12.47
C ASP D 380 10.75 68.69 -12.98
N GLU D 381 10.78 67.64 -12.16
CA GLU D 381 11.56 66.45 -12.52
C GLU D 381 10.81 65.56 -13.51
N LEU D 382 9.49 65.67 -13.58
CA LEU D 382 8.70 64.99 -14.61
C LEU D 382 8.02 66.03 -15.49
N PRO D 383 8.58 66.34 -16.66
CA PRO D 383 7.91 67.29 -17.56
C PRO D 383 6.60 66.76 -18.12
N ILE D 384 6.38 65.45 -18.13
CA ILE D 384 5.20 64.90 -18.76
C ILE D 384 3.94 65.18 -17.95
N ILE D 385 4.07 65.47 -16.66
CA ILE D 385 2.90 65.64 -15.80
C ILE D 385 2.34 67.04 -15.94
N LYS D 386 2.84 67.79 -16.93
CA LYS D 386 2.27 69.10 -17.24
C LYS D 386 0.82 68.99 -17.66
N GLY D 387 0.38 67.83 -18.13
CA GLY D 387 -0.97 67.65 -18.63
C GLY D 387 -2.01 67.81 -17.53
N LYS D 388 -3.27 67.71 -17.96
CA LYS D 388 -4.39 67.97 -17.08
C LYS D 388 -4.60 66.88 -16.04
N LYS D 389 -4.34 65.62 -16.39
CA LYS D 389 -4.62 64.49 -15.51
C LYS D 389 -3.48 63.50 -15.57
N VAL D 390 -3.16 62.90 -14.42
CA VAL D 390 -2.12 61.90 -14.30
C VAL D 390 -2.74 60.61 -13.78
N ILE D 391 -2.41 59.49 -14.42
CA ILE D 391 -2.87 58.17 -14.01
C ILE D 391 -1.66 57.33 -13.65
N LEU D 392 -1.76 56.60 -12.54
CA LEU D 392 -0.66 55.81 -12.01
C LEU D 392 -1.08 54.35 -11.99
N PHE D 393 -0.20 53.48 -12.48
CA PHE D 393 -0.48 52.06 -12.64
C PHE D 393 0.50 51.30 -11.75
N ALA D 394 0.07 50.89 -10.57
CA ALA D 394 0.96 50.26 -9.58
C ALA D 394 0.34 48.98 -9.06
N PRO D 395 0.34 47.92 -9.87
CA PRO D 395 -0.07 46.61 -9.37
C PRO D 395 0.97 46.01 -8.44
N THR D 396 0.54 45.03 -7.66
CA THR D 396 1.40 44.45 -6.64
C THR D 396 2.08 43.19 -7.16
N PHE D 397 2.94 42.60 -6.34
CA PHE D 397 3.69 41.41 -6.68
C PHE D 397 2.94 40.16 -6.25
N ARG D 398 3.45 39.01 -6.69
CA ARG D 398 2.80 37.74 -6.43
C ARG D 398 3.82 36.65 -6.17
N ALA D 405 7.09 39.09 -10.11
CA ALA D 405 6.88 38.10 -11.15
C ALA D 405 6.81 38.75 -12.53
N HIS D 406 5.59 38.88 -13.06
CA HIS D 406 5.37 39.42 -14.40
C HIS D 406 4.11 40.28 -14.36
N TYR D 407 3.66 40.72 -15.54
CA TYR D 407 2.42 41.47 -15.63
C TYR D 407 1.93 41.45 -17.06
N PRO D 408 0.62 41.23 -17.30
CA PRO D 408 0.12 41.13 -18.68
C PRO D 408 -0.13 42.48 -19.34
N PHE D 409 0.96 43.12 -19.77
CA PHE D 409 0.84 44.33 -20.55
C PHE D 409 0.19 44.06 -21.90
N PHE D 410 0.29 42.83 -22.40
CA PHE D 410 -0.41 42.46 -23.64
C PHE D 410 -1.92 42.54 -23.49
N LYS D 411 -2.43 42.52 -22.25
CA LYS D 411 -3.84 42.74 -22.00
C LYS D 411 -4.23 44.21 -22.12
N ILE D 412 -3.26 45.11 -22.24
CA ILE D 412 -3.53 46.53 -22.33
C ILE D 412 -3.67 46.92 -23.79
N ASP D 413 -4.86 47.37 -24.17
CA ASP D 413 -5.14 47.84 -25.53
C ASP D 413 -4.67 49.28 -25.62
N PHE D 414 -3.39 49.46 -25.94
CA PHE D 414 -2.78 50.79 -25.91
C PHE D 414 -3.48 51.78 -26.84
N GLU D 415 -4.14 51.30 -27.89
CA GLU D 415 -4.83 52.21 -28.81
C GLU D 415 -5.97 52.93 -28.09
N ARG D 416 -6.79 52.17 -27.34
CA ARG D 416 -7.90 52.78 -26.62
C ARG D 416 -7.42 53.75 -25.56
N LEU D 417 -6.37 53.37 -24.82
CA LEU D 417 -5.83 54.26 -23.80
C LEU D 417 -5.29 55.54 -24.42
N ALA D 418 -4.58 55.42 -25.55
CA ALA D 418 -4.07 56.61 -26.23
C ALA D 418 -5.21 57.50 -26.71
N ARG D 419 -6.27 56.89 -27.25
CA ARG D 419 -7.41 57.69 -27.70
C ARG D 419 -8.06 58.43 -26.55
N TYR D 420 -8.25 57.74 -25.41
CA TYR D 420 -8.87 58.38 -24.27
C TYR D 420 -8.00 59.50 -23.73
N CYS D 421 -6.69 59.28 -23.65
CA CYS D 421 -5.79 60.33 -23.19
C CYS D 421 -5.82 61.53 -24.12
N GLU D 422 -5.83 61.28 -25.44
CA GLU D 422 -5.89 62.37 -26.39
C GLU D 422 -7.20 63.15 -26.27
N LYS D 423 -8.30 62.44 -25.99
CA LYS D 423 -9.57 63.12 -25.80
C LYS D 423 -9.59 63.93 -24.51
N ASN D 424 -8.92 63.45 -23.47
CA ASN D 424 -9.00 64.07 -22.15
C ASN D 424 -7.72 64.78 -21.72
N ASN D 425 -6.67 64.76 -22.54
CA ASN D 425 -5.41 65.44 -22.23
C ASN D 425 -4.83 64.95 -20.90
N ALA D 426 -4.47 63.67 -20.88
CA ALA D 426 -3.96 63.03 -19.68
C ALA D 426 -2.73 62.20 -20.03
N VAL D 427 -1.78 62.16 -19.09
CA VAL D 427 -0.59 61.33 -19.20
C VAL D 427 -0.67 60.26 -18.14
N VAL D 428 0.01 59.14 -18.38
CA VAL D 428 -0.09 57.95 -17.53
C VAL D 428 1.31 57.53 -17.10
N LEU D 429 1.43 57.16 -15.83
CA LEU D 429 2.70 56.80 -15.23
C LEU D 429 2.62 55.37 -14.72
N PHE D 430 3.67 54.60 -14.93
CA PHE D 430 3.71 53.20 -14.51
C PHE D 430 4.75 53.02 -13.43
N LYS D 431 4.33 52.51 -12.28
CA LYS D 431 5.22 52.17 -11.19
C LYS D 431 5.01 50.69 -10.87
N MET D 432 5.91 49.85 -11.35
CA MET D 432 5.78 48.43 -11.09
C MET D 432 6.32 48.10 -9.70
N HIS D 433 5.85 47.00 -9.16
CA HIS D 433 6.27 46.60 -7.81
C HIS D 433 7.77 46.33 -7.81
N PRO D 434 8.47 46.65 -6.72
CA PRO D 434 9.94 46.48 -6.73
C PRO D 434 10.37 45.04 -6.61
N PHE D 435 9.71 44.15 -7.36
CA PHE D 435 10.03 42.74 -7.40
C PHE D 435 9.97 42.24 -8.84
N ARG D 439 10.87 45.20 -18.67
CA ARG D 439 9.64 45.83 -18.23
C ARG D 439 8.77 46.20 -19.43
N LEU D 440 8.09 47.34 -19.34
CA LEU D 440 7.21 47.77 -20.42
C LEU D 440 8.00 48.47 -21.52
N ASN D 441 7.57 48.25 -22.76
CA ASN D 441 8.16 48.88 -23.93
C ASN D 441 7.13 49.84 -24.54
N ILE D 442 7.56 51.08 -24.76
CA ILE D 442 6.68 52.14 -25.28
C ILE D 442 7.19 52.57 -26.65
N ALA D 443 6.26 52.78 -27.58
CA ALA D 443 6.60 53.20 -28.93
C ALA D 443 6.62 54.72 -29.01
N ASP D 444 6.83 55.24 -30.22
CA ASP D 444 6.86 56.68 -30.43
C ASP D 444 5.54 57.33 -30.08
N LYS D 445 4.43 56.69 -30.47
CA LYS D 445 3.11 57.19 -30.10
C LYS D 445 2.82 57.05 -28.62
N HIS D 446 3.65 56.32 -27.88
CA HIS D 446 3.44 56.10 -26.47
C HIS D 446 4.27 57.03 -25.58
N LYS D 447 5.32 57.64 -26.13
CA LYS D 447 6.15 58.56 -25.35
C LYS D 447 5.46 59.87 -25.06
N GLN D 448 4.30 60.13 -25.67
CA GLN D 448 3.53 61.33 -25.40
C GLN D 448 2.53 61.16 -24.27
N TYR D 449 2.02 59.95 -24.05
CA TYR D 449 0.96 59.70 -23.09
C TYR D 449 1.36 58.71 -22.00
N PHE D 450 2.48 58.00 -22.14
CA PHE D 450 2.86 56.99 -21.16
C PHE D 450 4.34 57.12 -20.83
N VAL D 451 4.66 57.04 -19.54
CA VAL D 451 6.05 57.01 -19.08
C VAL D 451 6.19 55.94 -18.00
N ASP D 452 7.44 55.61 -17.70
CA ASP D 452 7.79 54.70 -16.62
C ASP D 452 8.43 55.52 -15.50
N VAL D 453 7.98 55.30 -14.27
CA VAL D 453 8.43 56.06 -13.13
C VAL D 453 8.86 55.13 -12.00
N SER D 454 9.24 53.91 -12.36
CA SER D 454 9.60 52.92 -11.36
C SER D 454 11.00 53.10 -10.83
N ASP D 455 11.75 54.10 -11.28
CA ASP D 455 13.11 54.32 -10.81
C ASP D 455 13.26 55.51 -9.88
N PHE D 456 12.27 56.41 -9.81
CA PHE D 456 12.38 57.60 -8.98
C PHE D 456 12.15 57.27 -7.51
N ARG D 457 12.00 58.29 -6.68
CA ARG D 457 11.92 58.11 -5.24
C ARG D 457 10.67 57.33 -4.84
N GLU D 458 10.53 57.06 -3.54
CA GLU D 458 9.47 56.21 -3.02
C GLU D 458 8.10 56.57 -3.58
N VAL D 459 7.24 55.57 -3.73
CA VAL D 459 5.92 55.76 -4.32
C VAL D 459 5.07 56.79 -3.58
N ASN D 460 5.45 57.13 -2.34
CA ASN D 460 4.76 58.19 -1.62
C ASN D 460 4.88 59.53 -2.33
N ASP D 461 5.94 59.74 -3.11
CA ASP D 461 6.11 61.01 -3.80
C ASP D 461 5.18 61.14 -5.00
N ILE D 462 5.04 60.08 -5.79
CA ILE D 462 4.21 60.16 -6.99
C ILE D 462 2.74 60.29 -6.61
N LEU D 463 2.36 59.84 -5.42
CA LEU D 463 0.97 59.95 -5.01
C LEU D 463 0.51 61.40 -4.91
N PHE D 464 1.41 62.34 -4.64
CA PHE D 464 1.01 63.74 -4.52
C PHE D 464 0.60 64.36 -5.84
N ILE D 465 0.85 63.68 -6.96
CA ILE D 465 0.42 64.17 -8.27
C ILE D 465 -0.53 63.22 -8.97
N THR D 466 -0.71 62.01 -8.47
CA THR D 466 -1.62 61.06 -9.08
C THR D 466 -3.04 61.59 -9.01
N ASP D 467 -3.78 61.44 -10.10
CA ASP D 467 -5.20 61.78 -10.14
C ASP D 467 -6.08 60.58 -10.44
N LEU D 468 -5.48 59.41 -10.59
CA LEU D 468 -6.23 58.18 -10.86
C LEU D 468 -5.29 57.02 -10.61
N LEU D 469 -5.64 56.11 -9.72
CA LEU D 469 -4.78 54.98 -9.38
C LEU D 469 -5.43 53.68 -9.83
N ILE D 470 -4.68 52.90 -10.59
CA ILE D 470 -5.13 51.59 -11.06
C ILE D 470 -4.21 50.56 -10.41
N SER D 471 -4.62 50.04 -9.28
CA SER D 471 -3.87 49.02 -8.56
C SER D 471 -4.77 47.83 -8.28
N ASP D 472 -4.18 46.66 -8.14
CA ASP D 472 -4.98 45.46 -7.91
C ASP D 472 -5.12 45.15 -6.42
N TYR D 473 -4.01 44.89 -5.74
CA TYR D 473 -4.07 44.50 -4.33
C TYR D 473 -3.04 45.21 -3.48
N SER D 474 -2.27 46.14 -4.02
CA SER D 474 -1.26 46.83 -3.24
C SER D 474 -1.91 47.74 -2.22
N SER D 475 -1.28 47.85 -1.05
CA SER D 475 -1.83 48.67 0.02
C SER D 475 -1.70 50.13 -0.22
N LEU D 476 -1.28 50.51 -1.44
CA LEU D 476 -1.16 51.93 -1.78
C LEU D 476 -2.49 52.65 -1.67
N ILE D 477 -3.60 51.91 -1.74
CA ILE D 477 -4.92 52.53 -1.66
C ILE D 477 -5.11 53.21 -0.31
N TYR D 478 -4.48 52.69 0.74
CA TYR D 478 -4.55 53.33 2.05
C TYR D 478 -3.92 54.71 2.01
N GLU D 479 -2.72 54.80 1.44
CA GLU D 479 -2.04 56.10 1.36
C GLU D 479 -2.74 57.02 0.38
N TYR D 480 -3.20 56.50 -0.74
CA TYR D 480 -3.80 57.35 -1.76
C TYR D 480 -5.18 57.86 -1.35
N ALA D 481 -5.87 57.16 -0.46
CA ALA D 481 -7.22 57.58 -0.09
C ALA D 481 -7.24 58.90 0.64
N VAL D 482 -6.08 59.37 1.12
CA VAL D 482 -6.03 60.60 1.91
C VAL D 482 -6.46 61.80 1.08
N PHE D 483 -6.16 61.78 -0.22
CA PHE D 483 -6.37 62.95 -1.05
C PHE D 483 -7.80 63.07 -1.56
N LYS D 484 -8.67 62.10 -1.26
CA LYS D 484 -10.07 62.13 -1.67
C LYS D 484 -10.18 62.13 -3.20
N LYS D 485 -9.56 61.14 -3.83
CA LYS D 485 -9.45 61.06 -5.27
C LYS D 485 -9.87 59.69 -5.76
N PRO D 486 -10.33 59.58 -7.00
CA PRO D 486 -10.87 58.31 -7.49
C PRO D 486 -9.77 57.27 -7.69
N MET D 487 -10.22 56.03 -7.87
CA MET D 487 -9.33 54.90 -8.08
C MET D 487 -10.05 53.83 -8.89
N ILE D 488 -9.28 53.10 -9.70
CA ILE D 488 -9.77 51.96 -10.45
C ILE D 488 -9.01 50.73 -9.98
N PHE D 489 -9.67 49.58 -10.03
CA PHE D 489 -9.09 48.34 -9.52
C PHE D 489 -9.14 47.29 -10.62
N TYR D 490 -8.03 47.13 -11.32
CA TYR D 490 -7.92 46.17 -12.42
C TYR D 490 -7.52 44.82 -11.86
N ALA D 491 -8.51 43.97 -11.57
CA ALA D 491 -8.28 42.65 -10.98
C ALA D 491 -8.65 41.60 -12.03
N PHE D 492 -7.66 41.19 -12.81
CA PHE D 492 -7.89 40.17 -13.83
C PHE D 492 -8.02 38.78 -13.23
N ASP D 493 -7.35 38.53 -12.10
CA ASP D 493 -7.32 37.19 -11.53
C ASP D 493 -7.88 37.18 -10.12
N LEU D 494 -9.04 37.80 -9.92
CA LEU D 494 -9.57 38.01 -8.58
C LEU D 494 -9.71 36.69 -7.82
N GLU D 495 -10.60 35.82 -8.30
CA GLU D 495 -10.89 34.58 -7.58
C GLU D 495 -9.63 33.77 -7.32
N ASP D 496 -8.74 33.72 -8.31
CA ASP D 496 -7.49 32.99 -8.14
C ASP D 496 -6.64 33.60 -7.04
N TYR D 497 -6.58 34.92 -6.97
CA TYR D 497 -5.77 35.55 -5.93
C TYR D 497 -6.38 35.35 -4.55
N ILE D 498 -7.71 35.44 -4.43
CA ILE D 498 -8.35 35.21 -3.14
C ILE D 498 -8.09 33.79 -2.67
N THR D 499 -8.19 32.82 -3.58
CA THR D 499 -7.85 31.45 -3.21
C THR D 499 -6.39 31.32 -2.81
N THR D 500 -5.49 31.96 -3.57
CA THR D 500 -4.07 31.82 -3.31
C THR D 500 -3.66 32.50 -2.00
N ARG D 501 -4.07 33.76 -1.81
CA ARG D 501 -3.72 34.50 -0.62
C ARG D 501 -4.87 35.43 -0.27
N ASP D 502 -5.61 35.08 0.77
CA ASP D 502 -6.86 35.76 1.06
C ASP D 502 -6.54 37.09 1.73
N PHE D 503 -7.53 37.97 1.79
CA PHE D 503 -7.38 39.31 2.34
C PHE D 503 -7.82 39.34 3.80
N TYR D 504 -8.19 40.53 4.26
CA TYR D 504 -8.73 40.65 5.61
C TYR D 504 -10.24 40.80 5.63
N GLU D 505 -10.80 41.50 4.66
CA GLU D 505 -12.24 41.67 4.50
C GLU D 505 -12.60 41.25 3.08
N PRO D 506 -13.89 40.97 2.82
CA PRO D 506 -14.28 40.61 1.45
C PRO D 506 -13.84 41.65 0.45
N TYR D 507 -13.24 41.18 -0.64
CA TYR D 507 -12.54 42.09 -1.55
C TYR D 507 -13.51 42.93 -2.38
N GLU D 508 -14.64 42.35 -2.78
CA GLU D 508 -15.57 43.09 -3.62
C GLU D 508 -16.27 44.20 -2.86
N SER D 509 -16.40 44.08 -1.54
CA SER D 509 -17.12 45.05 -0.74
C SER D 509 -16.20 45.88 0.14
N PHE D 510 -14.92 45.94 -0.19
CA PHE D 510 -13.93 46.66 0.61
C PHE D 510 -13.24 47.76 -0.18
N VAL D 511 -12.83 47.50 -1.41
CA VAL D 511 -11.98 48.43 -2.15
C VAL D 511 -12.80 49.66 -2.54
N PRO D 512 -12.22 50.85 -2.52
CA PRO D 512 -12.95 52.07 -2.91
C PRO D 512 -12.86 52.38 -4.39
N GLY D 513 -13.56 51.62 -5.21
CA GLY D 513 -13.57 51.88 -6.63
C GLY D 513 -14.17 50.72 -7.39
N LYS D 514 -14.39 50.96 -8.68
CA LYS D 514 -14.95 49.94 -9.53
C LYS D 514 -13.97 48.79 -9.70
N ILE D 515 -14.48 47.58 -9.56
CA ILE D 515 -13.72 46.38 -9.93
C ILE D 515 -13.89 46.18 -11.42
N VAL D 516 -12.77 46.17 -12.15
CA VAL D 516 -12.76 45.90 -13.57
C VAL D 516 -11.90 44.66 -13.78
N GLN D 517 -12.53 43.57 -14.22
CA GLN D 517 -11.79 42.34 -14.51
C GLN D 517 -11.33 42.30 -15.96
N SER D 518 -12.07 42.91 -16.86
CA SER D 518 -11.73 42.95 -18.27
C SER D 518 -11.40 44.38 -18.69
N PHE D 519 -10.44 44.50 -19.60
CA PHE D 519 -10.01 45.83 -20.05
C PHE D 519 -11.15 46.56 -20.73
N ASP D 520 -12.10 45.82 -21.32
CA ASP D 520 -13.31 46.44 -21.84
C ASP D 520 -14.08 47.14 -20.72
N ALA D 521 -14.17 46.49 -19.55
CA ALA D 521 -14.78 47.14 -18.41
C ALA D 521 -13.98 48.36 -17.97
N LEU D 522 -12.66 48.32 -18.12
CA LEU D 522 -11.85 49.48 -17.75
C LEU D 522 -12.12 50.65 -18.68
N MET D 523 -12.31 50.39 -19.98
CA MET D 523 -12.78 51.43 -20.90
C MET D 523 -14.17 51.90 -20.52
N ASP D 524 -15.06 50.99 -20.15
CA ASP D 524 -16.40 51.39 -19.75
C ASP D 524 -16.37 52.28 -18.53
N ALA D 525 -15.37 52.09 -17.67
CA ALA D 525 -15.19 52.98 -16.52
C ALA D 525 -14.64 54.32 -16.94
N LEU D 526 -13.64 54.34 -17.82
CA LEU D 526 -12.99 55.61 -18.14
C LEU D 526 -13.85 56.50 -19.01
N ASP D 527 -14.52 55.94 -20.02
CA ASP D 527 -15.20 56.76 -21.01
C ASP D 527 -16.32 57.58 -20.38
N ASN D 528 -17.08 56.98 -19.46
CA ASN D 528 -18.13 57.68 -18.75
C ASN D 528 -17.66 58.33 -17.46
N GLU D 529 -16.38 58.14 -17.10
CA GLU D 529 -15.79 58.73 -15.91
C GLU D 529 -16.57 58.34 -14.64
N ASP D 530 -16.73 57.04 -14.44
CA ASP D 530 -17.43 56.48 -13.29
C ASP D 530 -16.46 55.66 -12.47
N TYR D 531 -16.10 56.16 -11.28
CA TYR D 531 -15.15 55.47 -10.43
C TYR D 531 -15.67 55.28 -9.01
N GLU D 532 -16.93 55.62 -8.75
CA GLU D 532 -17.52 55.57 -7.42
C GLU D 532 -16.67 56.34 -6.41
N GLY D 533 -16.61 57.65 -6.63
CA GLY D 533 -16.06 58.54 -5.63
C GLY D 533 -16.85 58.55 -4.35
N GLU D 534 -18.06 57.98 -4.36
CA GLU D 534 -18.84 57.83 -3.14
C GLU D 534 -18.19 56.88 -2.15
N LYS D 535 -17.18 56.12 -2.58
CA LYS D 535 -16.54 55.14 -1.71
C LYS D 535 -15.30 55.65 -1.02
N VAL D 536 -14.69 56.74 -1.51
CA VAL D 536 -13.39 57.15 -0.99
C VAL D 536 -13.51 57.72 0.42
N ILE D 537 -14.51 58.57 0.65
CA ILE D 537 -14.66 59.18 1.97
C ILE D 537 -14.92 58.15 3.07
N PRO D 538 -15.86 57.21 2.92
CA PRO D 538 -16.04 56.21 3.99
C PRO D 538 -14.79 55.38 4.24
N PHE D 539 -14.07 55.00 3.19
CA PHE D 539 -12.86 54.21 3.35
C PHE D 539 -11.79 55.00 4.11
N LEU D 540 -11.56 56.25 3.70
CA LEU D 540 -10.56 57.08 4.37
C LEU D 540 -10.93 57.30 5.82
N ASP D 541 -12.20 57.60 6.09
CA ASP D 541 -12.59 57.89 7.47
C ASP D 541 -12.55 56.65 8.34
N LYS D 542 -12.85 55.48 7.76
CA LYS D 542 -12.86 54.27 8.57
C LYS D 542 -11.46 53.75 8.85
N HIS D 543 -10.54 53.88 7.89
CA HIS D 543 -9.22 53.30 8.06
C HIS D 543 -8.16 54.30 8.50
N PHE D 544 -8.55 55.54 8.81
CA PHE D 544 -7.64 56.54 9.36
C PHE D 544 -8.31 57.15 10.58
N LYS D 545 -7.82 56.78 11.77
CA LYS D 545 -8.50 57.13 13.01
C LYS D 545 -8.40 58.62 13.29
N TYR D 546 -7.23 59.21 13.07
CA TYR D 546 -7.00 60.63 13.26
C TYR D 546 -6.55 61.26 11.95
N GLN D 547 -7.21 62.36 11.57
CA GLN D 547 -6.94 63.05 10.31
C GLN D 547 -5.95 64.19 10.47
N ASP D 548 -5.41 64.38 11.67
CA ASP D 548 -4.56 65.52 11.97
C ASP D 548 -3.07 65.26 11.72
N GLY D 549 -2.69 64.04 11.36
CA GLY D 549 -1.33 63.80 10.90
C GLY D 549 -0.25 64.05 11.93
N ARG D 550 -0.51 63.73 13.19
CA ARG D 550 0.48 63.80 14.26
C ARG D 550 0.62 62.44 14.91
N SER D 551 0.68 61.39 14.10
CA SER D 551 0.76 60.04 14.63
C SER D 551 2.10 59.78 15.32
N SER D 552 3.19 60.33 14.78
CA SER D 552 4.50 60.12 15.39
C SER D 552 4.57 60.76 16.77
N GLU D 553 4.03 61.96 16.91
CA GLU D 553 4.01 62.61 18.22
C GLU D 553 3.23 61.78 19.23
N ARG D 554 2.08 61.25 18.82
CA ARG D 554 1.29 60.43 19.72
C ARG D 554 2.00 59.12 20.04
N LEU D 555 2.76 58.57 19.08
CA LEU D 555 3.53 57.37 19.38
C LEU D 555 4.58 57.64 20.44
N VAL D 556 5.32 58.74 20.29
CA VAL D 556 6.34 59.10 21.27
C VAL D 556 5.71 59.36 22.63
N ARG D 557 4.61 60.10 22.64
CA ARG D 557 3.94 60.42 23.91
C ARG D 557 3.38 59.17 24.58
N ASN D 558 2.84 58.24 23.79
CA ASN D 558 2.29 57.02 24.33
C ASN D 558 3.38 56.10 24.89
N LEU D 559 4.52 56.03 24.20
CA LEU D 559 5.55 55.08 24.58
C LEU D 559 6.51 55.65 25.62
N PHE D 560 7.18 56.75 25.30
CA PHE D 560 8.15 57.35 26.20
C PHE D 560 7.52 58.25 27.24
N GLY D 561 6.21 58.41 27.23
CA GLY D 561 5.54 59.24 28.22
C GLY D 561 5.70 60.73 27.98
#